data_6JUI
# 
_entry.id   6JUI 
# 
_audit_conform.dict_name       mmcif_pdbx.dic 
_audit_conform.dict_version    5.387 
_audit_conform.dict_location   http://mmcif.pdb.org/dictionaries/ascii/mmcif_pdbx.dic 
# 
loop_
_database_2.database_id 
_database_2.database_code 
_database_2.pdbx_database_accession 
_database_2.pdbx_DOI 
PDB   6JUI         pdb_00006jui 10.2210/pdb6jui/pdb 
WWPDB D_1300011833 ?            ?                   
# 
loop_
_pdbx_audit_revision_history.ordinal 
_pdbx_audit_revision_history.data_content_type 
_pdbx_audit_revision_history.major_revision 
_pdbx_audit_revision_history.minor_revision 
_pdbx_audit_revision_history.revision_date 
1 'Structure model' 1 0 2020-02-19 
2 'Structure model' 1 1 2024-03-27 
# 
_pdbx_audit_revision_details.ordinal             1 
_pdbx_audit_revision_details.revision_ordinal    1 
_pdbx_audit_revision_details.data_content_type   'Structure model' 
_pdbx_audit_revision_details.provider            repository 
_pdbx_audit_revision_details.type                'Initial release' 
_pdbx_audit_revision_details.description         ? 
_pdbx_audit_revision_details.details             ? 
# 
loop_
_pdbx_audit_revision_group.ordinal 
_pdbx_audit_revision_group.revision_ordinal 
_pdbx_audit_revision_group.data_content_type 
_pdbx_audit_revision_group.group 
1 2 'Structure model' 'Data collection'     
2 2 'Structure model' 'Database references' 
# 
loop_
_pdbx_audit_revision_category.ordinal 
_pdbx_audit_revision_category.revision_ordinal 
_pdbx_audit_revision_category.data_content_type 
_pdbx_audit_revision_category.category 
1 2 'Structure model' chem_comp_atom 
2 2 'Structure model' chem_comp_bond 
3 2 'Structure model' database_2     
# 
loop_
_pdbx_audit_revision_item.ordinal 
_pdbx_audit_revision_item.revision_ordinal 
_pdbx_audit_revision_item.data_content_type 
_pdbx_audit_revision_item.item 
1 2 'Structure model' '_database_2.pdbx_DOI'                
2 2 'Structure model' '_database_2.pdbx_database_accession' 
# 
_pdbx_database_status.status_code                     REL 
_pdbx_database_status.status_code_sf                  REL 
_pdbx_database_status.status_code_mr                  ? 
_pdbx_database_status.entry_id                        6JUI 
_pdbx_database_status.recvd_initial_deposition_date   2019-04-14 
_pdbx_database_status.SG_entry                        N 
_pdbx_database_status.deposit_site                    PDBJ 
_pdbx_database_status.process_site                    PDBJ 
_pdbx_database_status.status_code_cs                  ? 
_pdbx_database_status.methods_development_category    ? 
_pdbx_database_status.pdb_format_compatible           Y 
_pdbx_database_status.status_code_nmr_data            ? 
# 
loop_
_audit_author.name 
_audit_author.pdbx_ordinal 
_audit_author.identifier_ORCID 
'Wang, C.' 1 ? 
'Li, G.'   2 ? 
'Li, M.'   3 ? 
'Yang, J.' 4 ? 
'Liu, J.'  5 ? 
# 
_citation.abstract                  ? 
_citation.abstract_id_CAS           ? 
_citation.book_id_ISBN              ? 
_citation.book_publisher            ? 
_citation.book_publisher_city       ? 
_citation.book_title                ? 
_citation.coordinate_linkage        ? 
_citation.country                   UK 
_citation.database_id_Medline       ? 
_citation.details                   ? 
_citation.id                        primary 
_citation.journal_abbrev            Biochem.J. 
_citation.journal_id_ASTM           BIJOAK 
_citation.journal_id_CSD            0043 
_citation.journal_id_ISSN           1470-8728 
_citation.journal_full              ? 
_citation.journal_issue             ? 
_citation.journal_volume            476 
_citation.language                  ? 
_citation.page_first                3355 
_citation.page_last                 3368 
_citation.title                     'Two distinct nucleic acid binding surfaces of Cdc5 regulate development.' 
_citation.year                      2019 
_citation.database_id_CSD           ? 
_citation.pdbx_database_id_DOI      10.1042/BCJ20190502 
_citation.pdbx_database_id_PubMed   31652438 
_citation.unpublished_flag          ? 
# 
loop_
_citation_author.citation_id 
_citation_author.name 
_citation_author.ordinal 
_citation_author.identifier_ORCID 
primary 'Wang, C.'   1 ? 
primary 'Li, M.'     2 ? 
primary 'Li, G.'     3 ? 
primary 'Liu, X.'    4 ? 
primary 'Zhao, W.'   5 ? 
primary 'Yu, B.'     6 ? 
primary 'Liu, J.'    7 ? 
primary 'Yang, J.'   8 ? 
primary 'Peng, Y.L.' 9 ? 
# 
loop_
_entity.id 
_entity.type 
_entity.src_method 
_entity.pdbx_description 
_entity.formula_weight 
_entity.pdbx_number_of_molecules 
_entity.pdbx_ec 
_entity.pdbx_mutation 
_entity.pdbx_fragment 
_entity.details 
1 polymer man 'Pre-mRNA-splicing factor CEF1' 13507.555 1 ? ? ? ? 
2 water   nat water                           18.015    2 ? ? ? ? 
# 
_entity_name_com.entity_id   1 
_entity_name_com.name        'MoCdc5 DNA Binding Domain' 
# 
_entity_poly.entity_id                      1 
_entity_poly.type                           'polypeptide(L)' 
_entity_poly.nstd_linkage                   no 
_entity_poly.nstd_monomer                   no 
_entity_poly.pdbx_seq_one_letter_code       
;MPVVKGGVWTNIEDEILKASVSKYGLNQWARVSSLLARKTPKQCKARWNEWLDPSIRKIEWSKDEDEKLLHLAKLMPTQW
RTIAPIVGRTANQCLERYQKLLDEAEAALGHHHHHH
;
_entity_poly.pdbx_seq_one_letter_code_can   
;MPVVKGGVWTNIEDEILKASVSKYGLNQWARVSSLLARKTPKQCKARWNEWLDPSIRKIEWSKDEDEKLLHLAKLMPTQW
RTIAPIVGRTANQCLERYQKLLDEAEAALGHHHHHH
;
_entity_poly.pdbx_strand_id                 A 
_entity_poly.pdbx_target_identifier         ? 
# 
_pdbx_entity_nonpoly.entity_id   2 
_pdbx_entity_nonpoly.name        water 
_pdbx_entity_nonpoly.comp_id     HOH 
# 
loop_
_entity_poly_seq.entity_id 
_entity_poly_seq.num 
_entity_poly_seq.mon_id 
_entity_poly_seq.hetero 
1 1   MET n 
1 2   PRO n 
1 3   VAL n 
1 4   VAL n 
1 5   LYS n 
1 6   GLY n 
1 7   GLY n 
1 8   VAL n 
1 9   TRP n 
1 10  THR n 
1 11  ASN n 
1 12  ILE n 
1 13  GLU n 
1 14  ASP n 
1 15  GLU n 
1 16  ILE n 
1 17  LEU n 
1 18  LYS n 
1 19  ALA n 
1 20  SER n 
1 21  VAL n 
1 22  SER n 
1 23  LYS n 
1 24  TYR n 
1 25  GLY n 
1 26  LEU n 
1 27  ASN n 
1 28  GLN n 
1 29  TRP n 
1 30  ALA n 
1 31  ARG n 
1 32  VAL n 
1 33  SER n 
1 34  SER n 
1 35  LEU n 
1 36  LEU n 
1 37  ALA n 
1 38  ARG n 
1 39  LYS n 
1 40  THR n 
1 41  PRO n 
1 42  LYS n 
1 43  GLN n 
1 44  CYS n 
1 45  LYS n 
1 46  ALA n 
1 47  ARG n 
1 48  TRP n 
1 49  ASN n 
1 50  GLU n 
1 51  TRP n 
1 52  LEU n 
1 53  ASP n 
1 54  PRO n 
1 55  SER n 
1 56  ILE n 
1 57  ARG n 
1 58  LYS n 
1 59  ILE n 
1 60  GLU n 
1 61  TRP n 
1 62  SER n 
1 63  LYS n 
1 64  ASP n 
1 65  GLU n 
1 66  ASP n 
1 67  GLU n 
1 68  LYS n 
1 69  LEU n 
1 70  LEU n 
1 71  HIS n 
1 72  LEU n 
1 73  ALA n 
1 74  LYS n 
1 75  LEU n 
1 76  MET n 
1 77  PRO n 
1 78  THR n 
1 79  GLN n 
1 80  TRP n 
1 81  ARG n 
1 82  THR n 
1 83  ILE n 
1 84  ALA n 
1 85  PRO n 
1 86  ILE n 
1 87  VAL n 
1 88  GLY n 
1 89  ARG n 
1 90  THR n 
1 91  ALA n 
1 92  ASN n 
1 93  GLN n 
1 94  CYS n 
1 95  LEU n 
1 96  GLU n 
1 97  ARG n 
1 98  TYR n 
1 99  GLN n 
1 100 LYS n 
1 101 LEU n 
1 102 LEU n 
1 103 ASP n 
1 104 GLU n 
1 105 ALA n 
1 106 GLU n 
1 107 ALA n 
1 108 ALA n 
1 109 LEU n 
1 110 GLY n 
1 111 HIS n 
1 112 HIS n 
1 113 HIS n 
1 114 HIS n 
1 115 HIS n 
1 116 HIS n 
# 
_entity_src_gen.entity_id                          1 
_entity_src_gen.pdbx_src_id                        1 
_entity_src_gen.pdbx_alt_source_flag               sample 
_entity_src_gen.pdbx_seq_type                      'Biological sequence' 
_entity_src_gen.pdbx_beg_seq_num                   1 
_entity_src_gen.pdbx_end_seq_num                   116 
_entity_src_gen.gene_src_common_name               'Rice blast fungus' 
_entity_src_gen.gene_src_genus                     ? 
_entity_src_gen.pdbx_gene_src_gene                 'CEF1, MGG_01426' 
_entity_src_gen.gene_src_species                   ? 
_entity_src_gen.gene_src_strain                    ? 
_entity_src_gen.gene_src_tissue                    ? 
_entity_src_gen.gene_src_tissue_fraction           ? 
_entity_src_gen.gene_src_details                   ? 
_entity_src_gen.pdbx_gene_src_fragment             ? 
_entity_src_gen.pdbx_gene_src_scientific_name      'Magnaporthe oryzae' 
_entity_src_gen.pdbx_gene_src_ncbi_taxonomy_id     318829 
_entity_src_gen.pdbx_gene_src_variant              ? 
_entity_src_gen.pdbx_gene_src_cell_line            ? 
_entity_src_gen.pdbx_gene_src_atcc                 ? 
_entity_src_gen.pdbx_gene_src_organ                ? 
_entity_src_gen.pdbx_gene_src_organelle            ? 
_entity_src_gen.pdbx_gene_src_cell                 ? 
_entity_src_gen.pdbx_gene_src_cellular_location    ? 
_entity_src_gen.host_org_common_name               ? 
_entity_src_gen.pdbx_host_org_scientific_name      'Escherichia coli' 
_entity_src_gen.pdbx_host_org_ncbi_taxonomy_id     562 
_entity_src_gen.host_org_genus                     ? 
_entity_src_gen.pdbx_host_org_gene                 ? 
_entity_src_gen.pdbx_host_org_organ                ? 
_entity_src_gen.host_org_species                   ? 
_entity_src_gen.pdbx_host_org_tissue               ? 
_entity_src_gen.pdbx_host_org_tissue_fraction      ? 
_entity_src_gen.pdbx_host_org_strain               ? 
_entity_src_gen.pdbx_host_org_variant              ? 
_entity_src_gen.pdbx_host_org_cell_line            ? 
_entity_src_gen.pdbx_host_org_atcc                 ? 
_entity_src_gen.pdbx_host_org_culture_collection   ? 
_entity_src_gen.pdbx_host_org_cell                 ? 
_entity_src_gen.pdbx_host_org_organelle            ? 
_entity_src_gen.pdbx_host_org_cellular_location    ? 
_entity_src_gen.pdbx_host_org_vector_type          ? 
_entity_src_gen.pdbx_host_org_vector               ? 
_entity_src_gen.host_org_details                   ? 
_entity_src_gen.expression_system_id               ? 
_entity_src_gen.plasmid_name                       ? 
_entity_src_gen.plasmid_details                    ? 
_entity_src_gen.pdbx_description                   ? 
# 
loop_
_chem_comp.id 
_chem_comp.type 
_chem_comp.mon_nstd_flag 
_chem_comp.name 
_chem_comp.pdbx_synonyms 
_chem_comp.formula 
_chem_comp.formula_weight 
ALA 'L-peptide linking' y ALANINE         ? 'C3 H7 N O2'     89.093  
ARG 'L-peptide linking' y ARGININE        ? 'C6 H15 N4 O2 1' 175.209 
ASN 'L-peptide linking' y ASPARAGINE      ? 'C4 H8 N2 O3'    132.118 
ASP 'L-peptide linking' y 'ASPARTIC ACID' ? 'C4 H7 N O4'     133.103 
CYS 'L-peptide linking' y CYSTEINE        ? 'C3 H7 N O2 S'   121.158 
GLN 'L-peptide linking' y GLUTAMINE       ? 'C5 H10 N2 O3'   146.144 
GLU 'L-peptide linking' y 'GLUTAMIC ACID' ? 'C5 H9 N O4'     147.129 
GLY 'peptide linking'   y GLYCINE         ? 'C2 H5 N O2'     75.067  
HIS 'L-peptide linking' y HISTIDINE       ? 'C6 H10 N3 O2 1' 156.162 
HOH non-polymer         . WATER           ? 'H2 O'           18.015  
ILE 'L-peptide linking' y ISOLEUCINE      ? 'C6 H13 N O2'    131.173 
LEU 'L-peptide linking' y LEUCINE         ? 'C6 H13 N O2'    131.173 
LYS 'L-peptide linking' y LYSINE          ? 'C6 H15 N2 O2 1' 147.195 
MET 'L-peptide linking' y METHIONINE      ? 'C5 H11 N O2 S'  149.211 
PRO 'L-peptide linking' y PROLINE         ? 'C5 H9 N O2'     115.130 
SER 'L-peptide linking' y SERINE          ? 'C3 H7 N O3'     105.093 
THR 'L-peptide linking' y THREONINE       ? 'C4 H9 N O3'     119.119 
TRP 'L-peptide linking' y TRYPTOPHAN      ? 'C11 H12 N2 O2'  204.225 
TYR 'L-peptide linking' y TYROSINE        ? 'C9 H11 N O3'    181.189 
VAL 'L-peptide linking' y VALINE          ? 'C5 H11 N O2'    117.146 
# 
loop_
_pdbx_poly_seq_scheme.asym_id 
_pdbx_poly_seq_scheme.entity_id 
_pdbx_poly_seq_scheme.seq_id 
_pdbx_poly_seq_scheme.mon_id 
_pdbx_poly_seq_scheme.ndb_seq_num 
_pdbx_poly_seq_scheme.pdb_seq_num 
_pdbx_poly_seq_scheme.auth_seq_num 
_pdbx_poly_seq_scheme.pdb_mon_id 
_pdbx_poly_seq_scheme.auth_mon_id 
_pdbx_poly_seq_scheme.pdb_strand_id 
_pdbx_poly_seq_scheme.pdb_ins_code 
_pdbx_poly_seq_scheme.hetero 
A 1 1   MET 1   1   ?   ?   ?   A . n 
A 1 2   PRO 2   2   ?   ?   ?   A . n 
A 1 3   VAL 3   3   ?   ?   ?   A . n 
A 1 4   VAL 4   4   ?   ?   ?   A . n 
A 1 5   LYS 5   5   ?   ?   ?   A . n 
A 1 6   GLY 6   6   ?   ?   ?   A . n 
A 1 7   GLY 7   7   7   GLY GLY A . n 
A 1 8   VAL 8   8   8   VAL VAL A . n 
A 1 9   TRP 9   9   9   TRP TRP A . n 
A 1 10  THR 10  10  10  THR THR A . n 
A 1 11  ASN 11  11  11  ASN ASN A . n 
A 1 12  ILE 12  12  12  ILE ILE A . n 
A 1 13  GLU 13  13  13  GLU GLU A . n 
A 1 14  ASP 14  14  14  ASP ASP A . n 
A 1 15  GLU 15  15  15  GLU GLU A . n 
A 1 16  ILE 16  16  16  ILE ILE A . n 
A 1 17  LEU 17  17  17  LEU LEU A . n 
A 1 18  LYS 18  18  18  LYS LYS A . n 
A 1 19  ALA 19  19  19  ALA ALA A . n 
A 1 20  SER 20  20  20  SER SER A . n 
A 1 21  VAL 21  21  21  VAL VAL A . n 
A 1 22  SER 22  22  22  SER SER A . n 
A 1 23  LYS 23  23  23  LYS LYS A . n 
A 1 24  TYR 24  24  24  TYR TYR A . n 
A 1 25  GLY 25  25  25  GLY GLY A . n 
A 1 26  LEU 26  26  26  LEU LEU A . n 
A 1 27  ASN 27  27  27  ASN ASN A . n 
A 1 28  GLN 28  28  28  GLN GLN A . n 
A 1 29  TRP 29  29  29  TRP TRP A . n 
A 1 30  ALA 30  30  30  ALA ALA A . n 
A 1 31  ARG 31  31  31  ARG ARG A . n 
A 1 32  VAL 32  32  32  VAL VAL A . n 
A 1 33  SER 33  33  33  SER SER A . n 
A 1 34  SER 34  34  34  SER SER A . n 
A 1 35  LEU 35  35  35  LEU LEU A . n 
A 1 36  LEU 36  36  36  LEU LEU A . n 
A 1 37  ALA 37  37  37  ALA ALA A . n 
A 1 38  ARG 38  38  38  ARG ARG A . n 
A 1 39  LYS 39  39  39  LYS LYS A . n 
A 1 40  THR 40  40  40  THR THR A . n 
A 1 41  PRO 41  41  41  PRO PRO A . n 
A 1 42  LYS 42  42  42  LYS LYS A . n 
A 1 43  GLN 43  43  43  GLN GLN A . n 
A 1 44  CYS 44  44  44  CYS CYS A . n 
A 1 45  LYS 45  45  45  LYS LYS A . n 
A 1 46  ALA 46  46  46  ALA ALA A . n 
A 1 47  ARG 47  47  47  ARG ARG A . n 
A 1 48  TRP 48  48  48  TRP TRP A . n 
A 1 49  ASN 49  49  49  ASN ASN A . n 
A 1 50  GLU 50  50  50  GLU GLU A . n 
A 1 51  TRP 51  51  51  TRP TRP A . n 
A 1 52  LEU 52  52  52  LEU LEU A . n 
A 1 53  ASP 53  53  53  ASP ASP A . n 
A 1 54  PRO 54  54  54  PRO PRO A . n 
A 1 55  SER 55  55  55  SER SER A . n 
A 1 56  ILE 56  56  56  ILE ILE A . n 
A 1 57  ARG 57  57  57  ARG ARG A . n 
A 1 58  LYS 58  58  58  LYS LYS A . n 
A 1 59  ILE 59  59  59  ILE ILE A . n 
A 1 60  GLU 60  60  60  GLU GLU A . n 
A 1 61  TRP 61  61  61  TRP TRP A . n 
A 1 62  SER 62  62  62  SER SER A . n 
A 1 63  LYS 63  63  63  LYS LYS A . n 
A 1 64  ASP 64  64  64  ASP ASP A . n 
A 1 65  GLU 65  65  65  GLU GLU A . n 
A 1 66  ASP 66  66  66  ASP ASP A . n 
A 1 67  GLU 67  67  67  GLU GLU A . n 
A 1 68  LYS 68  68  68  LYS LYS A . n 
A 1 69  LEU 69  69  69  LEU LEU A . n 
A 1 70  LEU 70  70  70  LEU LEU A . n 
A 1 71  HIS 71  71  71  HIS HIS A . n 
A 1 72  LEU 72  72  72  LEU LEU A . n 
A 1 73  ALA 73  73  73  ALA ALA A . n 
A 1 74  LYS 74  74  74  LYS LYS A . n 
A 1 75  LEU 75  75  75  LEU LEU A . n 
A 1 76  MET 76  76  76  MET MET A . n 
A 1 77  PRO 77  77  77  PRO PRO A . n 
A 1 78  THR 78  78  78  THR THR A . n 
A 1 79  GLN 79  79  79  GLN GLN A . n 
A 1 80  TRP 80  80  80  TRP TRP A . n 
A 1 81  ARG 81  81  81  ARG ARG A . n 
A 1 82  THR 82  82  82  THR THR A . n 
A 1 83  ILE 83  83  83  ILE ILE A . n 
A 1 84  ALA 84  84  84  ALA ALA A . n 
A 1 85  PRO 85  85  85  PRO PRO A . n 
A 1 86  ILE 86  86  86  ILE ILE A . n 
A 1 87  VAL 87  87  87  VAL VAL A . n 
A 1 88  GLY 88  88  88  GLY GLY A . n 
A 1 89  ARG 89  89  89  ARG ARG A . n 
A 1 90  THR 90  90  90  THR THR A . n 
A 1 91  ALA 91  91  91  ALA ALA A . n 
A 1 92  ASN 92  92  92  ASN ASN A . n 
A 1 93  GLN 93  93  93  GLN GLN A . n 
A 1 94  CYS 94  94  94  CYS CYS A . n 
A 1 95  LEU 95  95  95  LEU LEU A . n 
A 1 96  GLU 96  96  96  GLU GLU A . n 
A 1 97  ARG 97  97  97  ARG ARG A . n 
A 1 98  TYR 98  98  98  TYR TYR A . n 
A 1 99  GLN 99  99  99  GLN GLN A . n 
A 1 100 LYS 100 100 100 LYS LYS A . n 
A 1 101 LEU 101 101 101 LEU LEU A . n 
A 1 102 LEU 102 102 102 LEU LEU A . n 
A 1 103 ASP 103 103 103 ASP ASP A . n 
A 1 104 GLU 104 104 104 GLU GLU A . n 
A 1 105 ALA 105 105 105 ALA ALA A . n 
A 1 106 GLU 106 106 106 GLU GLU A . n 
A 1 107 ALA 107 107 107 ALA ALA A . n 
A 1 108 ALA 108 108 108 ALA ALA A . n 
A 1 109 LEU 109 109 ?   ?   ?   A . n 
A 1 110 GLY 110 110 ?   ?   ?   A . n 
A 1 111 HIS 111 111 ?   ?   ?   A . n 
A 1 112 HIS 112 112 ?   ?   ?   A . n 
A 1 113 HIS 113 113 ?   ?   ?   A . n 
A 1 114 HIS 114 114 ?   ?   ?   A . n 
A 1 115 HIS 115 115 ?   ?   ?   A . n 
A 1 116 HIS 116 116 ?   ?   ?   A . n 
# 
loop_
_pdbx_nonpoly_scheme.asym_id 
_pdbx_nonpoly_scheme.entity_id 
_pdbx_nonpoly_scheme.mon_id 
_pdbx_nonpoly_scheme.ndb_seq_num 
_pdbx_nonpoly_scheme.pdb_seq_num 
_pdbx_nonpoly_scheme.auth_seq_num 
_pdbx_nonpoly_scheme.pdb_mon_id 
_pdbx_nonpoly_scheme.auth_mon_id 
_pdbx_nonpoly_scheme.pdb_strand_id 
_pdbx_nonpoly_scheme.pdb_ins_code 
B 2 HOH 1 201 1 HOH HOH A . 
B 2 HOH 2 202 2 HOH HOH A . 
# 
loop_
_software.citation_id 
_software.classification 
_software.compiler_name 
_software.compiler_version 
_software.contact_author 
_software.contact_author_email 
_software.date 
_software.description 
_software.dependencies 
_software.hardware 
_software.language 
_software.location 
_software.mods 
_software.name 
_software.os 
_software.os_version 
_software.type 
_software.version 
_software.pdbx_ordinal 
? refinement       ? ? ? ? ? ? ? ? ? ? ? PHENIX ? ? ? '(1.13_2998: ???)' 1 
? 'data reduction' ? ? ? ? ? ? ? ? ? ? ? XDS    ? ? ? .                  2 
? 'data scaling'   ? ? ? ? ? ? ? ? ? ? ? XDS    ? ? ? .                  3 
? phasing          ? ? ? ? ? ? ? ? ? ? ? PHASER ? ? ? .                  4 
# 
_cell.angle_alpha                  90.00 
_cell.angle_alpha_esd              ? 
_cell.angle_beta                   90.00 
_cell.angle_beta_esd               ? 
_cell.angle_gamma                  90.00 
_cell.angle_gamma_esd              ? 
_cell.entry_id                     6JUI 
_cell.details                      ? 
_cell.formula_units_Z              ? 
_cell.length_a                     72.780 
_cell.length_a_esd                 ? 
_cell.length_b                     76.277 
_cell.length_b_esd                 ? 
_cell.length_c                     54.409 
_cell.length_c_esd                 ? 
_cell.volume                       ? 
_cell.volume_esd                   ? 
_cell.Z_PDB                        8 
_cell.reciprocal_angle_alpha       ? 
_cell.reciprocal_angle_beta        ? 
_cell.reciprocal_angle_gamma       ? 
_cell.reciprocal_angle_alpha_esd   ? 
_cell.reciprocal_angle_beta_esd    ? 
_cell.reciprocal_angle_gamma_esd   ? 
_cell.reciprocal_length_a          ? 
_cell.reciprocal_length_b          ? 
_cell.reciprocal_length_c          ? 
_cell.reciprocal_length_a_esd      ? 
_cell.reciprocal_length_b_esd      ? 
_cell.reciprocal_length_c_esd      ? 
_cell.pdbx_unique_axis             ? 
# 
_symmetry.entry_id                         6JUI 
_symmetry.cell_setting                     ? 
_symmetry.Int_Tables_number                20 
_symmetry.space_group_name_Hall            ? 
_symmetry.space_group_name_H-M             'C 2 2 21' 
_symmetry.pdbx_full_space_group_name_H-M   ? 
# 
_exptl.absorpt_coefficient_mu     ? 
_exptl.absorpt_correction_T_max   ? 
_exptl.absorpt_correction_T_min   ? 
_exptl.absorpt_correction_type    ? 
_exptl.absorpt_process_details    ? 
_exptl.entry_id                   6JUI 
_exptl.crystals_number            1 
_exptl.details                    ? 
_exptl.method                     'X-RAY DIFFRACTION' 
_exptl.method_details             ? 
# 
_exptl_crystal.colour                      ? 
_exptl_crystal.density_diffrn              ? 
_exptl_crystal.density_Matthews            2.80 
_exptl_crystal.density_method              ? 
_exptl_crystal.density_percent_sol         56.00 
_exptl_crystal.description                 ? 
_exptl_crystal.F_000                       ? 
_exptl_crystal.id                          1 
_exptl_crystal.preparation                 ? 
_exptl_crystal.size_max                    ? 
_exptl_crystal.size_mid                    ? 
_exptl_crystal.size_min                    ? 
_exptl_crystal.size_rad                    ? 
_exptl_crystal.colour_lustre               ? 
_exptl_crystal.colour_modifier             ? 
_exptl_crystal.colour_primary              ? 
_exptl_crystal.density_meas                ? 
_exptl_crystal.density_meas_esd            ? 
_exptl_crystal.density_meas_gt             ? 
_exptl_crystal.density_meas_lt             ? 
_exptl_crystal.density_meas_temp           ? 
_exptl_crystal.density_meas_temp_esd       ? 
_exptl_crystal.density_meas_temp_gt        ? 
_exptl_crystal.density_meas_temp_lt        ? 
_exptl_crystal.pdbx_crystal_image_url      ? 
_exptl_crystal.pdbx_crystal_image_format   ? 
_exptl_crystal.pdbx_mosaicity              ? 
_exptl_crystal.pdbx_mosaicity_esd          ? 
# 
_exptl_crystal_grow.apparatus       ? 
_exptl_crystal_grow.atmosphere      ? 
_exptl_crystal_grow.crystal_id      1 
_exptl_crystal_grow.details         ? 
_exptl_crystal_grow.method          'VAPOR DIFFUSION, SITTING DROP' 
_exptl_crystal_grow.method_ref      ? 
_exptl_crystal_grow.pH              ? 
_exptl_crystal_grow.pressure        ? 
_exptl_crystal_grow.pressure_esd    ? 
_exptl_crystal_grow.seeding         ? 
_exptl_crystal_grow.seeding_ref     ? 
_exptl_crystal_grow.temp            291 
_exptl_crystal_grow.temp_details    ? 
_exptl_crystal_grow.temp_esd        ? 
_exptl_crystal_grow.time            ? 
_exptl_crystal_grow.pdbx_details    '40% MPD' 
_exptl_crystal_grow.pdbx_pH_range   ? 
# 
_diffrn.ambient_environment              ? 
_diffrn.ambient_temp                     100 
_diffrn.ambient_temp_details             ? 
_diffrn.ambient_temp_esd                 ? 
_diffrn.crystal_id                       1 
_diffrn.crystal_support                  ? 
_diffrn.crystal_treatment                ? 
_diffrn.details                          ? 
_diffrn.id                               1 
_diffrn.ambient_pressure                 ? 
_diffrn.ambient_pressure_esd             ? 
_diffrn.ambient_pressure_gt              ? 
_diffrn.ambient_pressure_lt              ? 
_diffrn.ambient_temp_gt                  ? 
_diffrn.ambient_temp_lt                  ? 
_diffrn.pdbx_serial_crystal_experiment   N 
# 
_diffrn_detector.details                      ? 
_diffrn_detector.detector                     CCD 
_diffrn_detector.diffrn_id                    1 
_diffrn_detector.type                         'ADSC QUANTUM 315r' 
_diffrn_detector.area_resol_mean              ? 
_diffrn_detector.dtime                        ? 
_diffrn_detector.pdbx_frames_total            ? 
_diffrn_detector.pdbx_collection_time_total   ? 
_diffrn_detector.pdbx_collection_date         2016-04-12 
_diffrn_detector.pdbx_frequency               ? 
# 
_diffrn_radiation.collimation                      ? 
_diffrn_radiation.diffrn_id                        1 
_diffrn_radiation.filter_edge                      ? 
_diffrn_radiation.inhomogeneity                    ? 
_diffrn_radiation.monochromator                    ? 
_diffrn_radiation.polarisn_norm                    ? 
_diffrn_radiation.polarisn_ratio                   ? 
_diffrn_radiation.probe                            ? 
_diffrn_radiation.type                             ? 
_diffrn_radiation.xray_symbol                      ? 
_diffrn_radiation.wavelength_id                    1 
_diffrn_radiation.pdbx_monochromatic_or_laue_m_l   M 
_diffrn_radiation.pdbx_wavelength_list             ? 
_diffrn_radiation.pdbx_wavelength                  ? 
_diffrn_radiation.pdbx_diffrn_protocol             'SINGLE WAVELENGTH' 
_diffrn_radiation.pdbx_analyzer                    ? 
_diffrn_radiation.pdbx_scattering_type             x-ray 
# 
_diffrn_radiation_wavelength.id           1 
_diffrn_radiation_wavelength.wavelength   0.9792 
_diffrn_radiation_wavelength.wt           1.0 
# 
_diffrn_source.current                     ? 
_diffrn_source.details                     ? 
_diffrn_source.diffrn_id                   1 
_diffrn_source.power                       ? 
_diffrn_source.size                        ? 
_diffrn_source.source                      SYNCHROTRON 
_diffrn_source.target                      ? 
_diffrn_source.type                        'SSRF BEAMLINE BL17U' 
_diffrn_source.voltage                     ? 
_diffrn_source.take-off_angle              ? 
_diffrn_source.pdbx_wavelength_list        0.9792 
_diffrn_source.pdbx_wavelength             ? 
_diffrn_source.pdbx_synchrotron_beamline   BL17U 
_diffrn_source.pdbx_synchrotron_site       SSRF 
# 
_reflns.B_iso_Wilson_estimate            ? 
_reflns.entry_id                         6JUI 
_reflns.data_reduction_details           ? 
_reflns.data_reduction_method            ? 
_reflns.d_resolution_high                2.402 
_reflns.d_resolution_low                 38.14 
_reflns.details                          ? 
_reflns.limit_h_max                      ? 
_reflns.limit_h_min                      ? 
_reflns.limit_k_max                      ? 
_reflns.limit_k_min                      ? 
_reflns.limit_l_max                      ? 
_reflns.limit_l_min                      ? 
_reflns.number_all                       ? 
_reflns.number_obs                       11354 
_reflns.observed_criterion               ? 
_reflns.observed_criterion_F_max         ? 
_reflns.observed_criterion_F_min         ? 
_reflns.observed_criterion_I_max         ? 
_reflns.observed_criterion_I_min         ? 
_reflns.observed_criterion_sigma_F       ? 
_reflns.observed_criterion_sigma_I       ? 
_reflns.percent_possible_obs             99.29 
_reflns.R_free_details                   ? 
_reflns.Rmerge_F_all                     ? 
_reflns.Rmerge_F_obs                     ? 
_reflns.Friedel_coverage                 ? 
_reflns.number_gt                        ? 
_reflns.threshold_expression             ? 
_reflns.pdbx_redundancy                  7.4 
_reflns.pdbx_Rmerge_I_obs                ? 
_reflns.pdbx_Rmerge_I_all                ? 
_reflns.pdbx_Rsym_value                  ? 
_reflns.pdbx_netI_over_av_sigmaI         ? 
_reflns.pdbx_netI_over_sigmaI            22.10 
_reflns.pdbx_res_netI_over_av_sigmaI_2   ? 
_reflns.pdbx_res_netI_over_sigmaI_2      ? 
_reflns.pdbx_chi_squared                 ? 
_reflns.pdbx_scaling_rejects             ? 
_reflns.pdbx_d_res_high_opt              ? 
_reflns.pdbx_d_res_low_opt               ? 
_reflns.pdbx_d_res_opt_method            ? 
_reflns.phase_calculation_details        ? 
_reflns.pdbx_Rrim_I_all                  ? 
_reflns.pdbx_Rpim_I_all                  ? 
_reflns.pdbx_d_opt                       ? 
_reflns.pdbx_number_measured_all         ? 
_reflns.pdbx_diffrn_id                   1 
_reflns.pdbx_ordinal                     1 
_reflns.pdbx_CC_half                     ? 
_reflns.pdbx_R_split                     ? 
# 
_reflns_shell.d_res_high                  2.402 
_reflns_shell.d_res_low                   2.488 
_reflns_shell.meanI_over_sigI_all         ? 
_reflns_shell.meanI_over_sigI_obs         ? 
_reflns_shell.number_measured_all         ? 
_reflns_shell.number_measured_obs         ? 
_reflns_shell.number_possible             ? 
_reflns_shell.number_unique_all           ? 
_reflns_shell.number_unique_obs           ? 
_reflns_shell.percent_possible_all        ? 
_reflns_shell.percent_possible_obs        ? 
_reflns_shell.Rmerge_F_all                ? 
_reflns_shell.Rmerge_F_obs                ? 
_reflns_shell.Rmerge_I_all                ? 
_reflns_shell.Rmerge_I_obs                ? 
_reflns_shell.meanI_over_sigI_gt          ? 
_reflns_shell.meanI_over_uI_all           ? 
_reflns_shell.meanI_over_uI_gt            ? 
_reflns_shell.number_measured_gt          ? 
_reflns_shell.number_unique_gt            ? 
_reflns_shell.percent_possible_gt         ? 
_reflns_shell.Rmerge_F_gt                 ? 
_reflns_shell.Rmerge_I_gt                 ? 
_reflns_shell.pdbx_redundancy             ? 
_reflns_shell.pdbx_Rsym_value             ? 
_reflns_shell.pdbx_chi_squared            ? 
_reflns_shell.pdbx_netI_over_sigmaI_all   ? 
_reflns_shell.pdbx_netI_over_sigmaI_obs   ? 
_reflns_shell.pdbx_Rrim_I_all             ? 
_reflns_shell.pdbx_Rpim_I_all             ? 
_reflns_shell.pdbx_rejects                ? 
_reflns_shell.pdbx_ordinal                1 
_reflns_shell.pdbx_diffrn_id              1 
_reflns_shell.pdbx_CC_half                ? 
_reflns_shell.pdbx_R_split                ? 
# 
_refine.aniso_B[1][1]                            ? 
_refine.aniso_B[1][2]                            ? 
_refine.aniso_B[1][3]                            ? 
_refine.aniso_B[2][2]                            ? 
_refine.aniso_B[2][3]                            ? 
_refine.aniso_B[3][3]                            ? 
_refine.B_iso_max                                ? 
_refine.B_iso_mean                               ? 
_refine.B_iso_min                                ? 
_refine.correlation_coeff_Fo_to_Fc               ? 
_refine.correlation_coeff_Fo_to_Fc_free          ? 
_refine.details                                  ? 
_refine.diff_density_max                         ? 
_refine.diff_density_max_esd                     ? 
_refine.diff_density_min                         ? 
_refine.diff_density_min_esd                     ? 
_refine.diff_density_rms                         ? 
_refine.diff_density_rms_esd                     ? 
_refine.entry_id                                 6JUI 
_refine.pdbx_refine_id                           'X-RAY DIFFRACTION' 
_refine.ls_abs_structure_details                 ? 
_refine.ls_abs_structure_Flack                   ? 
_refine.ls_abs_structure_Flack_esd               ? 
_refine.ls_abs_structure_Rogers                  ? 
_refine.ls_abs_structure_Rogers_esd              ? 
_refine.ls_d_res_high                            2.402 
_refine.ls_d_res_low                             38.139 
_refine.ls_extinction_coef                       ? 
_refine.ls_extinction_coef_esd                   ? 
_refine.ls_extinction_expression                 ? 
_refine.ls_extinction_method                     ? 
_refine.ls_goodness_of_fit_all                   ? 
_refine.ls_goodness_of_fit_all_esd               ? 
_refine.ls_goodness_of_fit_obs                   ? 
_refine.ls_goodness_of_fit_obs_esd               ? 
_refine.ls_hydrogen_treatment                    ? 
_refine.ls_matrix_type                           ? 
_refine.ls_number_constraints                    ? 
_refine.ls_number_parameters                     ? 
_refine.ls_number_reflns_all                     ? 
_refine.ls_number_reflns_obs                     11354 
_refine.ls_number_reflns_R_free                  1097 
_refine.ls_number_reflns_R_work                  ? 
_refine.ls_number_restraints                     ? 
_refine.ls_percent_reflns_obs                    99.31 
_refine.ls_percent_reflns_R_free                 9.66 
_refine.ls_R_factor_all                          ? 
_refine.ls_R_factor_obs                          0.2378 
_refine.ls_R_factor_R_free                       0.2705 
_refine.ls_R_factor_R_free_error                 ? 
_refine.ls_R_factor_R_free_error_details         ? 
_refine.ls_R_factor_R_work                       0.2342 
_refine.ls_R_Fsqd_factor_obs                     ? 
_refine.ls_R_I_factor_obs                        ? 
_refine.ls_redundancy_reflns_all                 ? 
_refine.ls_redundancy_reflns_obs                 ? 
_refine.ls_restrained_S_all                      ? 
_refine.ls_restrained_S_obs                      ? 
_refine.ls_shift_over_esd_max                    ? 
_refine.ls_shift_over_esd_mean                   ? 
_refine.ls_structure_factor_coef                 ? 
_refine.ls_weighting_details                     ? 
_refine.ls_weighting_scheme                      ? 
_refine.ls_wR_factor_all                         ? 
_refine.ls_wR_factor_obs                         ? 
_refine.ls_wR_factor_R_free                      ? 
_refine.ls_wR_factor_R_work                      ? 
_refine.occupancy_max                            ? 
_refine.occupancy_min                            ? 
_refine.solvent_model_details                    ? 
_refine.solvent_model_param_bsol                 ? 
_refine.solvent_model_param_ksol                 ? 
_refine.ls_R_factor_gt                           ? 
_refine.ls_goodness_of_fit_gt                    ? 
_refine.ls_goodness_of_fit_ref                   ? 
_refine.ls_shift_over_su_max                     ? 
_refine.ls_shift_over_su_max_lt                  ? 
_refine.ls_shift_over_su_mean                    ? 
_refine.ls_shift_over_su_mean_lt                 ? 
_refine.pdbx_ls_sigma_I                          ? 
_refine.pdbx_ls_sigma_F                          1.31 
_refine.pdbx_ls_sigma_Fsqd                       ? 
_refine.pdbx_data_cutoff_high_absF               ? 
_refine.pdbx_data_cutoff_high_rms_absF           ? 
_refine.pdbx_data_cutoff_low_absF                ? 
_refine.pdbx_isotropic_thermal_model             ? 
_refine.pdbx_ls_cross_valid_method               'FREE R-VALUE' 
_refine.pdbx_method_to_determine_struct          'MOLECULAR REPLACEMENT' 
_refine.pdbx_starting_model                      ? 
_refine.pdbx_stereochemistry_target_values       ? 
_refine.pdbx_R_Free_selection_details            ? 
_refine.pdbx_stereochem_target_val_spec_case     ? 
_refine.pdbx_overall_ESU_R                       ? 
_refine.pdbx_overall_ESU_R_Free                  ? 
_refine.pdbx_solvent_vdw_probe_radii             1.11 
_refine.pdbx_solvent_ion_probe_radii             ? 
_refine.pdbx_solvent_shrinkage_radii             0.90 
_refine.pdbx_real_space_R                        ? 
_refine.pdbx_density_correlation                 ? 
_refine.pdbx_pd_number_of_powder_patterns        ? 
_refine.pdbx_pd_number_of_points                 ? 
_refine.pdbx_pd_meas_number_of_points            ? 
_refine.pdbx_pd_proc_ls_prof_R_factor            ? 
_refine.pdbx_pd_proc_ls_prof_wR_factor           ? 
_refine.pdbx_pd_Marquardt_correlation_coeff      ? 
_refine.pdbx_pd_Fsqrd_R_factor                   ? 
_refine.pdbx_pd_ls_matrix_band_width             ? 
_refine.pdbx_overall_phase_error                 34.12 
_refine.pdbx_overall_SU_R_free_Cruickshank_DPI   ? 
_refine.pdbx_overall_SU_R_free_Blow_DPI          ? 
_refine.pdbx_overall_SU_R_Blow_DPI               ? 
_refine.pdbx_TLS_residual_ADP_flag               ? 
_refine.pdbx_diffrn_id                           1 
_refine.overall_SU_B                             ? 
_refine.overall_SU_ML                            0.25 
_refine.overall_SU_R_Cruickshank_DPI             ? 
_refine.overall_SU_R_free                        ? 
_refine.overall_FOM_free_R_set                   ? 
_refine.overall_FOM_work_R_set                   ? 
_refine.pdbx_average_fsc_overall                 ? 
_refine.pdbx_average_fsc_work                    ? 
_refine.pdbx_average_fsc_free                    ? 
# 
_refine_hist.pdbx_refine_id                   'X-RAY DIFFRACTION' 
_refine_hist.cycle_id                         LAST 
_refine_hist.pdbx_number_atoms_protein        836 
_refine_hist.pdbx_number_atoms_nucleic_acid   0 
_refine_hist.pdbx_number_atoms_ligand         0 
_refine_hist.number_atoms_solvent             2 
_refine_hist.number_atoms_total               838 
_refine_hist.d_res_high                       2.402 
_refine_hist.d_res_low                        38.139 
# 
loop_
_refine_ls_restr.pdbx_refine_id 
_refine_ls_restr.criterion 
_refine_ls_restr.dev_ideal 
_refine_ls_restr.dev_ideal_target 
_refine_ls_restr.number 
_refine_ls_restr.rejects 
_refine_ls_restr.type 
_refine_ls_restr.weight 
_refine_ls_restr.pdbx_restraint_function 
'X-RAY DIFFRACTION' ? 0.007 ? 854  ? f_bond_d           ? ? 
'X-RAY DIFFRACTION' ? 0.883 ? 1156 ? f_angle_d          ? ? 
'X-RAY DIFFRACTION' ? 8.708 ? 522  ? f_dihedral_angle_d ? ? 
'X-RAY DIFFRACTION' ? 0.048 ? 126  ? f_chiral_restr     ? ? 
'X-RAY DIFFRACTION' ? 0.005 ? 144  ? f_plane_restr      ? ? 
# 
loop_
_refine_ls_shell.pdbx_refine_id 
_refine_ls_shell.d_res_high 
_refine_ls_shell.d_res_low 
_refine_ls_shell.number_reflns_all 
_refine_ls_shell.number_reflns_obs 
_refine_ls_shell.number_reflns_R_free 
_refine_ls_shell.number_reflns_R_work 
_refine_ls_shell.percent_reflns_obs 
_refine_ls_shell.percent_reflns_R_free 
_refine_ls_shell.R_factor_all 
_refine_ls_shell.R_factor_obs 
_refine_ls_shell.R_factor_R_free 
_refine_ls_shell.R_factor_R_free_error 
_refine_ls_shell.R_factor_R_work 
_refine_ls_shell.redundancy_reflns_all 
_refine_ls_shell.redundancy_reflns_obs 
_refine_ls_shell.wR_factor_all 
_refine_ls_shell.wR_factor_obs 
_refine_ls_shell.wR_factor_R_free 
_refine_ls_shell.wR_factor_R_work 
_refine_ls_shell.pdbx_total_number_of_bins_used 
_refine_ls_shell.pdbx_phase_error 
_refine_ls_shell.pdbx_fsc_work 
_refine_ls_shell.pdbx_fsc_free 
'X-RAY DIFFRACTION' 2.4020 2.5113 . . 137 1280 98.00  . . . 0.3856 . 0.2342 . . . . . . . . . . 
'X-RAY DIFFRACTION' 2.5113 2.6437 . . 137 1263 99.00  . . . 0.2464 . 0.3312 . . . . . . . . . . 
'X-RAY DIFFRACTION' 2.6437 2.8093 . . 143 1298 100.00 . . . 0.3862 . 0.2770 . . . . . . . . . . 
'X-RAY DIFFRACTION' 2.8093 3.0261 . . 132 1300 100.00 . . . 0.3361 . 0.2805 . . . . . . . . . . 
'X-RAY DIFFRACTION' 3.0261 3.3305 . . 148 1256 100.00 . . . 0.3444 . 0.2594 . . . . . . . . . . 
'X-RAY DIFFRACTION' 3.3305 3.8120 . . 130 1293 100.00 . . . 0.2815 . 0.2292 . . . . . . . . . . 
'X-RAY DIFFRACTION' 3.8120 4.8013 . . 135 1303 100.00 . . . 0.1958 . 0.2048 . . . . . . . . . . 
'X-RAY DIFFRACTION' 4.8013 38.139 . . 135 1264 98.00  . . . 0.2662 . 0.2074 . . . . . . . . . . 
# 
_struct.entry_id                     6JUI 
_struct.title                        'The atypical Myb-like protein Cdc5 contains two distinct nucleic acid-binding surfaces' 
_struct.pdbx_model_details           ? 
_struct.pdbx_formula_weight          ? 
_struct.pdbx_formula_weight_method   ? 
_struct.pdbx_model_type_details      ? 
_struct.pdbx_CASP_flag               N 
# 
_struct_keywords.entry_id        6JUI 
_struct_keywords.text            'crystal, DNA binding domain, Myb domain, rice blast fungus, RNA binding, DNA BINDING PROTEIN' 
_struct_keywords.pdbx_keywords   'DNA BINDING PROTEIN' 
# 
loop_
_struct_asym.id 
_struct_asym.pdbx_blank_PDB_chainid_flag 
_struct_asym.pdbx_modified 
_struct_asym.entity_id 
_struct_asym.details 
A N N 1 ? 
B N N 2 ? 
# 
_struct_ref.id                         1 
_struct_ref.db_name                    UNP 
_struct_ref.db_code                    CEF1_MAGO7 
_struct_ref.pdbx_db_accession          Q52G60 
_struct_ref.pdbx_db_isoform            ? 
_struct_ref.entity_id                  1 
_struct_ref.pdbx_seq_one_letter_code   
;MPVVKGGVWTNIEDEILKASVSKYGLNQWARVSSLLARKTPKQCKARWNEWLDPSIRKIEWSKDEDEKLLHLAKLMPTQW
RTIAPIVGRTANQCLERYQKLLDEAE
;
_struct_ref.pdbx_align_begin           1 
# 
_struct_ref_seq.align_id                      1 
_struct_ref_seq.ref_id                        1 
_struct_ref_seq.pdbx_PDB_id_code              6JUI 
_struct_ref_seq.pdbx_strand_id                A 
_struct_ref_seq.seq_align_beg                 1 
_struct_ref_seq.pdbx_seq_align_beg_ins_code   ? 
_struct_ref_seq.seq_align_end                 106 
_struct_ref_seq.pdbx_seq_align_end_ins_code   ? 
_struct_ref_seq.pdbx_db_accession             Q52G60 
_struct_ref_seq.db_align_beg                  1 
_struct_ref_seq.pdbx_db_align_beg_ins_code    ? 
_struct_ref_seq.db_align_end                  106 
_struct_ref_seq.pdbx_db_align_end_ins_code    ? 
_struct_ref_seq.pdbx_auth_seq_align_beg       1 
_struct_ref_seq.pdbx_auth_seq_align_end       106 
# 
loop_
_struct_ref_seq_dif.align_id 
_struct_ref_seq_dif.pdbx_pdb_id_code 
_struct_ref_seq_dif.mon_id 
_struct_ref_seq_dif.pdbx_pdb_strand_id 
_struct_ref_seq_dif.seq_num 
_struct_ref_seq_dif.pdbx_pdb_ins_code 
_struct_ref_seq_dif.pdbx_seq_db_name 
_struct_ref_seq_dif.pdbx_seq_db_accession_code 
_struct_ref_seq_dif.db_mon_id 
_struct_ref_seq_dif.pdbx_seq_db_seq_num 
_struct_ref_seq_dif.details 
_struct_ref_seq_dif.pdbx_auth_seq_num 
_struct_ref_seq_dif.pdbx_ordinal 
1 6JUI ALA A 107 ? UNP Q52G60 ? ? 'expression tag' 107 1  
1 6JUI ALA A 108 ? UNP Q52G60 ? ? 'expression tag' 108 2  
1 6JUI LEU A 109 ? UNP Q52G60 ? ? 'expression tag' 109 3  
1 6JUI GLY A 110 ? UNP Q52G60 ? ? 'expression tag' 110 4  
1 6JUI HIS A 111 ? UNP Q52G60 ? ? 'expression tag' 111 5  
1 6JUI HIS A 112 ? UNP Q52G60 ? ? 'expression tag' 112 6  
1 6JUI HIS A 113 ? UNP Q52G60 ? ? 'expression tag' 113 7  
1 6JUI HIS A 114 ? UNP Q52G60 ? ? 'expression tag' 114 8  
1 6JUI HIS A 115 ? UNP Q52G60 ? ? 'expression tag' 115 9  
1 6JUI HIS A 116 ? UNP Q52G60 ? ? 'expression tag' 116 10 
# 
_pdbx_struct_assembly.id                   1 
_pdbx_struct_assembly.details              author_defined_assembly 
_pdbx_struct_assembly.method_details       ? 
_pdbx_struct_assembly.oligomeric_details   monomeric 
_pdbx_struct_assembly.oligomeric_count     1 
# 
loop_
_pdbx_struct_assembly_prop.biol_id 
_pdbx_struct_assembly_prop.type 
_pdbx_struct_assembly_prop.value 
_pdbx_struct_assembly_prop.details 
1 'ABSA (A^2)' 0    ? 
1 MORE         0    ? 
1 'SSA (A^2)'  7210 ? 
# 
_pdbx_struct_assembly_gen.assembly_id       1 
_pdbx_struct_assembly_gen.oper_expression   1 
_pdbx_struct_assembly_gen.asym_id_list      A,B 
# 
_pdbx_struct_assembly_auth_evidence.id                     1 
_pdbx_struct_assembly_auth_evidence.assembly_id            1 
_pdbx_struct_assembly_auth_evidence.experimental_support   'gel filtration' 
_pdbx_struct_assembly_auth_evidence.details                ? 
# 
_pdbx_struct_oper_list.id                   1 
_pdbx_struct_oper_list.type                 'identity operation' 
_pdbx_struct_oper_list.name                 1_555 
_pdbx_struct_oper_list.symmetry_operation   x,y,z 
_pdbx_struct_oper_list.matrix[1][1]         1.0000000000 
_pdbx_struct_oper_list.matrix[1][2]         0.0000000000 
_pdbx_struct_oper_list.matrix[1][3]         0.0000000000 
_pdbx_struct_oper_list.vector[1]            0.0000000000 
_pdbx_struct_oper_list.matrix[2][1]         0.0000000000 
_pdbx_struct_oper_list.matrix[2][2]         1.0000000000 
_pdbx_struct_oper_list.matrix[2][3]         0.0000000000 
_pdbx_struct_oper_list.vector[2]            0.0000000000 
_pdbx_struct_oper_list.matrix[3][1]         0.0000000000 
_pdbx_struct_oper_list.matrix[3][2]         0.0000000000 
_pdbx_struct_oper_list.matrix[3][3]         1.0000000000 
_pdbx_struct_oper_list.vector[3]            0.0000000000 
# 
loop_
_struct_conf.conf_type_id 
_struct_conf.id 
_struct_conf.pdbx_PDB_helix_id 
_struct_conf.beg_label_comp_id 
_struct_conf.beg_label_asym_id 
_struct_conf.beg_label_seq_id 
_struct_conf.pdbx_beg_PDB_ins_code 
_struct_conf.end_label_comp_id 
_struct_conf.end_label_asym_id 
_struct_conf.end_label_seq_id 
_struct_conf.pdbx_end_PDB_ins_code 
_struct_conf.beg_auth_comp_id 
_struct_conf.beg_auth_asym_id 
_struct_conf.beg_auth_seq_id 
_struct_conf.end_auth_comp_id 
_struct_conf.end_auth_asym_id 
_struct_conf.end_auth_seq_id 
_struct_conf.pdbx_PDB_helix_class 
_struct_conf.details 
_struct_conf.pdbx_PDB_helix_length 
HELX_P HELX_P1 AA1 THR A 10 ? GLY A 25  ? THR A 10 GLY A 25  1 ? 16 
HELX_P HELX_P2 AA2 GLN A 28 ? LEU A 35  ? GLN A 28 LEU A 35  1 ? 8  
HELX_P HELX_P3 AA3 THR A 40 ? TRP A 51  ? THR A 40 TRP A 51  1 ? 12 
HELX_P HELX_P4 AA4 SER A 62 ? MET A 76  ? SER A 62 MET A 76  1 ? 15 
HELX_P HELX_P5 AA5 THR A 90 ? ALA A 108 ? THR A 90 ALA A 108 1 ? 19 
# 
_struct_conf_type.id          HELX_P 
_struct_conf_type.criteria    ? 
_struct_conf_type.reference   ? 
# 
loop_
_pdbx_validate_torsion.id 
_pdbx_validate_torsion.PDB_model_num 
_pdbx_validate_torsion.auth_comp_id 
_pdbx_validate_torsion.auth_asym_id 
_pdbx_validate_torsion.auth_seq_id 
_pdbx_validate_torsion.PDB_ins_code 
_pdbx_validate_torsion.label_alt_id 
_pdbx_validate_torsion.phi 
_pdbx_validate_torsion.psi 
1 1 GLN A 28 ? ? -152.24 56.82  
2 1 TRP A 51 ? ? -150.15 -58.97 
3 1 ARG A 81 ? ? -65.75  2.66   
# 
loop_
_pdbx_refine_tls.pdbx_refine_id 
_pdbx_refine_tls.id 
_pdbx_refine_tls.details 
_pdbx_refine_tls.method 
_pdbx_refine_tls.origin_x 
_pdbx_refine_tls.origin_y 
_pdbx_refine_tls.origin_z 
_pdbx_refine_tls.T[1][1] 
_pdbx_refine_tls.T[2][2] 
_pdbx_refine_tls.T[3][3] 
_pdbx_refine_tls.T[1][2] 
_pdbx_refine_tls.T[1][3] 
_pdbx_refine_tls.T[2][3] 
_pdbx_refine_tls.L[1][1] 
_pdbx_refine_tls.L[2][2] 
_pdbx_refine_tls.L[3][3] 
_pdbx_refine_tls.L[1][2] 
_pdbx_refine_tls.L[1][3] 
_pdbx_refine_tls.L[2][3] 
_pdbx_refine_tls.S[1][1] 
_pdbx_refine_tls.S[1][2] 
_pdbx_refine_tls.S[1][3] 
_pdbx_refine_tls.S[2][1] 
_pdbx_refine_tls.S[2][2] 
_pdbx_refine_tls.S[2][3] 
_pdbx_refine_tls.S[3][1] 
_pdbx_refine_tls.S[3][2] 
_pdbx_refine_tls.S[3][3] 
'X-RAY DIFFRACTION' 1 ? refined 11.7365  2.1869  9.8194   0.5012 0.5997 0.7941 -0.0842 -0.1002 0.1278  6.9788 5.9889 6.8234 1.9567 -5.1202 0.5148  0.5347  -0.7987 -0.0122 -0.1719 -0.0449 0.3950  0.5762  0.8311  -0.7765 
'X-RAY DIFFRACTION' 2 ? refined 5.0767   6.4455  11.3006  0.6848 0.6499 0.8624 -0.0519 0.0822  0.0398  5.9016 6.8029 3.6964 0.5609 0.9848  2.3649  -0.0191 -0.1150 1.1438  0.2893  0.0184  0.4067  -0.6910 -0.3896 -0.5597 
'X-RAY DIFFRACTION' 3 ? refined 3.3632   -6.9859 -1.5406  0.7166 0.5949 0.8311 -0.0171 -0.0447 0.0036  5.0168 4.5732 6.1593 1.8263 3.7539  4.3858  0.1821  0.6627  -0.6296 0.5466  0.2842  -0.7165 1.1841  0.9213  -0.2750 
'X-RAY DIFFRACTION' 4 ? refined -10.2872 -8.3507 -11.9169 0.8435 0.6627 0.6508 -0.2160 -0.0790 -0.0132 9.0288 2.6169 1.7423 0.2204 -2.4770 -1.8760 0.6895  2.0914  -1.4322 -1.3471 -0.3165 0.1689  0.8141  -1.0055 -0.3440 
'X-RAY DIFFRACTION' 5 ? refined -11.6441 -2.6699 -3.4119  0.8798 1.1677 0.9277 -0.3286 -0.0326 0.3031  5.1644 0.1671 5.3736 1.1373 -0.8915 -0.1637 0.7901  -2.1095 -0.2101 0.9259  -0.4364 0.4749  0.6402  -1.5131 -0.4480 
'X-RAY DIFFRACTION' 6 ? refined -4.3032  1.1649  -14.0809 0.5358 0.4460 0.6040 -0.0475 -0.0545 0.0302  3.8677 6.8822 7.6180 0.8337 -0.4894 -2.9478 0.1765  -0.2039 0.1511  0.0474  0.0622  -0.3051 0.5099  0.8866  -0.1267 
# 
loop_
_pdbx_refine_tls_group.pdbx_refine_id 
_pdbx_refine_tls_group.id 
_pdbx_refine_tls_group.refine_tls_id 
_pdbx_refine_tls_group.beg_auth_asym_id 
_pdbx_refine_tls_group.beg_auth_seq_id 
_pdbx_refine_tls_group.beg_label_asym_id 
_pdbx_refine_tls_group.beg_label_seq_id 
_pdbx_refine_tls_group.end_auth_asym_id 
_pdbx_refine_tls_group.end_auth_seq_id 
_pdbx_refine_tls_group.end_label_asym_id 
_pdbx_refine_tls_group.end_label_seq_id 
_pdbx_refine_tls_group.selection 
_pdbx_refine_tls_group.selection_details 
'X-RAY DIFFRACTION' 1 1 ? ? ? ? ? ? ? ? ? 
;chain 'A' and (resid 7 through 24 )
;
'X-RAY DIFFRACTION' 2 2 ? ? ? ? ? ? ? ? ? 
;chain 'A' and (resid 25 through 50 )
;
'X-RAY DIFFRACTION' 3 3 ? ? ? ? ? ? ? ? ? 
;chain 'A' and (resid 51 through 62 )
;
'X-RAY DIFFRACTION' 4 4 ? ? ? ? ? ? ? ? ? 
;chain 'A' and (resid 63 through 75 )
;
'X-RAY DIFFRACTION' 5 5 ? ? ? ? ? ? ? ? ? 
;chain 'A' and (resid 76 through 90 )
;
'X-RAY DIFFRACTION' 6 6 ? ? ? ? ? ? ? ? ? 
;chain 'A' and (resid 91 through 108 )
;
# 
loop_
_pdbx_unobs_or_zero_occ_residues.id 
_pdbx_unobs_or_zero_occ_residues.PDB_model_num 
_pdbx_unobs_or_zero_occ_residues.polymer_flag 
_pdbx_unobs_or_zero_occ_residues.occupancy_flag 
_pdbx_unobs_or_zero_occ_residues.auth_asym_id 
_pdbx_unobs_or_zero_occ_residues.auth_comp_id 
_pdbx_unobs_or_zero_occ_residues.auth_seq_id 
_pdbx_unobs_or_zero_occ_residues.PDB_ins_code 
_pdbx_unobs_or_zero_occ_residues.label_asym_id 
_pdbx_unobs_or_zero_occ_residues.label_comp_id 
_pdbx_unobs_or_zero_occ_residues.label_seq_id 
1  1 Y 1 A MET 1   ? A MET 1   
2  1 Y 1 A PRO 2   ? A PRO 2   
3  1 Y 1 A VAL 3   ? A VAL 3   
4  1 Y 1 A VAL 4   ? A VAL 4   
5  1 Y 1 A LYS 5   ? A LYS 5   
6  1 Y 1 A GLY 6   ? A GLY 6   
7  1 Y 1 A LEU 109 ? A LEU 109 
8  1 Y 1 A GLY 110 ? A GLY 110 
9  1 Y 1 A HIS 111 ? A HIS 111 
10 1 Y 1 A HIS 112 ? A HIS 112 
11 1 Y 1 A HIS 113 ? A HIS 113 
12 1 Y 1 A HIS 114 ? A HIS 114 
13 1 Y 1 A HIS 115 ? A HIS 115 
14 1 Y 1 A HIS 116 ? A HIS 116 
# 
loop_
_chem_comp_atom.comp_id 
_chem_comp_atom.atom_id 
_chem_comp_atom.type_symbol 
_chem_comp_atom.pdbx_aromatic_flag 
_chem_comp_atom.pdbx_stereo_config 
_chem_comp_atom.pdbx_ordinal 
ALA N    N N N 1   
ALA CA   C N S 2   
ALA C    C N N 3   
ALA O    O N N 4   
ALA CB   C N N 5   
ALA OXT  O N N 6   
ALA H    H N N 7   
ALA H2   H N N 8   
ALA HA   H N N 9   
ALA HB1  H N N 10  
ALA HB2  H N N 11  
ALA HB3  H N N 12  
ALA HXT  H N N 13  
ARG N    N N N 14  
ARG CA   C N S 15  
ARG C    C N N 16  
ARG O    O N N 17  
ARG CB   C N N 18  
ARG CG   C N N 19  
ARG CD   C N N 20  
ARG NE   N N N 21  
ARG CZ   C N N 22  
ARG NH1  N N N 23  
ARG NH2  N N N 24  
ARG OXT  O N N 25  
ARG H    H N N 26  
ARG H2   H N N 27  
ARG HA   H N N 28  
ARG HB2  H N N 29  
ARG HB3  H N N 30  
ARG HG2  H N N 31  
ARG HG3  H N N 32  
ARG HD2  H N N 33  
ARG HD3  H N N 34  
ARG HE   H N N 35  
ARG HH11 H N N 36  
ARG HH12 H N N 37  
ARG HH21 H N N 38  
ARG HH22 H N N 39  
ARG HXT  H N N 40  
ASN N    N N N 41  
ASN CA   C N S 42  
ASN C    C N N 43  
ASN O    O N N 44  
ASN CB   C N N 45  
ASN CG   C N N 46  
ASN OD1  O N N 47  
ASN ND2  N N N 48  
ASN OXT  O N N 49  
ASN H    H N N 50  
ASN H2   H N N 51  
ASN HA   H N N 52  
ASN HB2  H N N 53  
ASN HB3  H N N 54  
ASN HD21 H N N 55  
ASN HD22 H N N 56  
ASN HXT  H N N 57  
ASP N    N N N 58  
ASP CA   C N S 59  
ASP C    C N N 60  
ASP O    O N N 61  
ASP CB   C N N 62  
ASP CG   C N N 63  
ASP OD1  O N N 64  
ASP OD2  O N N 65  
ASP OXT  O N N 66  
ASP H    H N N 67  
ASP H2   H N N 68  
ASP HA   H N N 69  
ASP HB2  H N N 70  
ASP HB3  H N N 71  
ASP HD2  H N N 72  
ASP HXT  H N N 73  
CYS N    N N N 74  
CYS CA   C N R 75  
CYS C    C N N 76  
CYS O    O N N 77  
CYS CB   C N N 78  
CYS SG   S N N 79  
CYS OXT  O N N 80  
CYS H    H N N 81  
CYS H2   H N N 82  
CYS HA   H N N 83  
CYS HB2  H N N 84  
CYS HB3  H N N 85  
CYS HG   H N N 86  
CYS HXT  H N N 87  
GLN N    N N N 88  
GLN CA   C N S 89  
GLN C    C N N 90  
GLN O    O N N 91  
GLN CB   C N N 92  
GLN CG   C N N 93  
GLN CD   C N N 94  
GLN OE1  O N N 95  
GLN NE2  N N N 96  
GLN OXT  O N N 97  
GLN H    H N N 98  
GLN H2   H N N 99  
GLN HA   H N N 100 
GLN HB2  H N N 101 
GLN HB3  H N N 102 
GLN HG2  H N N 103 
GLN HG3  H N N 104 
GLN HE21 H N N 105 
GLN HE22 H N N 106 
GLN HXT  H N N 107 
GLU N    N N N 108 
GLU CA   C N S 109 
GLU C    C N N 110 
GLU O    O N N 111 
GLU CB   C N N 112 
GLU CG   C N N 113 
GLU CD   C N N 114 
GLU OE1  O N N 115 
GLU OE2  O N N 116 
GLU OXT  O N N 117 
GLU H    H N N 118 
GLU H2   H N N 119 
GLU HA   H N N 120 
GLU HB2  H N N 121 
GLU HB3  H N N 122 
GLU HG2  H N N 123 
GLU HG3  H N N 124 
GLU HE2  H N N 125 
GLU HXT  H N N 126 
GLY N    N N N 127 
GLY CA   C N N 128 
GLY C    C N N 129 
GLY O    O N N 130 
GLY OXT  O N N 131 
GLY H    H N N 132 
GLY H2   H N N 133 
GLY HA2  H N N 134 
GLY HA3  H N N 135 
GLY HXT  H N N 136 
HIS N    N N N 137 
HIS CA   C N S 138 
HIS C    C N N 139 
HIS O    O N N 140 
HIS CB   C N N 141 
HIS CG   C Y N 142 
HIS ND1  N Y N 143 
HIS CD2  C Y N 144 
HIS CE1  C Y N 145 
HIS NE2  N Y N 146 
HIS OXT  O N N 147 
HIS H    H N N 148 
HIS H2   H N N 149 
HIS HA   H N N 150 
HIS HB2  H N N 151 
HIS HB3  H N N 152 
HIS HD1  H N N 153 
HIS HD2  H N N 154 
HIS HE1  H N N 155 
HIS HE2  H N N 156 
HIS HXT  H N N 157 
HOH O    O N N 158 
HOH H1   H N N 159 
HOH H2   H N N 160 
ILE N    N N N 161 
ILE CA   C N S 162 
ILE C    C N N 163 
ILE O    O N N 164 
ILE CB   C N S 165 
ILE CG1  C N N 166 
ILE CG2  C N N 167 
ILE CD1  C N N 168 
ILE OXT  O N N 169 
ILE H    H N N 170 
ILE H2   H N N 171 
ILE HA   H N N 172 
ILE HB   H N N 173 
ILE HG12 H N N 174 
ILE HG13 H N N 175 
ILE HG21 H N N 176 
ILE HG22 H N N 177 
ILE HG23 H N N 178 
ILE HD11 H N N 179 
ILE HD12 H N N 180 
ILE HD13 H N N 181 
ILE HXT  H N N 182 
LEU N    N N N 183 
LEU CA   C N S 184 
LEU C    C N N 185 
LEU O    O N N 186 
LEU CB   C N N 187 
LEU CG   C N N 188 
LEU CD1  C N N 189 
LEU CD2  C N N 190 
LEU OXT  O N N 191 
LEU H    H N N 192 
LEU H2   H N N 193 
LEU HA   H N N 194 
LEU HB2  H N N 195 
LEU HB3  H N N 196 
LEU HG   H N N 197 
LEU HD11 H N N 198 
LEU HD12 H N N 199 
LEU HD13 H N N 200 
LEU HD21 H N N 201 
LEU HD22 H N N 202 
LEU HD23 H N N 203 
LEU HXT  H N N 204 
LYS N    N N N 205 
LYS CA   C N S 206 
LYS C    C N N 207 
LYS O    O N N 208 
LYS CB   C N N 209 
LYS CG   C N N 210 
LYS CD   C N N 211 
LYS CE   C N N 212 
LYS NZ   N N N 213 
LYS OXT  O N N 214 
LYS H    H N N 215 
LYS H2   H N N 216 
LYS HA   H N N 217 
LYS HB2  H N N 218 
LYS HB3  H N N 219 
LYS HG2  H N N 220 
LYS HG3  H N N 221 
LYS HD2  H N N 222 
LYS HD3  H N N 223 
LYS HE2  H N N 224 
LYS HE3  H N N 225 
LYS HZ1  H N N 226 
LYS HZ2  H N N 227 
LYS HZ3  H N N 228 
LYS HXT  H N N 229 
MET N    N N N 230 
MET CA   C N S 231 
MET C    C N N 232 
MET O    O N N 233 
MET CB   C N N 234 
MET CG   C N N 235 
MET SD   S N N 236 
MET CE   C N N 237 
MET OXT  O N N 238 
MET H    H N N 239 
MET H2   H N N 240 
MET HA   H N N 241 
MET HB2  H N N 242 
MET HB3  H N N 243 
MET HG2  H N N 244 
MET HG3  H N N 245 
MET HE1  H N N 246 
MET HE2  H N N 247 
MET HE3  H N N 248 
MET HXT  H N N 249 
PRO N    N N N 250 
PRO CA   C N S 251 
PRO C    C N N 252 
PRO O    O N N 253 
PRO CB   C N N 254 
PRO CG   C N N 255 
PRO CD   C N N 256 
PRO OXT  O N N 257 
PRO H    H N N 258 
PRO HA   H N N 259 
PRO HB2  H N N 260 
PRO HB3  H N N 261 
PRO HG2  H N N 262 
PRO HG3  H N N 263 
PRO HD2  H N N 264 
PRO HD3  H N N 265 
PRO HXT  H N N 266 
SER N    N N N 267 
SER CA   C N S 268 
SER C    C N N 269 
SER O    O N N 270 
SER CB   C N N 271 
SER OG   O N N 272 
SER OXT  O N N 273 
SER H    H N N 274 
SER H2   H N N 275 
SER HA   H N N 276 
SER HB2  H N N 277 
SER HB3  H N N 278 
SER HG   H N N 279 
SER HXT  H N N 280 
THR N    N N N 281 
THR CA   C N S 282 
THR C    C N N 283 
THR O    O N N 284 
THR CB   C N R 285 
THR OG1  O N N 286 
THR CG2  C N N 287 
THR OXT  O N N 288 
THR H    H N N 289 
THR H2   H N N 290 
THR HA   H N N 291 
THR HB   H N N 292 
THR HG1  H N N 293 
THR HG21 H N N 294 
THR HG22 H N N 295 
THR HG23 H N N 296 
THR HXT  H N N 297 
TRP N    N N N 298 
TRP CA   C N S 299 
TRP C    C N N 300 
TRP O    O N N 301 
TRP CB   C N N 302 
TRP CG   C Y N 303 
TRP CD1  C Y N 304 
TRP CD2  C Y N 305 
TRP NE1  N Y N 306 
TRP CE2  C Y N 307 
TRP CE3  C Y N 308 
TRP CZ2  C Y N 309 
TRP CZ3  C Y N 310 
TRP CH2  C Y N 311 
TRP OXT  O N N 312 
TRP H    H N N 313 
TRP H2   H N N 314 
TRP HA   H N N 315 
TRP HB2  H N N 316 
TRP HB3  H N N 317 
TRP HD1  H N N 318 
TRP HE1  H N N 319 
TRP HE3  H N N 320 
TRP HZ2  H N N 321 
TRP HZ3  H N N 322 
TRP HH2  H N N 323 
TRP HXT  H N N 324 
TYR N    N N N 325 
TYR CA   C N S 326 
TYR C    C N N 327 
TYR O    O N N 328 
TYR CB   C N N 329 
TYR CG   C Y N 330 
TYR CD1  C Y N 331 
TYR CD2  C Y N 332 
TYR CE1  C Y N 333 
TYR CE2  C Y N 334 
TYR CZ   C Y N 335 
TYR OH   O N N 336 
TYR OXT  O N N 337 
TYR H    H N N 338 
TYR H2   H N N 339 
TYR HA   H N N 340 
TYR HB2  H N N 341 
TYR HB3  H N N 342 
TYR HD1  H N N 343 
TYR HD2  H N N 344 
TYR HE1  H N N 345 
TYR HE2  H N N 346 
TYR HH   H N N 347 
TYR HXT  H N N 348 
VAL N    N N N 349 
VAL CA   C N S 350 
VAL C    C N N 351 
VAL O    O N N 352 
VAL CB   C N N 353 
VAL CG1  C N N 354 
VAL CG2  C N N 355 
VAL OXT  O N N 356 
VAL H    H N N 357 
VAL H2   H N N 358 
VAL HA   H N N 359 
VAL HB   H N N 360 
VAL HG11 H N N 361 
VAL HG12 H N N 362 
VAL HG13 H N N 363 
VAL HG21 H N N 364 
VAL HG22 H N N 365 
VAL HG23 H N N 366 
VAL HXT  H N N 367 
# 
loop_
_chem_comp_bond.comp_id 
_chem_comp_bond.atom_id_1 
_chem_comp_bond.atom_id_2 
_chem_comp_bond.value_order 
_chem_comp_bond.pdbx_aromatic_flag 
_chem_comp_bond.pdbx_stereo_config 
_chem_comp_bond.pdbx_ordinal 
ALA N   CA   sing N N 1   
ALA N   H    sing N N 2   
ALA N   H2   sing N N 3   
ALA CA  C    sing N N 4   
ALA CA  CB   sing N N 5   
ALA CA  HA   sing N N 6   
ALA C   O    doub N N 7   
ALA C   OXT  sing N N 8   
ALA CB  HB1  sing N N 9   
ALA CB  HB2  sing N N 10  
ALA CB  HB3  sing N N 11  
ALA OXT HXT  sing N N 12  
ARG N   CA   sing N N 13  
ARG N   H    sing N N 14  
ARG N   H2   sing N N 15  
ARG CA  C    sing N N 16  
ARG CA  CB   sing N N 17  
ARG CA  HA   sing N N 18  
ARG C   O    doub N N 19  
ARG C   OXT  sing N N 20  
ARG CB  CG   sing N N 21  
ARG CB  HB2  sing N N 22  
ARG CB  HB3  sing N N 23  
ARG CG  CD   sing N N 24  
ARG CG  HG2  sing N N 25  
ARG CG  HG3  sing N N 26  
ARG CD  NE   sing N N 27  
ARG CD  HD2  sing N N 28  
ARG CD  HD3  sing N N 29  
ARG NE  CZ   sing N N 30  
ARG NE  HE   sing N N 31  
ARG CZ  NH1  sing N N 32  
ARG CZ  NH2  doub N N 33  
ARG NH1 HH11 sing N N 34  
ARG NH1 HH12 sing N N 35  
ARG NH2 HH21 sing N N 36  
ARG NH2 HH22 sing N N 37  
ARG OXT HXT  sing N N 38  
ASN N   CA   sing N N 39  
ASN N   H    sing N N 40  
ASN N   H2   sing N N 41  
ASN CA  C    sing N N 42  
ASN CA  CB   sing N N 43  
ASN CA  HA   sing N N 44  
ASN C   O    doub N N 45  
ASN C   OXT  sing N N 46  
ASN CB  CG   sing N N 47  
ASN CB  HB2  sing N N 48  
ASN CB  HB3  sing N N 49  
ASN CG  OD1  doub N N 50  
ASN CG  ND2  sing N N 51  
ASN ND2 HD21 sing N N 52  
ASN ND2 HD22 sing N N 53  
ASN OXT HXT  sing N N 54  
ASP N   CA   sing N N 55  
ASP N   H    sing N N 56  
ASP N   H2   sing N N 57  
ASP CA  C    sing N N 58  
ASP CA  CB   sing N N 59  
ASP CA  HA   sing N N 60  
ASP C   O    doub N N 61  
ASP C   OXT  sing N N 62  
ASP CB  CG   sing N N 63  
ASP CB  HB2  sing N N 64  
ASP CB  HB3  sing N N 65  
ASP CG  OD1  doub N N 66  
ASP CG  OD2  sing N N 67  
ASP OD2 HD2  sing N N 68  
ASP OXT HXT  sing N N 69  
CYS N   CA   sing N N 70  
CYS N   H    sing N N 71  
CYS N   H2   sing N N 72  
CYS CA  C    sing N N 73  
CYS CA  CB   sing N N 74  
CYS CA  HA   sing N N 75  
CYS C   O    doub N N 76  
CYS C   OXT  sing N N 77  
CYS CB  SG   sing N N 78  
CYS CB  HB2  sing N N 79  
CYS CB  HB3  sing N N 80  
CYS SG  HG   sing N N 81  
CYS OXT HXT  sing N N 82  
GLN N   CA   sing N N 83  
GLN N   H    sing N N 84  
GLN N   H2   sing N N 85  
GLN CA  C    sing N N 86  
GLN CA  CB   sing N N 87  
GLN CA  HA   sing N N 88  
GLN C   O    doub N N 89  
GLN C   OXT  sing N N 90  
GLN CB  CG   sing N N 91  
GLN CB  HB2  sing N N 92  
GLN CB  HB3  sing N N 93  
GLN CG  CD   sing N N 94  
GLN CG  HG2  sing N N 95  
GLN CG  HG3  sing N N 96  
GLN CD  OE1  doub N N 97  
GLN CD  NE2  sing N N 98  
GLN NE2 HE21 sing N N 99  
GLN NE2 HE22 sing N N 100 
GLN OXT HXT  sing N N 101 
GLU N   CA   sing N N 102 
GLU N   H    sing N N 103 
GLU N   H2   sing N N 104 
GLU CA  C    sing N N 105 
GLU CA  CB   sing N N 106 
GLU CA  HA   sing N N 107 
GLU C   O    doub N N 108 
GLU C   OXT  sing N N 109 
GLU CB  CG   sing N N 110 
GLU CB  HB2  sing N N 111 
GLU CB  HB3  sing N N 112 
GLU CG  CD   sing N N 113 
GLU CG  HG2  sing N N 114 
GLU CG  HG3  sing N N 115 
GLU CD  OE1  doub N N 116 
GLU CD  OE2  sing N N 117 
GLU OE2 HE2  sing N N 118 
GLU OXT HXT  sing N N 119 
GLY N   CA   sing N N 120 
GLY N   H    sing N N 121 
GLY N   H2   sing N N 122 
GLY CA  C    sing N N 123 
GLY CA  HA2  sing N N 124 
GLY CA  HA3  sing N N 125 
GLY C   O    doub N N 126 
GLY C   OXT  sing N N 127 
GLY OXT HXT  sing N N 128 
HIS N   CA   sing N N 129 
HIS N   H    sing N N 130 
HIS N   H2   sing N N 131 
HIS CA  C    sing N N 132 
HIS CA  CB   sing N N 133 
HIS CA  HA   sing N N 134 
HIS C   O    doub N N 135 
HIS C   OXT  sing N N 136 
HIS CB  CG   sing N N 137 
HIS CB  HB2  sing N N 138 
HIS CB  HB3  sing N N 139 
HIS CG  ND1  sing Y N 140 
HIS CG  CD2  doub Y N 141 
HIS ND1 CE1  doub Y N 142 
HIS ND1 HD1  sing N N 143 
HIS CD2 NE2  sing Y N 144 
HIS CD2 HD2  sing N N 145 
HIS CE1 NE2  sing Y N 146 
HIS CE1 HE1  sing N N 147 
HIS NE2 HE2  sing N N 148 
HIS OXT HXT  sing N N 149 
HOH O   H1   sing N N 150 
HOH O   H2   sing N N 151 
ILE N   CA   sing N N 152 
ILE N   H    sing N N 153 
ILE N   H2   sing N N 154 
ILE CA  C    sing N N 155 
ILE CA  CB   sing N N 156 
ILE CA  HA   sing N N 157 
ILE C   O    doub N N 158 
ILE C   OXT  sing N N 159 
ILE CB  CG1  sing N N 160 
ILE CB  CG2  sing N N 161 
ILE CB  HB   sing N N 162 
ILE CG1 CD1  sing N N 163 
ILE CG1 HG12 sing N N 164 
ILE CG1 HG13 sing N N 165 
ILE CG2 HG21 sing N N 166 
ILE CG2 HG22 sing N N 167 
ILE CG2 HG23 sing N N 168 
ILE CD1 HD11 sing N N 169 
ILE CD1 HD12 sing N N 170 
ILE CD1 HD13 sing N N 171 
ILE OXT HXT  sing N N 172 
LEU N   CA   sing N N 173 
LEU N   H    sing N N 174 
LEU N   H2   sing N N 175 
LEU CA  C    sing N N 176 
LEU CA  CB   sing N N 177 
LEU CA  HA   sing N N 178 
LEU C   O    doub N N 179 
LEU C   OXT  sing N N 180 
LEU CB  CG   sing N N 181 
LEU CB  HB2  sing N N 182 
LEU CB  HB3  sing N N 183 
LEU CG  CD1  sing N N 184 
LEU CG  CD2  sing N N 185 
LEU CG  HG   sing N N 186 
LEU CD1 HD11 sing N N 187 
LEU CD1 HD12 sing N N 188 
LEU CD1 HD13 sing N N 189 
LEU CD2 HD21 sing N N 190 
LEU CD2 HD22 sing N N 191 
LEU CD2 HD23 sing N N 192 
LEU OXT HXT  sing N N 193 
LYS N   CA   sing N N 194 
LYS N   H    sing N N 195 
LYS N   H2   sing N N 196 
LYS CA  C    sing N N 197 
LYS CA  CB   sing N N 198 
LYS CA  HA   sing N N 199 
LYS C   O    doub N N 200 
LYS C   OXT  sing N N 201 
LYS CB  CG   sing N N 202 
LYS CB  HB2  sing N N 203 
LYS CB  HB3  sing N N 204 
LYS CG  CD   sing N N 205 
LYS CG  HG2  sing N N 206 
LYS CG  HG3  sing N N 207 
LYS CD  CE   sing N N 208 
LYS CD  HD2  sing N N 209 
LYS CD  HD3  sing N N 210 
LYS CE  NZ   sing N N 211 
LYS CE  HE2  sing N N 212 
LYS CE  HE3  sing N N 213 
LYS NZ  HZ1  sing N N 214 
LYS NZ  HZ2  sing N N 215 
LYS NZ  HZ3  sing N N 216 
LYS OXT HXT  sing N N 217 
MET N   CA   sing N N 218 
MET N   H    sing N N 219 
MET N   H2   sing N N 220 
MET CA  C    sing N N 221 
MET CA  CB   sing N N 222 
MET CA  HA   sing N N 223 
MET C   O    doub N N 224 
MET C   OXT  sing N N 225 
MET CB  CG   sing N N 226 
MET CB  HB2  sing N N 227 
MET CB  HB3  sing N N 228 
MET CG  SD   sing N N 229 
MET CG  HG2  sing N N 230 
MET CG  HG3  sing N N 231 
MET SD  CE   sing N N 232 
MET CE  HE1  sing N N 233 
MET CE  HE2  sing N N 234 
MET CE  HE3  sing N N 235 
MET OXT HXT  sing N N 236 
PRO N   CA   sing N N 237 
PRO N   CD   sing N N 238 
PRO N   H    sing N N 239 
PRO CA  C    sing N N 240 
PRO CA  CB   sing N N 241 
PRO CA  HA   sing N N 242 
PRO C   O    doub N N 243 
PRO C   OXT  sing N N 244 
PRO CB  CG   sing N N 245 
PRO CB  HB2  sing N N 246 
PRO CB  HB3  sing N N 247 
PRO CG  CD   sing N N 248 
PRO CG  HG2  sing N N 249 
PRO CG  HG3  sing N N 250 
PRO CD  HD2  sing N N 251 
PRO CD  HD3  sing N N 252 
PRO OXT HXT  sing N N 253 
SER N   CA   sing N N 254 
SER N   H    sing N N 255 
SER N   H2   sing N N 256 
SER CA  C    sing N N 257 
SER CA  CB   sing N N 258 
SER CA  HA   sing N N 259 
SER C   O    doub N N 260 
SER C   OXT  sing N N 261 
SER CB  OG   sing N N 262 
SER CB  HB2  sing N N 263 
SER CB  HB3  sing N N 264 
SER OG  HG   sing N N 265 
SER OXT HXT  sing N N 266 
THR N   CA   sing N N 267 
THR N   H    sing N N 268 
THR N   H2   sing N N 269 
THR CA  C    sing N N 270 
THR CA  CB   sing N N 271 
THR CA  HA   sing N N 272 
THR C   O    doub N N 273 
THR C   OXT  sing N N 274 
THR CB  OG1  sing N N 275 
THR CB  CG2  sing N N 276 
THR CB  HB   sing N N 277 
THR OG1 HG1  sing N N 278 
THR CG2 HG21 sing N N 279 
THR CG2 HG22 sing N N 280 
THR CG2 HG23 sing N N 281 
THR OXT HXT  sing N N 282 
TRP N   CA   sing N N 283 
TRP N   H    sing N N 284 
TRP N   H2   sing N N 285 
TRP CA  C    sing N N 286 
TRP CA  CB   sing N N 287 
TRP CA  HA   sing N N 288 
TRP C   O    doub N N 289 
TRP C   OXT  sing N N 290 
TRP CB  CG   sing N N 291 
TRP CB  HB2  sing N N 292 
TRP CB  HB3  sing N N 293 
TRP CG  CD1  doub Y N 294 
TRP CG  CD2  sing Y N 295 
TRP CD1 NE1  sing Y N 296 
TRP CD1 HD1  sing N N 297 
TRP CD2 CE2  doub Y N 298 
TRP CD2 CE3  sing Y N 299 
TRP NE1 CE2  sing Y N 300 
TRP NE1 HE1  sing N N 301 
TRP CE2 CZ2  sing Y N 302 
TRP CE3 CZ3  doub Y N 303 
TRP CE3 HE3  sing N N 304 
TRP CZ2 CH2  doub Y N 305 
TRP CZ2 HZ2  sing N N 306 
TRP CZ3 CH2  sing Y N 307 
TRP CZ3 HZ3  sing N N 308 
TRP CH2 HH2  sing N N 309 
TRP OXT HXT  sing N N 310 
TYR N   CA   sing N N 311 
TYR N   H    sing N N 312 
TYR N   H2   sing N N 313 
TYR CA  C    sing N N 314 
TYR CA  CB   sing N N 315 
TYR CA  HA   sing N N 316 
TYR C   O    doub N N 317 
TYR C   OXT  sing N N 318 
TYR CB  CG   sing N N 319 
TYR CB  HB2  sing N N 320 
TYR CB  HB3  sing N N 321 
TYR CG  CD1  doub Y N 322 
TYR CG  CD2  sing Y N 323 
TYR CD1 CE1  sing Y N 324 
TYR CD1 HD1  sing N N 325 
TYR CD2 CE2  doub Y N 326 
TYR CD2 HD2  sing N N 327 
TYR CE1 CZ   doub Y N 328 
TYR CE1 HE1  sing N N 329 
TYR CE2 CZ   sing Y N 330 
TYR CE2 HE2  sing N N 331 
TYR CZ  OH   sing N N 332 
TYR OH  HH   sing N N 333 
TYR OXT HXT  sing N N 334 
VAL N   CA   sing N N 335 
VAL N   H    sing N N 336 
VAL N   H2   sing N N 337 
VAL CA  C    sing N N 338 
VAL CA  CB   sing N N 339 
VAL CA  HA   sing N N 340 
VAL C   O    doub N N 341 
VAL C   OXT  sing N N 342 
VAL CB  CG1  sing N N 343 
VAL CB  CG2  sing N N 344 
VAL CB  HB   sing N N 345 
VAL CG1 HG11 sing N N 346 
VAL CG1 HG12 sing N N 347 
VAL CG1 HG13 sing N N 348 
VAL CG2 HG21 sing N N 349 
VAL CG2 HG22 sing N N 350 
VAL CG2 HG23 sing N N 351 
VAL OXT HXT  sing N N 352 
# 
_atom_sites.entry_id                    6JUI 
_atom_sites.fract_transf_matrix[1][1]   -0.01254890 
_atom_sites.fract_transf_matrix[1][2]   -0.00553135 
_atom_sites.fract_transf_matrix[1][3]   -0.00084660 
_atom_sites.fract_transf_matrix[2][1]   0.00483739 
_atom_sites.fract_transf_matrix[2][2]   -0.00988382 
_atom_sites.fract_transf_matrix[2][3]   -0.00712615 
_atom_sites.fract_transf_matrix[3][1]   0.00316802 
_atom_sites.fract_transf_matrix[3][2]   -0.00954201 
_atom_sites.fract_transf_matrix[3][3]   0.01538510 
_atom_sites.fract_transf_vector[1]      0.049939 
_atom_sites.fract_transf_vector[2]      -0.235422 
_atom_sites.fract_transf_vector[3]      -0.080865 
# 
loop_
_atom_type.symbol 
C 
N 
O 
S 
# 
loop_
_atom_site.group_PDB 
_atom_site.id 
_atom_site.type_symbol 
_atom_site.label_atom_id 
_atom_site.label_alt_id 
_atom_site.label_comp_id 
_atom_site.label_asym_id 
_atom_site.label_entity_id 
_atom_site.label_seq_id 
_atom_site.pdbx_PDB_ins_code 
_atom_site.Cartn_x 
_atom_site.Cartn_y 
_atom_site.Cartn_z 
_atom_site.occupancy 
_atom_site.B_iso_or_equiv 
_atom_site.pdbx_formal_charge 
_atom_site.auth_seq_id 
_atom_site.auth_comp_id 
_atom_site.auth_asym_id 
_atom_site.auth_atom_id 
_atom_site.pdbx_PDB_model_num 
ATOM   1   N N   . GLY A 1 7   ? 9.016   12.931  1.350   1.00 79.06  ? 7   GLY A N   1 
ATOM   2   C CA  . GLY A 1 7   ? 10.035  12.563  0.379   1.00 79.01  ? 7   GLY A CA  1 
ATOM   3   C C   . GLY A 1 7   ? 10.169  11.055  0.262   1.00 77.60  ? 7   GLY A C   1 
ATOM   4   O O   . GLY A 1 7   ? 9.300   10.313  0.726   1.00 77.92  ? 7   GLY A O   1 
ATOM   5   N N   . VAL A 1 8   ? 11.272  10.595  -0.335  1.00 75.15  ? 8   VAL A N   1 
ATOM   6   C CA  . VAL A 1 8   ? 11.456  9.163   -0.569  1.00 73.13  ? 8   VAL A CA  1 
ATOM   7   C C   . VAL A 1 8   ? 11.737  8.433   0.743   1.00 69.82  ? 8   VAL A C   1 
ATOM   8   O O   . VAL A 1 8   ? 12.080  9.040   1.767   1.00 67.89  ? 8   VAL A O   1 
ATOM   9   C CB  . VAL A 1 8   ? 12.581  8.934   -1.591  1.00 77.74  ? 8   VAL A CB  1 
ATOM   10  C CG1 . VAL A 1 8   ? 13.927  8.922   -0.906  1.00 77.69  ? 8   VAL A CG1 1 
ATOM   11  C CG2 . VAL A 1 8   ? 12.357  7.637   -2.355  1.00 79.78  ? 8   VAL A CG2 1 
ATOM   12  N N   . TRP A 1 9   ? 11.580  7.099   0.712   1.00 68.22  ? 9   TRP A N   1 
ATOM   13  C CA  . TRP A 1 9   ? 11.882  6.224   1.846   1.00 67.73  ? 9   TRP A CA  1 
ATOM   14  C C   . TRP A 1 9   ? 13.140  5.418   1.544   1.00 58.22  ? 9   TRP A C   1 
ATOM   15  O O   . TRP A 1 9   ? 13.167  4.617   0.601   1.00 56.64  ? 9   TRP A O   1 
ATOM   16  C CB  . TRP A 1 9   ? 10.711  5.282   2.173   1.00 70.89  ? 9   TRP A CB  1 
ATOM   17  C CG  . TRP A 1 9   ? 9.689   5.922   3.086   1.00 66.52  ? 9   TRP A CG  1 
ATOM   18  C CD1 . TRP A 1 9   ? 8.635   6.702   2.706   1.00 64.67  ? 9   TRP A CD1 1 
ATOM   19  C CD2 . TRP A 1 9   ? 9.656   5.883   4.528   1.00 66.02  ? 9   TRP A CD2 1 
ATOM   20  N NE1 . TRP A 1 9   ? 7.945   7.147   3.808   1.00 59.38  ? 9   TRP A NE1 1 
ATOM   21  C CE2 . TRP A 1 9   ? 8.538   6.651   4.940   1.00 59.56  ? 9   TRP A CE2 1 
ATOM   22  C CE3 . TRP A 1 9   ? 10.459  5.273   5.509   1.00 59.46  ? 9   TRP A CE3 1 
ATOM   23  C CZ2 . TRP A 1 9   ? 8.202   6.829   6.291   1.00 59.89  ? 9   TRP A CZ2 1 
ATOM   24  C CZ3 . TRP A 1 9   ? 10.114  5.440   6.857   1.00 56.40  ? 9   TRP A CZ3 1 
ATOM   25  C CH2 . TRP A 1 9   ? 9.000   6.217   7.231   1.00 67.12  ? 9   TRP A CH2 1 
ATOM   26  N N   . THR A 1 10  ? 14.160  5.604   2.365   1.00 56.85  ? 10  THR A N   1 
ATOM   27  C CA  . THR A 1 10  ? 15.428  4.916   2.176   1.00 64.02  ? 10  THR A CA  1 
ATOM   28  C C   . THR A 1 10  ? 15.396  3.544   2.840   1.00 61.75  ? 10  THR A C   1 
ATOM   29  O O   . THR A 1 10  ? 14.638  3.302   3.782   1.00 64.05  ? 10  THR A O   1 
ATOM   30  C CB  . THR A 1 10  ? 16.563  5.768   2.740   1.00 65.22  ? 10  THR A CB  1 
ATOM   31  O OG1 . THR A 1 10  ? 16.443  5.842   4.164   1.00 68.38  ? 10  THR A OG1 1 
ATOM   32  C CG2 . THR A 1 10  ? 16.506  7.195   2.156   1.00 68.93  ? 10  THR A CG2 1 
ATOM   33  N N   . ASN A 1 11  ? 16.219  2.627   2.321   1.00 59.45  ? 11  ASN A N   1 
ATOM   34  C CA  . ASN A 1 11  ? 16.301  1.308   2.938   1.00 64.53  ? 11  ASN A CA  1 
ATOM   35  C C   . ASN A 1 11  ? 16.665  1.401   4.412   1.00 68.07  ? 11  ASN A C   1 
ATOM   36  O O   . ASN A 1 11  ? 16.322  0.508   5.195   1.00 67.30  ? 11  ASN A O   1 
ATOM   37  C CB  . ASN A 1 11  ? 17.306  0.425   2.209   1.00 66.78  ? 11  ASN A CB  1 
ATOM   38  C CG  . ASN A 1 11  ? 16.848  0.054   0.823   1.00 74.38  ? 11  ASN A CG  1 
ATOM   39  O OD1 . ASN A 1 11  ? 15.826  0.548   0.337   1.00 74.45  ? 11  ASN A OD1 1 
ATOM   40  N ND2 . ASN A 1 11  ? 17.595  -0.837  0.178   1.00 77.21  ? 11  ASN A ND2 1 
ATOM   41  N N   . ILE A 1 12  ? 17.345  2.473   4.812   1.00 72.34  ? 12  ILE A N   1 
ATOM   42  C CA  . ILE A 1 12  ? 17.656  2.675   6.222   1.00 76.42  ? 12  ILE A CA  1 
ATOM   43  C C   . ILE A 1 12  ? 16.407  3.106   6.997   1.00 59.70  ? 12  ILE A C   1 
ATOM   44  O O   . ILE A 1 12  ? 16.135  2.600   8.091   1.00 52.18  ? 12  ILE A O   1 
ATOM   45  C CB  . ILE A 1 12  ? 18.829  3.672   6.363   1.00 90.95  ? 12  ILE A CB  1 
ATOM   46  C CG1 . ILE A 1 12  ? 18.967  4.203   7.791   1.00 94.54  ? 12  ILE A CG1 1 
ATOM   47  C CG2 . ILE A 1 12  ? 18.754  4.800   5.341   1.00 105.23 ? 12  ILE A CG2 1 
ATOM   48  C CD1 . ILE A 1 12  ? 19.280  3.119   8.835   1.00 101.51 ? 12  ILE A CD1 1 
ATOM   49  N N   . GLU A 1 13  ? 15.638  4.049   6.456   1.00 66.96  ? 13  GLU A N   1 
ATOM   50  C CA  . GLU A 1 13  ? 14.484  4.547   7.199   1.00 65.32  ? 13  GLU A CA  1 
ATOM   51  C C   . GLU A 1 13  ? 13.423  3.466   7.411   1.00 53.82  ? 13  GLU A C   1 
ATOM   52  O O   . GLU A 1 13  ? 12.746  3.465   8.443   1.00 49.14  ? 13  GLU A O   1 
ATOM   53  C CB  . GLU A 1 13  ? 13.882  5.753   6.489   1.00 69.32  ? 13  GLU A CB  1 
ATOM   54  C CG  . GLU A 1 13  ? 14.800  6.972   6.491   1.00 74.35  ? 13  GLU A CG  1 
ATOM   55  C CD  . GLU A 1 13  ? 14.196  8.130   5.739   1.00 65.67  ? 13  GLU A CD  1 
ATOM   56  O OE1 . GLU A 1 13  ? 13.819  9.128   6.386   1.00 63.13  ? 13  GLU A OE1 1 
ATOM   57  O OE2 . GLU A 1 13  ? 14.084  8.024   4.501   1.00 63.88  ? 13  GLU A OE2 1 
ATOM   58  N N   . ASP A 1 14  ? 13.284  2.531   6.463   1.00 53.36  ? 14  ASP A N   1 
ATOM   59  C CA  . ASP A 1 14  ? 12.344  1.434   6.647   1.00 64.40  ? 14  ASP A CA  1 
ATOM   60  C C   . ASP A 1 14  ? 12.797  0.495   7.755   1.00 65.12  ? 14  ASP A C   1 
ATOM   61  O O   . ASP A 1 14  ? 11.961  -0.043  8.491   1.00 60.47  ? 14  ASP A O   1 
ATOM   62  C CB  . ASP A 1 14  ? 12.152  0.654   5.337   1.00 58.26  ? 14  ASP A CB  1 
ATOM   63  C CG  . ASP A 1 14  ? 11.304  1.408   4.313   1.00 59.04  ? 14  ASP A CG  1 
ATOM   64  O OD1 . ASP A 1 14  ? 10.502  2.288   4.702   1.00 57.34  ? 14  ASP A OD1 1 
ATOM   65  O OD2 . ASP A 1 14  ? 11.390  1.082   3.118   1.00 58.60  ? 14  ASP A OD2 1 
ATOM   66  N N   . GLU A 1 15  ? 14.110  0.290   7.891   1.00 64.51  ? 15  GLU A N   1 
ATOM   67  C CA  . GLU A 1 15  ? 14.635  -0.573  8.942   1.00 69.49  ? 15  GLU A CA  1 
ATOM   68  C C   . GLU A 1 15  ? 14.409  0.037   10.323  1.00 67.86  ? 15  GLU A C   1 
ATOM   69  O O   . GLU A 1 15  ? 14.101  -0.686  11.283  1.00 65.60  ? 15  GLU A O   1 
ATOM   70  C CB  . GLU A 1 15  ? 16.123  -0.838  8.695   1.00 72.43  ? 15  GLU A CB  1 
ATOM   71  C CG  . GLU A 1 15  ? 16.653  -2.120  9.306   1.00 82.99  ? 15  GLU A CG  1 
ATOM   72  C CD  . GLU A 1 15  ? 16.368  -3.331  8.446   1.00 92.80  ? 15  GLU A CD  1 
ATOM   73  O OE1 . GLU A 1 15  ? 16.656  -3.275  7.230   1.00 94.92  ? 15  GLU A OE1 1 
ATOM   74  O OE2 . GLU A 1 15  ? 15.850  -4.335  8.984   1.00 97.08  ? 15  GLU A OE2 1 
ATOM   75  N N   . ILE A 1 16  ? 14.545  1.359   10.436  1.00 67.40  ? 16  ILE A N   1 
ATOM   76  C CA  . ILE A 1 16  ? 14.211  2.034   11.685  1.00 68.77  ? 16  ILE A CA  1 
ATOM   77  C C   . ILE A 1 16  ? 12.707  1.989   11.921  1.00 58.79  ? 16  ILE A C   1 
ATOM   78  O O   . ILE A 1 16  ? 12.250  1.828   13.059  1.00 59.29  ? 16  ILE A O   1 
ATOM   79  C CB  . ILE A 1 16  ? 14.739  3.482   11.671  1.00 61.40  ? 16  ILE A CB  1 
ATOM   80  C CG1 . ILE A 1 16  ? 16.263  3.516   11.731  1.00 67.88  ? 16  ILE A CG1 1 
ATOM   81  C CG2 . ILE A 1 16  ? 14.197  4.280   12.849  1.00 59.90  ? 16  ILE A CG2 1 
ATOM   82  C CD1 . ILE A 1 16  ? 16.804  4.930   11.645  1.00 59.98  ? 16  ILE A CD1 1 
ATOM   83  N N   . LEU A 1 17  ? 11.916  2.114   10.853  1.00 55.09  ? 17  LEU A N   1 
ATOM   84  C CA  . LEU A 1 17  ? 10.463  2.053   10.992  1.00 61.20  ? 17  LEU A CA  1 
ATOM   85  C C   . LEU A 1 17  ? 10.019  0.684   11.490  1.00 57.83  ? 17  LEU A C   1 
ATOM   86  O O   . LEU A 1 17  ? 9.190   0.585   12.403  1.00 52.77  ? 17  LEU A O   1 
ATOM   87  C CB  . LEU A 1 17  ? 9.801   2.383   9.655   1.00 66.46  ? 17  LEU A CB  1 
ATOM   88  C CG  . LEU A 1 17  ? 8.268   2.352   9.597   1.00 65.06  ? 17  LEU A CG  1 
ATOM   89  C CD1 . LEU A 1 17  ? 7.716   3.385   10.550  1.00 63.51  ? 17  LEU A CD1 1 
ATOM   90  C CD2 . LEU A 1 17  ? 7.754   2.621   8.194   1.00 74.15  ? 17  LEU A CD2 1 
ATOM   91  N N   . LYS A 1 18  ? 10.568  -0.384  10.912  1.00 60.71  ? 18  LYS A N   1 
ATOM   92  C CA  . LYS A 1 18  ? 10.207  -1.732  11.332  1.00 62.91  ? 18  LYS A CA  1 
ATOM   93  C C   . LYS A 1 18  ? 10.582  -1.967  12.790  1.00 70.00  ? 18  LYS A C   1 
ATOM   94  O O   . LYS A 1 18  ? 9.775   -2.492  13.574  1.00 67.48  ? 18  LYS A O   1 
ATOM   95  C CB  . LYS A 1 18  ? 10.890  -2.760  10.423  1.00 73.71  ? 18  LYS A CB  1 
ATOM   96  C CG  . LYS A 1 18  ? 10.531  -4.214  10.707  1.00 91.36  ? 18  LYS A CG  1 
ATOM   97  C CD  . LYS A 1 18  ? 11.349  -5.178  9.850   1.00 104.72 ? 18  LYS A CD  1 
ATOM   98  C CE  . LYS A 1 18  ? 10.624  -5.524  8.549   1.00 109.32 ? 18  LYS A CE  1 
ATOM   99  N NZ  . LYS A 1 18  ? 11.560  -5.835  7.425   1.00 112.59 ? 18  LYS A NZ  1 
ATOM   100 N N   . ALA A 1 19  ? 11.807  -1.583  13.173  1.00 66.65  ? 19  ALA A N   1 
ATOM   101 C CA  . ALA A 1 19  ? 12.259  -1.818  14.540  1.00 68.86  ? 19  ALA A CA  1 
ATOM   102 C C   . ALA A 1 19  ? 11.486  -0.960  15.528  1.00 61.01  ? 19  ALA A C   1 
ATOM   103 O O   . ALA A 1 19  ? 11.232  -1.399  16.662  1.00 61.78  ? 19  ALA A O   1 
ATOM   104 C CB  . ALA A 1 19  ? 13.772  -1.557  14.672  1.00 67.08  ? 19  ALA A CB  1 
ATOM   105 N N   . SER A 1 20  ? 11.085  0.246   15.110  1.00 56.84  ? 20  SER A N   1 
ATOM   106 C CA  . SER A 1 20  ? 10.286  1.107   15.976  1.00 62.80  ? 20  SER A CA  1 
ATOM   107 C C   . SER A 1 20  ? 8.854   0.595   16.109  1.00 60.54  ? 20  SER A C   1 
ATOM   108 O O   . SER A 1 20  ? 8.259   0.680   17.189  1.00 59.53  ? 20  SER A O   1 
ATOM   109 C CB  . SER A 1 20  ? 10.302  2.543   15.447  1.00 55.20  ? 20  SER A CB  1 
ATOM   110 O OG  . SER A 1 20  ? 11.573  2.862   14.927  1.00 57.11  ? 20  SER A OG  1 
ATOM   111 N N   . VAL A 1 21  ? 8.284   0.070   15.019  1.00 55.90  ? 21  VAL A N   1 
ATOM   112 C CA  . VAL A 1 21  ? 6.927   -0.475  15.065  1.00 67.18  ? 21  VAL A CA  1 
ATOM   113 C C   . VAL A 1 21  ? 6.869   -1.682  15.993  1.00 65.22  ? 21  VAL A C   1 
ATOM   114 O O   . VAL A 1 21  ? 5.918   -1.846  16.764  1.00 63.34  ? 21  VAL A O   1 
ATOM   115 C CB  . VAL A 1 21  ? 6.442   -0.828  13.644  1.00 66.49  ? 21  VAL A CB  1 
ATOM   116 C CG1 . VAL A 1 21  ? 5.380   -1.891  13.693  1.00 69.06  ? 21  VAL A CG1 1 
ATOM   117 C CG2 . VAL A 1 21  ? 5.908   0.390   12.964  1.00 62.08  ? 21  VAL A CG2 1 
ATOM   118 N N   . SER A 1 22  ? 7.897   -2.535  15.945  1.00 68.41  ? 22  SER A N   1 
ATOM   119 C CA  . SER A 1 22  ? 8.007   -3.654  16.877  1.00 72.95  ? 22  SER A CA  1 
ATOM   120 C C   . SER A 1 22  ? 8.071   -3.204  18.331  1.00 69.40  ? 22  SER A C   1 
ATOM   121 O O   . SER A 1 22  ? 7.820   -4.019  19.224  1.00 69.27  ? 22  SER A O   1 
ATOM   122 C CB  . SER A 1 22  ? 9.253   -4.489  16.560  1.00 76.98  ? 22  SER A CB  1 
ATOM   123 O OG  . SER A 1 22  ? 9.494   -4.555  15.165  1.00 79.93  ? 22  SER A OG  1 
ATOM   124 N N   . LYS A 1 23  ? 8.412   -1.940  18.591  1.00 70.96  ? 23  LYS A N   1 
ATOM   125 C CA  . LYS A 1 23  ? 8.580   -1.450  19.953  1.00 77.64  ? 23  LYS A CA  1 
ATOM   126 C C   . LYS A 1 23  ? 7.327   -0.769  20.507  1.00 74.57  ? 23  LYS A C   1 
ATOM   127 O O   . LYS A 1 23  ? 6.917   -1.060  21.639  1.00 76.61  ? 23  LYS A O   1 
ATOM   128 C CB  . LYS A 1 23  ? 9.795   -0.510  20.002  1.00 76.95  ? 23  LYS A CB  1 
ATOM   129 C CG  . LYS A 1 23  ? 10.174  -0.054  21.395  1.00 84.83  ? 23  LYS A CG  1 
ATOM   130 C CD  . LYS A 1 23  ? 11.346  0.917   21.371  1.00 90.39  ? 23  LYS A CD  1 
ATOM   131 C CE  . LYS A 1 23  ? 11.627  1.493   22.761  1.00 95.08  ? 23  LYS A CE  1 
ATOM   132 N NZ  . LYS A 1 23  ? 11.137  0.599   23.863  1.00 98.06  ? 23  LYS A NZ  1 
ATOM   133 N N   . TYR A 1 24  ? 6.701   0.123   19.730  1.00 78.12  ? 24  TYR A N   1 
ATOM   134 C CA  . TYR A 1 24  ? 5.521   0.880   20.146  1.00 75.85  ? 24  TYR A CA  1 
ATOM   135 C C   . TYR A 1 24  ? 4.245   0.454   19.445  1.00 69.03  ? 24  TYR A C   1 
ATOM   136 O O   . TYR A 1 24  ? 3.207   1.097   19.634  1.00 63.24  ? 24  TYR A O   1 
ATOM   137 C CB  . TYR A 1 24  ? 5.712   2.378   19.908  1.00 81.18  ? 24  TYR A CB  1 
ATOM   138 C CG  . TYR A 1 24  ? 7.033   2.906   20.354  1.00 86.81  ? 24  TYR A CG  1 
ATOM   139 C CD1 . TYR A 1 24  ? 7.512   2.629   21.634  1.00 95.11  ? 24  TYR A CD1 1 
ATOM   140 C CD2 . TYR A 1 24  ? 7.814   3.681   19.508  1.00 88.32  ? 24  TYR A CD2 1 
ATOM   141 C CE1 . TYR A 1 24  ? 8.736   3.108   22.053  1.00 98.84  ? 24  TYR A CE1 1 
ATOM   142 C CE2 . TYR A 1 24  ? 9.037   4.171   19.925  1.00 91.30  ? 24  TYR A CE2 1 
ATOM   143 C CZ  . TYR A 1 24  ? 9.487   3.883   21.198  1.00 96.07  ? 24  TYR A CZ  1 
ATOM   144 O OH  . TYR A 1 24  ? 10.696  4.361   21.610  1.00 101.73 ? 24  TYR A OH  1 
ATOM   145 N N   . GLY A 1 25  ? 4.293   -0.613  18.657  1.00 65.72  ? 25  GLY A N   1 
ATOM   146 C CA  . GLY A 1 25  ? 3.117   -1.133  18.003  1.00 66.92  ? 25  GLY A CA  1 
ATOM   147 C C   . GLY A 1 25  ? 2.588   -0.204  16.916  1.00 73.11  ? 25  GLY A C   1 
ATOM   148 O O   . GLY A 1 25  ? 3.214   0.779   16.508  1.00 72.27  ? 25  GLY A O   1 
ATOM   149 N N   . LEU A 1 26  ? 1.402   -0.566  16.426  1.00 73.56  ? 26  LEU A N   1 
ATOM   150 C CA  . LEU A 1 26  ? 0.619   0.360   15.625  1.00 69.52  ? 26  LEU A CA  1 
ATOM   151 C C   . LEU A 1 26  ? 0.004   1.380   16.571  1.00 66.79  ? 26  LEU A C   1 
ATOM   152 O O   . LEU A 1 26  ? 0.179   1.311   17.793  1.00 74.05  ? 26  LEU A O   1 
ATOM   153 C CB  . LEU A 1 26  ? -0.468  -0.364  14.839  1.00 71.53  ? 26  LEU A CB  1 
ATOM   154 C CG  . LEU A 1 26  ? -0.242  -1.040  13.486  1.00 77.88  ? 26  LEU A CG  1 
ATOM   155 C CD1 . LEU A 1 26  ? 0.496   -0.097  12.572  1.00 85.59  ? 26  LEU A CD1 1 
ATOM   156 C CD2 . LEU A 1 26  ? 0.485   -2.368  13.571  1.00 75.27  ? 26  LEU A CD2 1 
ATOM   157 N N   . ASN A 1 27  ? -0.729  2.336   16.013  1.00 64.24  ? 27  ASN A N   1 
ATOM   158 C CA  . ASN A 1 27  ? -1.503  3.273   16.824  1.00 79.12  ? 27  ASN A CA  1 
ATOM   159 C C   . ASN A 1 27  ? -0.612  4.093   17.758  1.00 76.31  ? 27  ASN A C   1 
ATOM   160 O O   . ASN A 1 27  ? -1.049  4.525   18.828  1.00 73.28  ? 27  ASN A O   1 
ATOM   161 C CB  . ASN A 1 27  ? -2.587  2.534   17.623  1.00 97.37  ? 27  ASN A CB  1 
ATOM   162 C CG  . ASN A 1 27  ? -3.294  1.449   16.805  1.00 107.78 ? 27  ASN A CG  1 
ATOM   163 O OD1 . ASN A 1 27  ? -3.592  1.637   15.624  1.00 108.11 ? 27  ASN A OD1 1 
ATOM   164 N ND2 . ASN A 1 27  ? -3.562  0.310   17.437  1.00 119.36 ? 27  ASN A ND2 1 
ATOM   165 N N   . GLN A 1 28  ? 0.642   4.327   17.360  1.00 82.79  ? 28  GLN A N   1 
ATOM   166 C CA  . GLN A 1 28  ? 1.583   5.087   18.181  1.00 87.57  ? 28  GLN A CA  1 
ATOM   167 C C   . GLN A 1 28  ? 2.619   5.778   17.297  1.00 84.61  ? 28  GLN A C   1 
ATOM   168 O O   . GLN A 1 28  ? 3.827   5.595   17.473  1.00 83.00  ? 28  GLN A O   1 
ATOM   169 C CB  . GLN A 1 28  ? 2.251   4.162   19.200  1.00 92.51  ? 28  GLN A CB  1 
ATOM   170 C CG  . GLN A 1 28  ? 2.884   4.869   20.382  1.00 96.66  ? 28  GLN A CG  1 
ATOM   171 C CD  . GLN A 1 28  ? 2.710   4.106   21.685  1.00 89.88  ? 28  GLN A CD  1 
ATOM   172 O OE1 . GLN A 1 28  ? 2.378   4.689   22.716  1.00 94.70  ? 28  GLN A OE1 1 
ATOM   173 N NE2 . GLN A 1 28  ? 2.921   2.794   21.639  1.00 83.13  ? 28  GLN A NE2 1 
ATOM   174 N N   . TRP A 1 29  ? 2.146   6.596   16.356  1.00 84.32  ? 29  TRP A N   1 
ATOM   175 C CA  . TRP A 1 29  ? 2.973   7.061   15.250  1.00 78.79  ? 29  TRP A CA  1 
ATOM   176 C C   . TRP A 1 29  ? 3.788   8.310   15.568  1.00 77.49  ? 29  TRP A C   1 
ATOM   177 O O   . TRP A 1 29  ? 4.799   8.548   14.903  1.00 71.14  ? 29  TRP A O   1 
ATOM   178 C CB  . TRP A 1 29  ? 2.094   7.304   14.015  1.00 78.94  ? 29  TRP A CB  1 
ATOM   179 C CG  . TRP A 1 29  ? 1.340   6.071   13.590  1.00 77.91  ? 29  TRP A CG  1 
ATOM   180 C CD1 . TRP A 1 29  ? -0.001  5.845   13.722  1.00 79.42  ? 29  TRP A CD1 1 
ATOM   181 C CD2 . TRP A 1 29  ? 1.885   4.888   12.983  1.00 73.92  ? 29  TRP A CD2 1 
ATOM   182 N NE1 . TRP A 1 29  ? -0.324  4.604   13.233  1.00 74.59  ? 29  TRP A NE1 1 
ATOM   183 C CE2 . TRP A 1 29  ? 0.812   3.994   12.775  1.00 71.67  ? 29  TRP A CE2 1 
ATOM   184 C CE3 . TRP A 1 29  ? 3.176   4.498   12.597  1.00 70.15  ? 29  TRP A CE3 1 
ATOM   185 C CZ2 . TRP A 1 29  ? 0.986   2.738   12.196  1.00 68.59  ? 29  TRP A CZ2 1 
ATOM   186 C CZ3 . TRP A 1 29  ? 3.348   3.247   12.021  1.00 67.07  ? 29  TRP A CZ3 1 
ATOM   187 C CH2 . TRP A 1 29  ? 2.256   2.380   11.829  1.00 67.29  ? 29  TRP A CH2 1 
ATOM   188 N N   . ALA A 1 30  ? 3.391   9.106   16.563  1.00 81.31  ? 30  ALA A N   1 
ATOM   189 C CA  . ALA A 1 30  ? 4.252   10.205  16.992  1.00 84.22  ? 30  ALA A CA  1 
ATOM   190 C C   . ALA A 1 30  ? 5.538   9.685   17.627  1.00 84.41  ? 30  ALA A C   1 
ATOM   191 O O   . ALA A 1 30  ? 6.624   10.219  17.370  1.00 82.14  ? 30  ALA A O   1 
ATOM   192 C CB  . ALA A 1 30  ? 3.507   11.118  17.964  1.00 89.09  ? 30  ALA A CB  1 
ATOM   193 N N   . ARG A 1 31  ? 5.435   8.652   18.471  1.00 86.25  ? 31  ARG A N   1 
ATOM   194 C CA  . ARG A 1 31  ? 6.641   8.025   19.006  1.00 86.68  ? 31  ARG A CA  1 
ATOM   195 C C   . ARG A 1 31  ? 7.433   7.349   17.898  1.00 85.91  ? 31  ARG A C   1 
ATOM   196 O O   . ARG A 1 31  ? 8.669   7.391   17.892  1.00 85.74  ? 31  ARG A O   1 
ATOM   197 C CB  . ARG A 1 31  ? 6.287   7.013   20.095  1.00 87.14  ? 31  ARG A CB  1 
ATOM   198 C CG  . ARG A 1 31  ? 5.376   7.558   21.179  1.00 94.33  ? 31  ARG A CG  1 
ATOM   199 C CD  . ARG A 1 31  ? 5.839   7.110   22.551  1.00 98.74  ? 31  ARG A CD  1 
ATOM   200 N NE  . ARG A 1 31  ? 5.016   7.674   23.614  1.00 106.34 ? 31  ARG A NE  1 
ATOM   201 C CZ  . ARG A 1 31  ? 5.166   7.391   24.903  1.00 112.63 ? 31  ARG A CZ  1 
ATOM   202 N NH1 . ARG A 1 31  ? 6.108   6.543   25.291  1.00 112.33 ? 31  ARG A NH1 1 
ATOM   203 N NH2 . ARG A 1 31  ? 4.372   7.953   25.805  1.00 118.33 ? 31  ARG A NH2 1 
ATOM   204 N N   . VAL A 1 32  ? 6.730   6.725   16.948  1.00 80.94  ? 32  VAL A N   1 
ATOM   205 C CA  . VAL A 1 32  ? 7.402   6.118   15.801  1.00 76.01  ? 32  VAL A CA  1 
ATOM   206 C C   . VAL A 1 32  ? 8.104   7.187   14.983  1.00 72.63  ? 32  VAL A C   1 
ATOM   207 O O   . VAL A 1 32  ? 9.269   7.035   14.598  1.00 71.65  ? 32  VAL A O   1 
ATOM   208 C CB  . VAL A 1 32  ? 6.397   5.324   14.945  1.00 72.91  ? 32  VAL A CB  1 
ATOM   209 C CG1 . VAL A 1 32  ? 7.001   5.011   13.583  1.00 68.66  ? 32  VAL A CG1 1 
ATOM   210 C CG2 . VAL A 1 32  ? 5.990   4.048   15.655  1.00 72.13  ? 32  VAL A CG2 1 
ATOM   211 N N   . SER A 1 33  ? 7.410   8.295   14.719  1.00 73.90  ? 33  SER A N   1 
ATOM   212 C CA  . SER A 1 33  ? 8.004   9.378   13.947  1.00 70.31  ? 33  SER A CA  1 
ATOM   213 C C   . SER A 1 33  ? 9.211   9.978   14.657  1.00 75.70  ? 33  SER A C   1 
ATOM   214 O O   . SER A 1 33  ? 10.151  10.439  13.996  1.00 72.02  ? 33  SER A O   1 
ATOM   215 C CB  . SER A 1 33  ? 6.952   10.453  13.665  1.00 71.92  ? 33  SER A CB  1 
ATOM   216 O OG  . SER A 1 33  ? 7.542   11.742  13.641  1.00 84.29  ? 33  SER A OG  1 
ATOM   217 N N   . SER A 1 34  ? 9.218   9.957   15.996  1.00 78.70  ? 34  SER A N   1 
ATOM   218 C CA  . SER A 1 34  ? 10.289  10.601  16.753  1.00 83.85  ? 34  SER A CA  1 
ATOM   219 C C   . SER A 1 34  ? 11.652  9.981   16.458  1.00 75.75  ? 34  SER A C   1 
ATOM   220 O O   . SER A 1 34  ? 12.658  10.692  16.392  1.00 72.47  ? 34  SER A O   1 
ATOM   221 C CB  . SER A 1 34  ? 9.983   10.535  18.249  1.00 87.71  ? 34  SER A CB  1 
ATOM   222 O OG  . SER A 1 34  ? 10.344  9.277   18.788  1.00 88.64  ? 34  SER A OG  1 
ATOM   223 N N   . LEU A 1 35  ? 11.698  8.677   16.252  1.00 74.96  ? 35  LEU A N   1 
ATOM   224 C CA  . LEU A 1 35  ? 12.931  7.985   15.923  1.00 78.65  ? 35  LEU A CA  1 
ATOM   225 C C   . LEU A 1 35  ? 13.343  8.168   14.466  1.00 79.18  ? 35  LEU A C   1 
ATOM   226 O O   . LEU A 1 35  ? 14.294  7.518   14.020  1.00 77.34  ? 35  LEU A O   1 
ATOM   227 C CB  . LEU A 1 35  ? 12.768  6.496   16.246  1.00 86.01  ? 35  LEU A CB  1 
ATOM   228 C CG  . LEU A 1 35  ? 12.195  6.224   17.644  1.00 86.76  ? 35  LEU A CG  1 
ATOM   229 C CD1 . LEU A 1 35  ? 12.000  4.743   17.881  1.00 82.68  ? 35  LEU A CD1 1 
ATOM   230 C CD2 . LEU A 1 35  ? 13.092  6.826   18.728  1.00 87.37  ? 35  LEU A CD2 1 
ATOM   231 N N   . LEU A 1 36  ? 12.642  9.013   13.712  1.00 82.74  ? 36  LEU A N   1 
ATOM   232 C CA  . LEU A 1 36  ? 12.994  9.334   12.335  1.00 84.33  ? 36  LEU A CA  1 
ATOM   233 C C   . LEU A 1 36  ? 13.312  10.820  12.235  1.00 81.60  ? 36  LEU A C   1 
ATOM   234 O O   . LEU A 1 36  ? 12.890  11.621  13.073  1.00 80.12  ? 36  LEU A O   1 
ATOM   235 C CB  . LEU A 1 36  ? 11.861  8.957   11.374  1.00 85.06  ? 36  LEU A CB  1 
ATOM   236 C CG  . LEU A 1 36  ? 11.742  7.449   11.128  1.00 85.27  ? 36  LEU A CG  1 
ATOM   237 C CD1 . LEU A 1 36  ? 10.323  7.060   10.816  1.00 87.65  ? 36  LEU A CD1 1 
ATOM   238 C CD2 . LEU A 1 36  ? 12.661  7.010   9.997   1.00 84.88  ? 36  LEU A CD2 1 
ATOM   239 N N   . ALA A 1 37  ? 14.071  11.187  11.201  1.00 83.56  ? 37  ALA A N   1 
ATOM   240 C CA  . ALA A 1 37  ? 14.546  12.564  11.077  1.00 91.81  ? 37  ALA A CA  1 
ATOM   241 C C   . ALA A 1 37  ? 13.544  13.462  10.350  1.00 89.95  ? 37  ALA A C   1 
ATOM   242 O O   . ALA A 1 37  ? 13.149  14.508  10.873  1.00 88.97  ? 37  ALA A O   1 
ATOM   243 C CB  . ALA A 1 37  ? 15.911  12.593  10.372  1.00 94.65  ? 37  ALA A CB  1 
ATOM   244 N N   . ARG A 1 38  ? 13.134  13.071  9.141   1.00 92.30  ? 38  ARG A N   1 
ATOM   245 C CA  . ARG A 1 38  ? 12.277  13.900  8.295   1.00 98.50  ? 38  ARG A CA  1 
ATOM   246 C C   . ARG A 1 38  ? 11.107  13.067  7.758   1.00 96.45  ? 38  ARG A C   1 
ATOM   247 O O   . ARG A 1 38  ? 10.863  12.998  6.554   1.00 99.80  ? 38  ARG A O   1 
ATOM   248 C CB  . ARG A 1 38  ? 13.072  14.522  7.141   1.00 105.95 ? 38  ARG A CB  1 
ATOM   249 C CG  . ARG A 1 38  ? 14.162  15.518  7.555   1.00 111.03 ? 38  ARG A CG  1 
ATOM   250 C CD  . ARG A 1 38  ? 13.652  16.956  7.547   1.00 117.83 ? 38  ARG A CD  1 
ATOM   251 N NE  . ARG A 1 38  ? 13.406  17.460  8.896   1.00 119.11 ? 38  ARG A NE  1 
ATOM   252 C CZ  . ARG A 1 38  ? 14.223  18.282  9.548   1.00 122.38 ? 38  ARG A CZ  1 
ATOM   253 N NH1 . ARG A 1 38  ? 15.346  18.698  8.975   1.00 124.29 ? 38  ARG A NH1 1 
ATOM   254 N NH2 . ARG A 1 38  ? 13.920  18.692  10.773  1.00 124.25 ? 38  ARG A NH2 1 
ATOM   255 N N   . LYS A 1 39  ? 10.370  12.437  8.677   1.00 89.19  ? 39  LYS A N   1 
ATOM   256 C CA  . LYS A 1 39  ? 9.217   11.610  8.332   1.00 82.39  ? 39  LYS A CA  1 
ATOM   257 C C   . LYS A 1 39  ? 8.103   11.851  9.344   1.00 78.72  ? 39  LYS A C   1 
ATOM   258 O O   . LYS A 1 39  ? 8.300   11.643  10.545  1.00 76.44  ? 39  LYS A O   1 
ATOM   259 C CB  . LYS A 1 39  ? 9.603   10.127  8.290   1.00 76.29  ? 39  LYS A CB  1 
ATOM   260 C CG  . LYS A 1 39  ? 10.414  9.732   7.051   1.00 72.29  ? 39  LYS A CG  1 
ATOM   261 C CD  . LYS A 1 39  ? 9.719   10.170  5.754   1.00 76.40  ? 39  LYS A CD  1 
ATOM   262 C CE  . LYS A 1 39  ? 10.385  9.575   4.507   1.00 69.48  ? 39  LYS A CE  1 
ATOM   263 N NZ  . LYS A 1 39  ? 11.741  10.169  4.225   1.00 68.68  ? 39  LYS A NZ  1 
ATOM   264 N N   . THR A 1 40  ? 6.938   12.284  8.856   1.00 77.45  ? 40  THR A N   1 
ATOM   265 C CA  . THR A 1 40  ? 5.811   12.598  9.725   1.00 75.89  ? 40  THR A CA  1 
ATOM   266 C C   . THR A 1 40  ? 5.202   11.329  10.317  1.00 72.39  ? 40  THR A C   1 
ATOM   267 O O   . THR A 1 40  ? 5.411   10.225  9.806   1.00 64.94  ? 40  THR A O   1 
ATOM   268 C CB  . THR A 1 40  ? 4.723   13.350  8.955   1.00 76.53  ? 40  THR A CB  1 
ATOM   269 O OG1 . THR A 1 40  ? 3.854   12.405  8.312   1.00 73.41  ? 40  THR A OG1 1 
ATOM   270 C CG2 . THR A 1 40  ? 5.326   14.272  7.918   1.00 76.46  ? 40  THR A CG2 1 
ATOM   271 N N   . PRO A 1 41  ? 4.438   11.463  11.404  1.00 74.95  ? 41  PRO A N   1 
ATOM   272 C CA  . PRO A 1 41  ? 3.695   10.295  11.907  1.00 77.26  ? 41  PRO A CA  1 
ATOM   273 C C   . PRO A 1 41  ? 2.750   9.702   10.877  1.00 75.41  ? 41  PRO A C   1 
ATOM   274 O O   . PRO A 1 41  ? 2.678   8.475   10.747  1.00 70.46  ? 41  PRO A O   1 
ATOM   275 C CB  . PRO A 1 41  ? 2.949   10.854  13.131  1.00 80.91  ? 41  PRO A CB  1 
ATOM   276 C CG  . PRO A 1 41  ? 2.999   12.351  12.973  1.00 85.80  ? 41  PRO A CG  1 
ATOM   277 C CD  . PRO A 1 41  ? 4.307   12.619  12.306  1.00 79.97  ? 41  PRO A CD  1 
ATOM   278 N N   . LYS A 1 42  ? 2.046   10.540  10.115  1.00 80.66  ? 42  LYS A N   1 
ATOM   279 C CA  . LYS A 1 42  ? 1.180   10.022  9.062   1.00 81.50  ? 42  LYS A CA  1 
ATOM   280 C C   . LYS A 1 42  ? 1.979   9.321   7.965   1.00 72.83  ? 42  LYS A C   1 
ATOM   281 O O   . LYS A 1 42  ? 1.529   8.299   7.435   1.00 71.12  ? 42  LYS A O   1 
ATOM   282 C CB  . LYS A 1 42  ? 0.335   11.156  8.480   1.00 93.41  ? 42  LYS A CB  1 
ATOM   283 C CG  . LYS A 1 42  ? -0.775  10.682  7.567   1.00 100.71 ? 42  LYS A CG  1 
ATOM   284 C CD  . LYS A 1 42  ? -1.722  9.739   8.307   1.00 107.34 ? 42  LYS A CD  1 
ATOM   285 C CE  . LYS A 1 42  ? -2.305  8.684   7.374   1.00 104.83 ? 42  LYS A CE  1 
ATOM   286 N NZ  . LYS A 1 42  ? -1.249  7.792   6.806   1.00 101.07 ? 42  LYS A NZ  1 
ATOM   287 N N   . GLN A 1 43  ? 3.162   9.847   7.618   1.00 67.41  ? 43  GLN A N   1 
ATOM   288 C CA  . GLN A 1 43  ? 4.002   9.202   6.610   1.00 64.87  ? 43  GLN A CA  1 
ATOM   289 C C   . GLN A 1 43  ? 4.484   7.834   7.066   1.00 61.22  ? 43  GLN A C   1 
ATOM   290 O O   . GLN A 1 43  ? 4.759   6.966   6.229   1.00 59.77  ? 43  GLN A O   1 
ATOM   291 C CB  . GLN A 1 43  ? 5.213   10.076  6.283   1.00 72.85  ? 43  GLN A CB  1 
ATOM   292 C CG  . GLN A 1 43  ? 4.907   11.295  5.445   1.00 81.89  ? 43  GLN A CG  1 
ATOM   293 C CD  . GLN A 1 43  ? 6.157   12.094  5.130   1.00 88.57  ? 43  GLN A CD  1 
ATOM   294 O OE1 . GLN A 1 43  ? 6.965   12.375  6.014   1.00 88.80  ? 43  GLN A OE1 1 
ATOM   295 N NE2 . GLN A 1 43  ? 6.326   12.453  3.864   1.00 92.30  ? 43  GLN A NE2 1 
ATOM   296 N N   . CYS A 1 44  ? 4.638   7.641   8.377   1.00 61.32  ? 44  CYS A N   1 
ATOM   297 C CA  . CYS A 1 44  ? 5.043   6.336   8.887   1.00 62.61  ? 44  CYS A CA  1 
ATOM   298 C C   . CYS A 1 44  ? 3.889   5.347   8.828   1.00 57.29  ? 44  CYS A C   1 
ATOM   299 O O   . CYS A 1 44  ? 4.081   4.173   8.479   1.00 54.66  ? 44  CYS A O   1 
ATOM   300 C CB  . CYS A 1 44  ? 5.571   6.472   10.317  1.00 65.31  ? 44  CYS A CB  1 
ATOM   301 S SG  . CYS A 1 44  ? 6.940   7.665   10.517  1.00 58.73  ? 44  CYS A SG  1 
ATOM   302 N N   . LYS A 1 45  ? 2.684   5.803   9.174   1.00 63.31  ? 45  LYS A N   1 
ATOM   303 C CA  . LYS A 1 45  ? 1.493   4.985   8.990   1.00 63.16  ? 45  LYS A CA  1 
ATOM   304 C C   . LYS A 1 45  ? 1.325   4.582   7.524   1.00 60.75  ? 45  LYS A C   1 
ATOM   305 O O   . LYS A 1 45  ? 1.113   3.402   7.219   1.00 61.91  ? 45  LYS A O   1 
ATOM   306 C CB  . LYS A 1 45  ? 0.267   5.746   9.495   1.00 68.54  ? 45  LYS A CB  1 
ATOM   307 C CG  . LYS A 1 45  ? -1.034  4.956   9.441   1.00 69.20  ? 45  LYS A CG  1 
ATOM   308 C CD  . LYS A 1 45  ? -2.136  5.634   10.243  1.00 76.64  ? 45  LYS A CD  1 
ATOM   309 C CE  . LYS A 1 45  ? -3.481  4.951   9.990   1.00 84.62  ? 45  LYS A CE  1 
ATOM   310 N NZ  . LYS A 1 45  ? -4.560  5.385   10.925  1.00 91.08  ? 45  LYS A NZ  1 
ATOM   311 N N   . ALA A 1 46  ? 1.455   5.545   6.605   1.00 60.17  ? 46  ALA A N   1 
ATOM   312 C CA  . ALA A 1 46  ? 1.398   5.234   5.177   1.00 62.74  ? 46  ALA A CA  1 
ATOM   313 C C   . ALA A 1 46  ? 2.424   4.172   4.797   1.00 60.05  ? 46  ALA A C   1 
ATOM   314 O O   . ALA A 1 46  ? 2.081   3.151   4.189   1.00 57.34  ? 46  ALA A O   1 
ATOM   315 C CB  . ALA A 1 46  ? 1.619   6.509   4.348   1.00 63.45  ? 46  ALA A CB  1 
ATOM   316 N N   . ARG A 1 47  ? 3.691   4.390   5.165   1.00 56.78  ? 47  ARG A N   1 
ATOM   317 C CA  . ARG A 1 47  ? 4.755   3.488   4.731   1.00 54.93  ? 47  ARG A CA  1 
ATOM   318 C C   . ARG A 1 47  ? 4.583   2.077   5.297   1.00 52.69  ? 47  ARG A C   1 
ATOM   319 O O   . ARG A 1 47  ? 4.886   1.098   4.607   1.00 53.02  ? 47  ARG A O   1 
ATOM   320 C CB  . ARG A 1 47  ? 6.126   4.068   5.110   1.00 60.61  ? 47  ARG A CB  1 
ATOM   321 C CG  . ARG A 1 47  ? 7.328   3.209   4.678   1.00 58.94  ? 47  ARG A CG  1 
ATOM   322 C CD  . ARG A 1 47  ? 7.453   3.141   3.152   1.00 57.17  ? 47  ARG A CD  1 
ATOM   323 N NE  . ARG A 1 47  ? 8.598   2.348   2.714   1.00 54.27  ? 47  ARG A NE  1 
ATOM   324 C CZ  . ARG A 1 47  ? 8.895   2.091   1.441   1.00 57.15  ? 47  ARG A CZ  1 
ATOM   325 N NH1 . ARG A 1 47  ? 8.122   2.556   0.467   1.00 66.54  ? 47  ARG A NH1 1 
ATOM   326 N NH2 . ARG A 1 47  ? 9.974   1.369   1.139   1.00 56.54  ? 47  ARG A NH2 1 
ATOM   327 N N   . TRP A 1 48  ? 4.088   1.937   6.522   1.00 52.21  ? 48  TRP A N   1 
ATOM   328 C CA  . TRP A 1 48  ? 3.808   0.584   7.007   1.00 74.62  ? 48  TRP A CA  1 
ATOM   329 C C   . TRP A 1 48  ? 2.530   0.014   6.383   1.00 63.62  ? 48  TRP A C   1 
ATOM   330 O O   . TRP A 1 48  ? 2.448   -1.190  6.122   1.00 56.14  ? 48  TRP A O   1 
ATOM   331 C CB  . TRP A 1 48  ? 3.712   0.557   8.534   1.00 77.70  ? 48  TRP A CB  1 
ATOM   332 C CG  . TRP A 1 48  ? 3.111   -0.726  9.069   1.00 77.93  ? 48  TRP A CG  1 
ATOM   333 C CD1 . TRP A 1 48  ? 1.777   -1.046  9.168   1.00 79.45  ? 48  TRP A CD1 1 
ATOM   334 C CD2 . TRP A 1 48  ? 3.829   -1.883  9.508   1.00 76.84  ? 48  TRP A CD2 1 
ATOM   335 N NE1 . TRP A 1 48  ? 1.630   -2.312  9.668   1.00 81.01  ? 48  TRP A NE1 1 
ATOM   336 C CE2 . TRP A 1 48  ? 2.873   -2.851  9.883   1.00 80.90  ? 48  TRP A CE2 1 
ATOM   337 C CE3 . TRP A 1 48  ? 5.186   -2.194  9.627   1.00 77.64  ? 48  TRP A CE3 1 
ATOM   338 C CZ2 . TRP A 1 48  ? 3.236   -4.102  10.377  1.00 77.51  ? 48  TRP A CZ2 1 
ATOM   339 C CZ3 . TRP A 1 48  ? 5.540   -3.438  10.116  1.00 78.43  ? 48  TRP A CZ3 1 
ATOM   340 C CH2 . TRP A 1 48  ? 4.570   -4.374  10.479  1.00 76.46  ? 48  TRP A CH2 1 
ATOM   341 N N   . ASN A 1 49  ? 1.522   0.850   6.139   1.00 60.99  ? 49  ASN A N   1 
ATOM   342 C CA  . ASN A 1 49  ? 0.299   0.346   5.516   1.00 66.30  ? 49  ASN A CA  1 
ATOM   343 C C   . ASN A 1 49  ? 0.467   0.054   4.032   1.00 70.27  ? 49  ASN A C   1 
ATOM   344 O O   . ASN A 1 49  ? -0.321  -0.726  3.490   1.00 64.66  ? 49  ASN A O   1 
ATOM   345 C CB  . ASN A 1 49  ? -0.863  1.331   5.684   1.00 67.46  ? 49  ASN A CB  1 
ATOM   346 C CG  . ASN A 1 49  ? -1.529  1.226   7.040   1.00 63.96  ? 49  ASN A CG  1 
ATOM   347 O OD1 . ASN A 1 49  ? -1.529  0.166   7.684   1.00 63.45  ? 49  ASN A OD1 1 
ATOM   348 N ND2 . ASN A 1 49  ? -2.087  2.340   7.495   1.00 65.37  ? 49  ASN A ND2 1 
ATOM   349 N N   . GLU A 1 50  ? 1.447   0.678   3.357   1.00 59.86  ? 50  GLU A N   1 
ATOM   350 C CA  . GLU A 1 50  ? 1.631   0.480   1.925   1.00 63.22  ? 50  GLU A CA  1 
ATOM   351 C C   . GLU A 1 50  ? 2.862   -0.351  1.590   1.00 58.23  ? 50  GLU A C   1 
ATOM   352 O O   . GLU A 1 50  ? 3.039   -0.729  0.427   1.00 65.34  ? 50  GLU A O   1 
ATOM   353 C CB  . GLU A 1 50  ? 1.712   1.836   1.184   1.00 71.72  ? 50  GLU A CB  1 
ATOM   354 C CG  . GLU A 1 50  ? 0.571   2.802   1.488   1.00 79.36  ? 50  GLU A CG  1 
ATOM   355 C CD  . GLU A 1 50  ? -0.810  2.268   1.079   1.00 85.01  ? 50  GLU A CD  1 
ATOM   356 O OE1 . GLU A 1 50  ? -1.798  2.579   1.781   1.00 87.96  ? 50  GLU A OE1 1 
ATOM   357 O OE2 . GLU A 1 50  ? -0.917  1.564   0.050   1.00 87.11  ? 50  GLU A OE2 1 
ATOM   358 N N   . TRP A 1 51  ? 3.686   -0.690  2.571   1.00 49.02  ? 51  TRP A N   1 
ATOM   359 C CA  . TRP A 1 51  ? 4.917   -1.374  2.220   1.00 55.86  ? 51  TRP A CA  1 
ATOM   360 C C   . TRP A 1 51  ? 5.401   -2.316  3.317   1.00 54.72  ? 51  TRP A C   1 
ATOM   361 O O   . TRP A 1 51  ? 5.555   -3.518  3.082   1.00 55.39  ? 51  TRP A O   1 
ATOM   362 C CB  . TRP A 1 51  ? 6.004   -0.332  1.866   1.00 55.38  ? 51  TRP A CB  1 
ATOM   363 C CG  . TRP A 1 51  ? 7.323   -0.960  1.657   1.00 60.15  ? 51  TRP A CG  1 
ATOM   364 C CD1 . TRP A 1 51  ? 8.409   -0.904  2.502   1.00 68.03  ? 51  TRP A CD1 1 
ATOM   365 C CD2 . TRP A 1 51  ? 7.711   -1.779  0.556   1.00 60.36  ? 51  TRP A CD2 1 
ATOM   366 N NE1 . TRP A 1 51  ? 9.451   -1.629  1.974   1.00 75.63  ? 51  TRP A NE1 1 
ATOM   367 C CE2 . TRP A 1 51  ? 9.050   -2.175  0.781   1.00 68.55  ? 51  TRP A CE2 1 
ATOM   368 C CE3 . TRP A 1 51  ? 7.070   -2.204  -0.608  1.00 61.19  ? 51  TRP A CE3 1 
ATOM   369 C CZ2 . TRP A 1 51  ? 9.750   -2.980  -0.117  1.00 71.60  ? 51  TRP A CZ2 1 
ATOM   370 C CZ3 . TRP A 1 51  ? 7.770   -3.004  -1.498  1.00 63.03  ? 51  TRP A CZ3 1 
ATOM   371 C CH2 . TRP A 1 51  ? 9.088   -3.389  -1.242  1.00 65.52  ? 51  TRP A CH2 1 
ATOM   372 N N   . LEU A 1 52  ? 5.654   -1.789  4.515   1.00 59.89  ? 52  LEU A N   1 
ATOM   373 C CA  . LEU A 1 52  ? 6.405   -2.568  5.492   1.00 65.20  ? 52  LEU A CA  1 
ATOM   374 C C   . LEU A 1 52  ? 5.581   -3.703  6.069   1.00 61.22  ? 52  LEU A C   1 
ATOM   375 O O   . LEU A 1 52  ? 6.145   -4.732  6.466   1.00 59.23  ? 52  LEU A O   1 
ATOM   376 C CB  . LEU A 1 52  ? 6.913   -1.670  6.620   1.00 68.19  ? 52  LEU A CB  1 
ATOM   377 C CG  . LEU A 1 52  ? 8.392   -1.291  6.556   1.00 74.47  ? 52  LEU A CG  1 
ATOM   378 C CD1 . LEU A 1 52  ? 8.896   -0.857  7.924   1.00 71.90  ? 52  LEU A CD1 1 
ATOM   379 C CD2 . LEU A 1 52  ? 9.218   -2.453  6.008   1.00 76.39  ? 52  LEU A CD2 1 
ATOM   380 N N   . ASP A 1 53  ? 4.269   -3.532  6.149   1.00 60.15  ? 53  ASP A N   1 
ATOM   381 C CA  . ASP A 1 53  ? 3.424   -4.583  6.701   1.00 57.77  ? 53  ASP A CA  1 
ATOM   382 C C   . ASP A 1 53  ? 3.673   -5.881  5.949   1.00 60.36  ? 53  ASP A C   1 
ATOM   383 O O   . ASP A 1 53  ? 3.593   -5.908  4.708   1.00 56.82  ? 53  ASP A O   1 
ATOM   384 C CB  . ASP A 1 53  ? 1.950   -4.188  6.618   1.00 63.69  ? 53  ASP A CB  1 
ATOM   385 C CG  . ASP A 1 53  ? 1.018   -5.171  7.342   1.00 69.91  ? 53  ASP A CG  1 
ATOM   386 O OD1 . ASP A 1 53  ? 0.048   -4.700  7.973   1.00 66.02  ? 53  ASP A OD1 1 
ATOM   387 O OD2 . ASP A 1 53  ? 1.261   -6.398  7.286   1.00 68.43  ? 53  ASP A OD2 1 
ATOM   388 N N   . PRO A 1 54  ? 3.994   -6.979  6.643   1.00 75.89  ? 54  PRO A N   1 
ATOM   389 C CA  . PRO A 1 54  ? 4.285   -8.244  5.960   1.00 77.52  ? 54  PRO A CA  1 
ATOM   390 C C   . PRO A 1 54  ? 3.074   -8.889  5.327   1.00 70.82  ? 54  PRO A C   1 
ATOM   391 O O   . PRO A 1 54  ? 3.234   -9.896  4.628   1.00 68.65  ? 54  PRO A O   1 
ATOM   392 C CB  . PRO A 1 54  ? 4.841   -9.136  7.080   1.00 87.01  ? 54  PRO A CB  1 
ATOM   393 C CG  . PRO A 1 54  ? 5.184   -8.207  8.195   1.00 91.10  ? 54  PRO A CG  1 
ATOM   394 C CD  . PRO A 1 54  ? 4.227   -7.069  8.096   1.00 81.60  ? 54  PRO A CD  1 
ATOM   395 N N   . SER A 1 55  ? 1.873   -8.385  5.586   1.00 70.56  ? 55  SER A N   1 
ATOM   396 C CA  . SER A 1 55  ? 0.704   -8.905  4.895   1.00 78.00  ? 55  SER A CA  1 
ATOM   397 C C   . SER A 1 55  ? 0.542   -8.293  3.504   1.00 70.17  ? 55  SER A C   1 
ATOM   398 O O   . SER A 1 55  ? -0.192  -8.844  2.679   1.00 68.64  ? 55  SER A O   1 
ATOM   399 C CB  . SER A 1 55  ? -0.550  -8.676  5.746   1.00 85.37  ? 55  SER A CB  1 
ATOM   400 O OG  . SER A 1 55  ? -1.071  -7.370  5.539   1.00 88.03  ? 55  SER A OG  1 
ATOM   401 N N   . ILE A 1 56  ? 1.235   -7.191  3.217   1.00 68.02  ? 56  ILE A N   1 
ATOM   402 C CA  . ILE A 1 56  ? 1.241   -6.634  1.868   1.00 72.36  ? 56  ILE A CA  1 
ATOM   403 C C   . ILE A 1 56  ? 2.122   -7.484  0.964   1.00 74.50  ? 56  ILE A C   1 
ATOM   404 O O   . ILE A 1 56  ? 3.254   -7.834  1.322   1.00 79.28  ? 56  ILE A O   1 
ATOM   405 C CB  . ILE A 1 56  ? 1.717   -5.176  1.884   1.00 76.52  ? 56  ILE A CB  1 
ATOM   406 C CG1 . ILE A 1 56  ? 0.635   -4.269  2.460   1.00 79.57  ? 56  ILE A CG1 1 
ATOM   407 C CG2 . ILE A 1 56  ? 2.096   -4.712  0.494   1.00 80.32  ? 56  ILE A CG2 1 
ATOM   408 C CD1 . ILE A 1 56  ? 1.184   -3.282  3.440   1.00 80.39  ? 56  ILE A CD1 1 
ATOM   409 N N   . ARG A 1 57  ? 1.607   -7.819  -0.219  1.00 73.77  ? 57  ARG A N   1 
ATOM   410 C CA  . ARG A 1 57  ? 2.386   -8.585  -1.179  1.00 77.44  ? 57  ARG A CA  1 
ATOM   411 C C   . ARG A 1 57  ? 3.490   -7.723  -1.781  1.00 72.50  ? 57  ARG A C   1 
ATOM   412 O O   . ARG A 1 57  ? 3.346   -6.507  -1.944  1.00 66.68  ? 57  ARG A O   1 
ATOM   413 C CB  . ARG A 1 57  ? 1.493   -9.159  -2.287  1.00 80.24  ? 57  ARG A CB  1 
ATOM   414 C CG  . ARG A 1 57  ? 0.225   -9.873  -1.790  1.00 87.89  ? 57  ARG A CG  1 
ATOM   415 C CD  . ARG A 1 57  ? -0.394  -10.801 -2.854  1.00 85.73  ? 57  ARG A CD  1 
ATOM   416 N NE  . ARG A 1 57  ? 0.622   -11.428 -3.703  1.00 91.03  ? 57  ARG A NE  1 
ATOM   417 C CZ  . ARG A 1 57  ? 0.691   -12.734 -3.967  1.00 97.86  ? 57  ARG A CZ  1 
ATOM   418 N NH1 . ARG A 1 57  ? -0.194  -13.572 -3.446  1.00 106.41 ? 57  ARG A NH1 1 
ATOM   419 N NH2 . ARG A 1 57  ? 1.651   -13.211 -4.748  1.00 101.01 ? 57  ARG A NH2 1 
ATOM   420 N N   . LYS A 1 58  ? 4.606   -8.369  -2.107  1.00 78.52  ? 58  LYS A N   1 
ATOM   421 C CA  . LYS A 1 58  ? 5.766   -7.693  -2.662  1.00 84.06  ? 58  LYS A CA  1 
ATOM   422 C C   . LYS A 1 58  ? 6.070   -8.096  -4.096  1.00 89.72  ? 58  LYS A C   1 
ATOM   423 O O   . LYS A 1 58  ? 6.850   -7.407  -4.761  1.00 92.70  ? 58  LYS A O   1 
ATOM   424 C CB  . LYS A 1 58  ? 7.001   -7.962  -1.788  1.00 84.67  ? 58  LYS A CB  1 
ATOM   425 C CG  . LYS A 1 58  ? 7.335   -6.816  -0.849  1.00 81.60  ? 58  LYS A CG  1 
ATOM   426 C CD  . LYS A 1 58  ? 6.326   -6.717  0.266   1.00 73.90  ? 58  LYS A CD  1 
ATOM   427 C CE  . LYS A 1 58  ? 6.731   -5.650  1.265   1.00 67.67  ? 58  LYS A CE  1 
ATOM   428 N NZ  . LYS A 1 58  ? 6.014   -5.802  2.574   1.00 64.00  ? 58  LYS A NZ  1 
ATOM   429 N N   . ILE A 1 59  ? 5.467   -9.174  -4.586  1.00 92.57  ? 59  ILE A N   1 
ATOM   430 C CA  . ILE A 1 59  ? 5.721   -9.664  -5.932  1.00 95.50  ? 59  ILE A CA  1 
ATOM   431 C C   . ILE A 1 59  ? 4.920   -8.831  -6.932  1.00 84.57  ? 59  ILE A C   1 
ATOM   432 O O   . ILE A 1 59  ? 3.982   -8.116  -6.574  1.00 70.50  ? 59  ILE A O   1 
ATOM   433 C CB  . ILE A 1 59  ? 5.349   -11.160 -6.008  1.00 104.13 ? 59  ILE A CB  1 
ATOM   434 C CG1 . ILE A 1 59  ? 5.801   -11.856 -7.313  1.00 109.43 ? 59  ILE A CG1 1 
ATOM   435 C CG2 . ILE A 1 59  ? 3.860   -11.317 -5.778  1.00 103.76 ? 59  ILE A CG2 1 
ATOM   436 C CD1 . ILE A 1 59  ? 7.323   -11.972 -7.532  1.00 114.47 ? 59  ILE A CD1 1 
ATOM   437 N N   . GLU A 1 60  ? 5.317   -8.912  -8.201  1.00 88.74  ? 60  GLU A N   1 
ATOM   438 C CA  . GLU A 1 60  ? 4.578   -8.261  -9.269  1.00 90.75  ? 60  GLU A CA  1 
ATOM   439 C C   . GLU A 1 60  ? 3.142   -8.784  -9.319  1.00 74.43  ? 60  GLU A C   1 
ATOM   440 O O   . GLU A 1 60  ? 2.833   -9.881  -8.850  1.00 68.72  ? 60  GLU A O   1 
ATOM   441 C CB  . GLU A 1 60  ? 5.265   -8.497  -10.615 1.00 101.33 ? 60  GLU A CB  1 
ATOM   442 C CG  . GLU A 1 60  ? 5.776   -9.921  -10.790 1.00 111.91 ? 60  GLU A CG  1 
ATOM   443 C CD  . GLU A 1 60  ? 7.203   -10.094 -10.307 1.00 122.41 ? 60  GLU A CD  1 
ATOM   444 O OE1 . GLU A 1 60  ? 7.599   -9.419  -9.330  1.00 123.17 ? 60  GLU A OE1 1 
ATOM   445 O OE2 . GLU A 1 60  ? 7.921   -10.932 -10.890 1.00 129.34 ? 60  GLU A OE2 1 
ATOM   446 N N   . TRP A 1 61  ? 2.265   -7.978  -9.904  1.00 71.28  ? 61  TRP A N   1 
ATOM   447 C CA  . TRP A 1 61  ? 0.871   -8.377  -10.062 1.00 72.07  ? 61  TRP A CA  1 
ATOM   448 C C   . TRP A 1 61  ? 0.758   -9.559  -11.015 1.00 70.27  ? 61  TRP A C   1 
ATOM   449 O O   . TRP A 1 61  ? 1.233   -9.504  -12.153 1.00 68.05  ? 61  TRP A O   1 
ATOM   450 C CB  . TRP A 1 61  ? 0.043   -7.209  -10.588 1.00 70.65  ? 61  TRP A CB  1 
ATOM   451 C CG  . TRP A 1 61  ? -0.360  -6.208  -9.538  1.00 68.74  ? 61  TRP A CG  1 
ATOM   452 C CD1 . TRP A 1 61  ? 0.445   -5.271  -8.922  1.00 61.76  ? 61  TRP A CD1 1 
ATOM   453 C CD2 . TRP A 1 61  ? -1.672  -6.032  -8.988  1.00 64.68  ? 61  TRP A CD2 1 
ATOM   454 N NE1 . TRP A 1 61  ? -0.295  -4.532  -8.028  1.00 61.34  ? 61  TRP A NE1 1 
ATOM   455 C CE2 . TRP A 1 61  ? -1.595  -4.982  -8.045  1.00 60.75  ? 61  TRP A CE2 1 
ATOM   456 C CE3 . TRP A 1 61  ? -2.910  -6.655  -9.211  1.00 70.87  ? 61  TRP A CE3 1 
ATOM   457 C CZ2 . TRP A 1 61  ? -2.711  -4.539  -7.329  1.00 59.99  ? 61  TRP A CZ2 1 
ATOM   458 C CZ3 . TRP A 1 61  ? -4.017  -6.225  -8.485  1.00 64.45  ? 61  TRP A CZ3 1 
ATOM   459 C CH2 . TRP A 1 61  ? -3.909  -5.180  -7.554  1.00 62.09  ? 61  TRP A CH2 1 
ATOM   460 N N   . SER A 1 62  ? 0.151   -10.639 -10.542 1.00 76.03  ? 62  SER A N   1 
ATOM   461 C CA  . SER A 1 62  ? -0.256  -11.707 -11.437 1.00 86.12  ? 62  SER A CA  1 
ATOM   462 C C   . SER A 1 62  ? -1.515  -11.286 -12.181 1.00 88.63  ? 62  SER A C   1 
ATOM   463 O O   . SER A 1 62  ? -2.361  -10.564 -11.646 1.00 84.79  ? 62  SER A O   1 
ATOM   464 C CB  . SER A 1 62  ? -0.520  -13.002 -10.668 1.00 84.29  ? 62  SER A CB  1 
ATOM   465 O OG  . SER A 1 62  ? -1.799  -12.961 -10.062 1.00 80.08  ? 62  SER A OG  1 
ATOM   466 N N   . LYS A 1 63  ? -1.636  -11.741 -13.428 1.00 95.44  ? 63  LYS A N   1 
ATOM   467 C CA  . LYS A 1 63  ? -2.818  -11.395 -14.207 1.00 102.09 ? 63  LYS A CA  1 
ATOM   468 C C   . LYS A 1 63  ? -4.037  -12.203 -13.785 1.00 89.70  ? 63  LYS A C   1 
ATOM   469 O O   . LYS A 1 63  ? -5.145  -11.911 -14.236 1.00 85.41  ? 63  LYS A O   1 
ATOM   470 C CB  . LYS A 1 63  ? -2.536  -11.558 -15.700 1.00 113.81 ? 63  LYS A CB  1 
ATOM   471 C CG  . LYS A 1 63  ? -1.942  -10.291 -16.298 1.00 115.08 ? 63  LYS A CG  1 
ATOM   472 C CD  . LYS A 1 63  ? -1.340  -10.484 -17.683 1.00 117.05 ? 63  LYS A CD  1 
ATOM   473 C CE  . LYS A 1 63  ? -2.115  -9.677  -18.726 1.00 117.07 ? 63  LYS A CE  1 
ATOM   474 N NZ  . LYS A 1 63  ? -1.550  -8.298  -18.961 1.00 116.53 ? 63  LYS A NZ  1 
ATOM   475 N N   . ASP A 1 64  ? -3.856  -13.195 -12.917 1.00 89.53  ? 64  ASP A N   1 
ATOM   476 C CA  . ASP A 1 64  ? -4.986  -13.686 -12.141 1.00 90.73  ? 64  ASP A CA  1 
ATOM   477 C C   . ASP A 1 64  ? -5.487  -12.608 -11.188 1.00 80.91  ? 64  ASP A C   1 
ATOM   478 O O   . ASP A 1 64  ? -6.701  -12.464 -11.000 1.00 79.16  ? 64  ASP A O   1 
ATOM   479 C CB  . ASP A 1 64  ? -4.593  -14.954 -11.380 1.00 98.33  ? 64  ASP A CB  1 
ATOM   480 C CG  . ASP A 1 64  ? -5.733  -15.511 -10.550 1.00 104.37 ? 64  ASP A CG  1 
ATOM   481 O OD1 . ASP A 1 64  ? -5.475  -16.005 -9.431  1.00 105.92 ? 64  ASP A OD1 1 
ATOM   482 O OD2 . ASP A 1 64  ? -6.893  -15.450 -11.016 1.00 108.30 ? 64  ASP A OD2 1 
ATOM   483 N N   . GLU A 1 65  ? -4.572  -11.825 -10.606 1.00 73.75  ? 65  GLU A N   1 
ATOM   484 C CA  . GLU A 1 65  ? -4.970  -10.700 -9.769  1.00 69.95  ? 65  GLU A CA  1 
ATOM   485 C C   . GLU A 1 65  ? -5.471  -9.525  -10.602 1.00 63.63  ? 65  GLU A C   1 
ATOM   486 O O   . GLU A 1 65  ? -6.273  -8.718  -10.115 1.00 55.16  ? 65  GLU A O   1 
ATOM   487 C CB  . GLU A 1 65  ? -3.793  -10.237 -8.906  1.00 76.93  ? 65  GLU A CB  1 
ATOM   488 C CG  . GLU A 1 65  ? -3.314  -11.208 -7.835  1.00 81.37  ? 65  GLU A CG  1 
ATOM   489 C CD  . GLU A 1 65  ? -2.307  -10.559 -6.903  1.00 80.82  ? 65  GLU A CD  1 
ATOM   490 O OE1 . GLU A 1 65  ? -1.240  -10.141 -7.396  1.00 81.39  ? 65  GLU A OE1 1 
ATOM   491 O OE2 . GLU A 1 65  ? -2.582  -10.466 -5.687  1.00 79.07  ? 65  GLU A OE2 1 
ATOM   492 N N   . ASP A 1 66  ? -4.974  -9.380  -11.835 1.00 66.89  ? 66  ASP A N   1 
ATOM   493 C CA  . ASP A 1 66  ? -5.447  -8.301  -12.696 1.00 67.66  ? 66  ASP A CA  1 
ATOM   494 C C   . ASP A 1 66  ? -6.887  -8.554  -13.126 1.00 67.69  ? 66  ASP A C   1 
ATOM   495 O O   . ASP A 1 66  ? -7.725  -7.643  -13.092 1.00 63.58  ? 66  ASP A O   1 
ATOM   496 C CB  . ASP A 1 66  ? -4.540  -8.169  -13.923 1.00 74.01  ? 66  ASP A CB  1 
ATOM   497 C CG  . ASP A 1 66  ? -3.289  -7.325  -13.666 1.00 70.11  ? 66  ASP A CG  1 
ATOM   498 O OD1 . ASP A 1 66  ? -3.145  -6.739  -12.569 1.00 64.25  ? 66  ASP A OD1 1 
ATOM   499 O OD2 . ASP A 1 66  ? -2.438  -7.256  -14.585 1.00 71.10  ? 66  ASP A OD2 1 
ATOM   500 N N   . GLU A 1 67  ? -7.193  -9.791  -13.522 1.00 69.04  ? 67  GLU A N   1 
ATOM   501 C CA  . GLU A 1 67  ? -8.557  -10.143 -13.899 1.00 78.50  ? 67  GLU A CA  1 
ATOM   502 C C   . GLU A 1 67  ? -9.519  -10.028 -12.723 1.00 76.64  ? 67  GLU A C   1 
ATOM   503 O O   . GLU A 1 67  ? -10.664 -9.596  -12.902 1.00 78.49  ? 67  GLU A O   1 
ATOM   504 C CB  . GLU A 1 67  ? -8.589  -11.559 -14.477 1.00 90.70  ? 67  GLU A CB  1 
ATOM   505 C CG  . GLU A 1 67  ? -9.860  -11.866 -15.265 1.00 104.07 ? 67  GLU A CG  1 
ATOM   506 C CD  . GLU A 1 67  ? -10.030 -13.344 -15.580 1.00 116.91 ? 67  GLU A CD  1 
ATOM   507 O OE1 . GLU A 1 67  ? -11.032 -13.941 -15.132 1.00 121.60 ? 67  GLU A OE1 1 
ATOM   508 O OE2 . GLU A 1 67  ? -9.165  -13.906 -16.285 1.00 123.11 ? 67  GLU A OE2 1 
ATOM   509 N N   . LYS A 1 68  ? -9.089  -10.421 -11.524 1.00 75.29  ? 68  LYS A N   1 
ATOM   510 C CA  . LYS A 1 68  ? -9.929  -10.214 -10.347 1.00 76.15  ? 68  LYS A CA  1 
ATOM   511 C C   . LYS A 1 68  ? -10.198 -8.730  -10.132 1.00 70.67  ? 68  LYS A C   1 
ATOM   512 O O   . LYS A 1 68  ? -11.321 -8.332  -9.801  1.00 71.85  ? 68  LYS A O   1 
ATOM   513 C CB  . LYS A 1 68  ? -9.261  -10.825 -9.116  1.00 73.30  ? 68  LYS A CB  1 
ATOM   514 C CG  . LYS A 1 68  ? -10.198 -11.150 -7.975  1.00 74.99  ? 68  LYS A CG  1 
ATOM   515 C CD  . LYS A 1 68  ? -10.638 -12.607 -8.020  1.00 83.60  ? 68  LYS A CD  1 
ATOM   516 C CE  . LYS A 1 68  ? -9.943  -13.426 -6.935  1.00 85.07  ? 68  LYS A CE  1 
ATOM   517 N NZ  . LYS A 1 68  ? -10.277 -14.878 -7.020  1.00 89.15  ? 68  LYS A NZ  1 
ATOM   518 N N   . LEU A 1 69  ? -9.175  -7.898  -10.331 1.00 70.84  ? 69  LEU A N   1 
ATOM   519 C CA  . LEU A 1 69  ? -9.325  -6.458  -10.157 1.00 66.96  ? 69  LEU A CA  1 
ATOM   520 C C   . LEU A 1 69  ? -10.239 -5.867  -11.231 1.00 66.68  ? 69  LEU A C   1 
ATOM   521 O O   . LEU A 1 69  ? -11.032 -4.959  -10.951 1.00 63.99  ? 69  LEU A O   1 
ATOM   522 C CB  . LEU A 1 69  ? -7.939  -5.814  -10.181 1.00 68.82  ? 69  LEU A CB  1 
ATOM   523 C CG  . LEU A 1 69  ? -7.662  -4.353  -9.814  1.00 65.31  ? 69  LEU A CG  1 
ATOM   524 C CD1 . LEU A 1 69  ? -7.896  -3.496  -11.020 1.00 73.19  ? 69  LEU A CD1 1 
ATOM   525 C CD2 . LEU A 1 69  ? -8.483  -3.867  -8.632  1.00 65.27  ? 69  LEU A CD2 1 
ATOM   526 N N   . LEU A 1 70  ? -10.162 -6.384  -12.456 1.00 69.22  ? 70  LEU A N   1 
ATOM   527 C CA  . LEU A 1 70  ? -11.015 -5.880  -13.525 1.00 76.56  ? 70  LEU A CA  1 
ATOM   528 C C   . LEU A 1 70  ? -12.485 -6.263  -13.322 1.00 74.08  ? 70  LEU A C   1 
ATOM   529 O O   . LEU A 1 70  ? -13.375 -5.423  -13.505 1.00 70.12  ? 70  LEU A O   1 
ATOM   530 C CB  . LEU A 1 70  ? -10.481 -6.376  -14.870 1.00 78.02  ? 70  LEU A CB  1 
ATOM   531 C CG  . LEU A 1 70  ? -9.156  -5.681  -15.241 1.00 71.98  ? 70  LEU A CG  1 
ATOM   532 C CD1 . LEU A 1 70  ? -8.389  -6.380  -16.367 1.00 68.33  ? 70  LEU A CD1 1 
ATOM   533 C CD2 . LEU A 1 70  ? -9.436  -4.241  -15.615 1.00 74.23  ? 70  LEU A CD2 1 
ATOM   534 N N   . HIS A 1 71  ? -12.764 -7.512  -12.923 1.00 74.19  ? 71  HIS A N   1 
ATOM   535 C CA  . HIS A 1 71  ? -14.150 -7.930  -12.706 1.00 79.14  ? 71  HIS A CA  1 
ATOM   536 C C   . HIS A 1 71  ? -14.818 -7.113  -11.606 1.00 69.71  ? 71  HIS A C   1 
ATOM   537 O O   . HIS A 1 71  ? -15.978 -6.710  -11.741 1.00 63.24  ? 71  HIS A O   1 
ATOM   538 C CB  . HIS A 1 71  ? -14.202 -9.419  -12.361 1.00 84.68  ? 71  HIS A CB  1 
ATOM   539 C CG  . HIS A 1 71  ? -13.799 -10.310 -13.493 1.00 96.80  ? 71  HIS A CG  1 
ATOM   540 N ND1 . HIS A 1 71  ? -14.005 -9.971  -14.812 1.00 102.34 ? 71  HIS A ND1 1 
ATOM   541 C CD2 . HIS A 1 71  ? -13.189 -11.520 -13.503 1.00 100.67 ? 71  HIS A CD2 1 
ATOM   542 C CE1 . HIS A 1 71  ? -13.549 -10.939 -15.589 1.00 108.76 ? 71  HIS A CE1 1 
ATOM   543 N NE2 . HIS A 1 71  ? -13.050 -11.888 -14.820 1.00 106.10 ? 71  HIS A NE2 1 
ATOM   544 N N   . LEU A 1 72  ? -14.095 -6.840  -10.521 1.00 61.26  ? 72  LEU A N   1 
ATOM   545 C CA  . LEU A 1 72  ? -14.700 -6.175  -9.375  1.00 58.27  ? 72  LEU A CA  1 
ATOM   546 C C   . LEU A 1 72  ? -14.814 -4.667  -9.543  1.00 65.53  ? 72  LEU A C   1 
ATOM   547 O O   . LEU A 1 72  ? -15.681 -4.052  -8.908  1.00 65.07  ? 72  LEU A O   1 
ATOM   548 C CB  . LEU A 1 72  ? -13.910 -6.502  -8.111  1.00 61.20  ? 72  LEU A CB  1 
ATOM   549 C CG  . LEU A 1 72  ? -14.209 -7.933  -7.664  1.00 71.21  ? 72  LEU A CG  1 
ATOM   550 C CD1 . LEU A 1 72  ? -13.097 -8.550  -6.803  1.00 75.92  ? 72  LEU A CD1 1 
ATOM   551 C CD2 . LEU A 1 72  ? -15.563 -7.953  -6.964  1.00 67.76  ? 72  LEU A CD2 1 
ATOM   552 N N   . ALA A 1 73  ? -13.948 -4.056  -10.367 1.00 63.28  ? 73  ALA A N   1 
ATOM   553 C CA  . ALA A 1 73  ? -14.017 -2.615  -10.600 1.00 68.36  ? 73  ALA A CA  1 
ATOM   554 C C   . ALA A 1 73  ? -15.171 -2.256  -11.516 1.00 70.32  ? 73  ALA A C   1 
ATOM   555 O O   . ALA A 1 73  ? -15.736 -1.162  -11.410 1.00 70.63  ? 73  ALA A O   1 
ATOM   556 C CB  . ALA A 1 73  ? -12.704 -2.100  -11.203 1.00 65.17  ? 73  ALA A CB  1 
ATOM   557 N N   . LYS A 1 74  ? -15.517 -3.148  -12.432 1.00 75.34  ? 74  LYS A N   1 
ATOM   558 C CA  . LYS A 1 74  ? -16.703 -2.927  -13.238 1.00 85.03  ? 74  LYS A CA  1 
ATOM   559 C C   . LYS A 1 74  ? -17.970 -3.228  -12.441 1.00 86.28  ? 74  LYS A C   1 
ATOM   560 O O   . LYS A 1 74  ? -19.011 -2.594  -12.649 1.00 89.93  ? 74  LYS A O   1 
ATOM   561 C CB  . LYS A 1 74  ? -16.616 -3.787  -14.492 1.00 91.67  ? 74  LYS A CB  1 
ATOM   562 C CG  . LYS A 1 74  ? -17.836 -3.722  -15.327 1.00 100.91 ? 74  LYS A CG  1 
ATOM   563 C CD  . LYS A 1 74  ? -18.069 -5.022  -16.015 1.00 110.15 ? 74  LYS A CD  1 
ATOM   564 C CE  . LYS A 1 74  ? -19.175 -5.782  -15.330 1.00 110.93 ? 74  LYS A CE  1 
ATOM   565 N NZ  . LYS A 1 74  ? -19.823 -6.593  -16.400 1.00 120.83 ? 74  LYS A NZ  1 
ATOM   566 N N   . LEU A 1 75  ? -17.897 -4.181  -11.511 1.00 83.85  ? 75  LEU A N   1 
ATOM   567 C CA  . LEU A 1 75  ? -19.068 -4.534  -10.714 1.00 81.51  ? 75  LEU A CA  1 
ATOM   568 C C   . LEU A 1 75  ? -19.396 -3.450  -9.696  1.00 81.08  ? 75  LEU A C   1 
ATOM   569 O O   . LEU A 1 75  ? -20.563 -3.076  -9.526  1.00 83.94  ? 75  LEU A O   1 
ATOM   570 C CB  . LEU A 1 75  ? -18.842 -5.868  -10.010 1.00 73.38  ? 75  LEU A CB  1 
ATOM   571 C CG  . LEU A 1 75  ? -20.016 -6.378  -9.154  1.00 75.94  ? 75  LEU A CG  1 
ATOM   572 C CD1 . LEU A 1 75  ? -21.298 -6.385  -9.921  1.00 65.05  ? 75  LEU A CD1 1 
ATOM   573 C CD2 . LEU A 1 75  ? -19.742 -7.754  -8.594  1.00 77.31  ? 75  LEU A CD2 1 
ATOM   574 N N   . MET A 1 76  ? -18.385 -2.946  -8.993  1.00 103.19 ? 76  MET A N   1 
ATOM   575 C CA  . MET A 1 76  ? -18.580 -1.987  -7.905  1.00 103.61 ? 76  MET A CA  1 
ATOM   576 C C   . MET A 1 76  ? -17.607 -0.828  -8.042  1.00 101.14 ? 76  MET A C   1 
ATOM   577 O O   . MET A 1 76  ? -16.565 -0.783  -7.378  1.00 97.78  ? 76  MET A O   1 
ATOM   578 C CB  . MET A 1 76  ? -18.435 -2.678  -6.550  1.00 103.54 ? 76  MET A CB  1 
ATOM   579 C CG  . MET A 1 76  ? -19.081 -4.055  -6.525  1.00 101.45 ? 76  MET A CG  1 
ATOM   580 S SD  . MET A 1 76  ? -19.345 -4.640  -4.876  1.00 101.23 ? 76  MET A SD  1 
ATOM   581 C CE  . MET A 1 76  ? -20.012 -3.174  -4.108  1.00 107.11 ? 76  MET A CE  1 
ATOM   582 N N   . PRO A 1 77  ? -17.918 0.143   -8.913  1.00 100.47 ? 77  PRO A N   1 
ATOM   583 C CA  . PRO A 1 77  ? -17.110 1.363   -8.975  1.00 100.43 ? 77  PRO A CA  1 
ATOM   584 C C   . PRO A 1 77  ? -17.458 2.388   -7.906  1.00 112.08 ? 77  PRO A C   1 
ATOM   585 O O   . PRO A 1 77  ? -16.795 3.429   -7.834  1.00 107.24 ? 77  PRO A O   1 
ATOM   586 C CB  . PRO A 1 77  ? -17.427 1.897   -10.378 1.00 95.56  ? 77  PRO A CB  1 
ATOM   587 C CG  . PRO A 1 77  ? -18.847 1.456   -10.618 1.00 94.50  ? 77  PRO A CG  1 
ATOM   588 C CD  . PRO A 1 77  ? -18.969 0.110   -9.944  1.00 96.86  ? 77  PRO A CD  1 
ATOM   589 N N   . THR A 1 78  ? -18.461 2.109   -7.070  1.00 120.76 ? 78  THR A N   1 
ATOM   590 C CA  . THR A 1 78  ? -18.921 3.019   -6.026  1.00 127.81 ? 78  THR A CA  1 
ATOM   591 C C   . THR A 1 78  ? -18.090 2.929   -4.744  1.00 132.37 ? 78  THR A C   1 
ATOM   592 O O   . THR A 1 78  ? -18.341 3.695   -3.808  1.00 136.46 ? 78  THR A O   1 
ATOM   593 C CB  . THR A 1 78  ? -20.404 2.750   -5.709  1.00 129.38 ? 78  THR A CB  1 
ATOM   594 O OG1 . THR A 1 78  ? -21.096 2.388   -6.911  1.00 126.55 ? 78  THR A OG1 1 
ATOM   595 C CG2 . THR A 1 78  ? -21.083 3.985   -5.118  1.00 132.77 ? 78  THR A CG2 1 
ATOM   596 N N   . GLN A 1 79  ? -17.107 2.027   -4.674  1.00 130.90 ? 79  GLN A N   1 
ATOM   597 C CA  . GLN A 1 79  ? -16.270 1.912   -3.482  1.00 132.95 ? 79  GLN A CA  1 
ATOM   598 C C   . GLN A 1 79  ? -14.975 1.180   -3.828  1.00 125.56 ? 79  GLN A C   1 
ATOM   599 O O   . GLN A 1 79  ? -15.017 0.134   -4.480  1.00 126.01 ? 79  GLN A O   1 
ATOM   600 C CB  . GLN A 1 79  ? -17.031 1.192   -2.350  1.00 138.72 ? 79  GLN A CB  1 
ATOM   601 C CG  . GLN A 1 79  ? -17.929 0.015   -2.774  1.00 136.35 ? 79  GLN A CG  1 
ATOM   602 C CD  . GLN A 1 79  ? -19.293 0.402   -3.285  1.00 129.76 ? 79  GLN A CD  1 
ATOM   603 O OE1 . GLN A 1 79  ? -20.067 1.065   -2.596  1.00 133.32 ? 79  GLN A OE1 1 
ATOM   604 N NE2 . GLN A 1 79  ? -19.602 -0.025  -4.501  1.00 123.99 ? 79  GLN A NE2 1 
ATOM   605 N N   . TRP A 1 80  ? -13.830 1.731   -3.398  1.00 119.60 ? 80  TRP A N   1 
ATOM   606 C CA  . TRP A 1 80  ? -12.504 1.168   -3.673  1.00 109.69 ? 80  TRP A CA  1 
ATOM   607 C C   . TRP A 1 80  ? -11.920 0.382   -2.502  1.00 101.57 ? 80  TRP A C   1 
ATOM   608 O O   . TRP A 1 80  ? -11.242 -0.629  -2.718  1.00 94.94  ? 80  TRP A O   1 
ATOM   609 C CB  . TRP A 1 80  ? -11.510 2.270   -4.076  1.00 110.74 ? 80  TRP A CB  1 
ATOM   610 C CG  . TRP A 1 80  ? -11.508 2.599   -5.561  1.00 107.81 ? 80  TRP A CG  1 
ATOM   611 C CD1 . TRP A 1 80  ? -12.008 3.726   -6.154  1.00 111.24 ? 80  TRP A CD1 1 
ATOM   612 C CD2 . TRP A 1 80  ? -10.995 1.783   -6.626  1.00 98.74  ? 80  TRP A CD2 1 
ATOM   613 N NE1 . TRP A 1 80  ? -11.833 3.664   -7.518  1.00 105.02 ? 80  TRP A NE1 1 
ATOM   614 C CE2 . TRP A 1 80  ? -11.218 2.481   -7.834  1.00 98.08  ? 80  TRP A CE2 1 
ATOM   615 C CE3 . TRP A 1 80  ? -10.375 0.531   -6.676  1.00 90.66  ? 80  TRP A CE3 1 
ATOM   616 C CZ2 . TRP A 1 80  ? -10.840 1.969   -9.075  1.00 89.06  ? 80  TRP A CZ2 1 
ATOM   617 C CZ3 . TRP A 1 80  ? -10.003 0.021   -7.909  1.00 84.06  ? 80  TRP A CZ3 1 
ATOM   618 C CH2 . TRP A 1 80  ? -10.235 0.742   -9.092  1.00 84.28  ? 80  TRP A CH2 1 
ATOM   619 N N   . ARG A 1 81  ? -12.164 0.816   -1.262  1.00 100.94 ? 81  ARG A N   1 
ATOM   620 C CA  . ARG A 1 81  ? -11.834 0.000   -0.101  1.00 106.38 ? 81  ARG A CA  1 
ATOM   621 C C   . ARG A 1 81  ? -12.668 -1.270  -0.032  1.00 112.79 ? 81  ARG A C   1 
ATOM   622 O O   . ARG A 1 81  ? -12.537 -2.026  0.940   1.00 110.78 ? 81  ARG A O   1 
ATOM   623 C CB  . ARG A 1 81  ? -12.022 0.808   1.186   1.00 111.45 ? 81  ARG A CB  1 
ATOM   624 C CG  . ARG A 1 81  ? -11.109 2.013   1.309   1.00 112.29 ? 81  ARG A CG  1 
ATOM   625 C CD  . ARG A 1 81  ? -11.908 3.305   1.379   1.00 118.68 ? 81  ARG A CD  1 
ATOM   626 N NE  . ARG A 1 81  ? -11.092 4.411   1.874   1.00 125.51 ? 81  ARG A NE  1 
ATOM   627 C CZ  . ARG A 1 81  ? -11.432 5.696   1.806   1.00 132.14 ? 81  ARG A CZ  1 
ATOM   628 N NH1 . ARG A 1 81  ? -10.612 6.625   2.285   1.00 134.53 ? 81  ARG A NH1 1 
ATOM   629 N NH2 . ARG A 1 81  ? -12.584 6.055   1.259   1.00 133.77 ? 81  ARG A NH2 1 
ATOM   630 N N   . THR A 1 82  ? -13.526 -1.500  -1.033  1.00 121.08 ? 82  THR A N   1 
ATOM   631 C CA  . THR A 1 82  ? -14.375 -2.678  -1.140  1.00 127.22 ? 82  THR A CA  1 
ATOM   632 C C   . THR A 1 82  ? -13.732 -3.773  -1.983  1.00 116.96 ? 82  THR A C   1 
ATOM   633 O O   . THR A 1 82  ? -13.896 -4.955  -1.672  1.00 115.47 ? 82  THR A O   1 
ATOM   634 C CB  . THR A 1 82  ? -15.737 -2.282  -1.743  1.00 134.74 ? 82  THR A CB  1 
ATOM   635 O OG1 . THR A 1 82  ? -16.750 -3.226  -1.377  1.00 137.60 ? 82  THR A OG1 1 
ATOM   636 C CG2 . THR A 1 82  ? -15.686 -2.190  -3.284  1.00 133.80 ? 82  THR A CG2 1 
ATOM   637 N N   . ILE A 1 83  ? -12.949 -3.410  -3.006  1.00 112.36 ? 83  ILE A N   1 
ATOM   638 C CA  . ILE A 1 83  ? -12.259 -4.411  -3.818  1.00 111.10 ? 83  ILE A CA  1 
ATOM   639 C C   . ILE A 1 83  ? -11.103 -5.035  -3.038  1.00 102.67 ? 83  ILE A C   1 
ATOM   640 O O   . ILE A 1 83  ? -10.779 -6.217  -3.226  1.00 94.50  ? 83  ILE A O   1 
ATOM   641 C CB  . ILE A 1 83  ? -11.758 -3.794  -5.149  1.00 114.83 ? 83  ILE A CB  1 
ATOM   642 C CG1 . ILE A 1 83  ? -12.883 -3.536  -6.171  1.00 116.91 ? 83  ILE A CG1 1 
ATOM   643 C CG2 . ILE A 1 83  ? -10.666 -4.629  -5.786  1.00 113.56 ? 83  ILE A CG2 1 
ATOM   644 C CD1 . ILE A 1 83  ? -13.714 -2.297  -5.933  1.00 119.52 ? 83  ILE A CD1 1 
ATOM   645 N N   . ALA A 1 84  ? -10.470 -4.258  -2.155  1.00 100.41 ? 84  ALA A N   1 
ATOM   646 C CA  . ALA A 1 84  ? -9.244  -4.614  -1.452  1.00 98.83  ? 84  ALA A CA  1 
ATOM   647 C C   . ALA A 1 84  ? -9.371  -5.880  -0.600  1.00 111.25 ? 84  ALA A C   1 
ATOM   648 O O   . ALA A 1 84  ? -8.492  -6.745  -0.686  1.00 111.20 ? 84  ALA A O   1 
ATOM   649 C CB  . ALA A 1 84  ? -8.776  -3.428  -0.600  1.00 87.17  ? 84  ALA A CB  1 
ATOM   650 N N   . PRO A 1 85  ? -10.408 -6.051  0.230   1.00 121.41 ? 85  PRO A N   1 
ATOM   651 C CA  . PRO A 1 85  ? -10.492 -7.281  1.040   1.00 133.76 ? 85  PRO A CA  1 
ATOM   652 C C   . PRO A 1 85  ? -10.636 -8.577  0.237   1.00 139.56 ? 85  PRO A C   1 
ATOM   653 O O   . PRO A 1 85  ? -10.700 -9.649  0.850   1.00 148.29 ? 85  PRO A O   1 
ATOM   654 C CB  . PRO A 1 85  ? -11.734 -7.037  1.919   1.00 136.94 ? 85  PRO A CB  1 
ATOM   655 C CG  . PRO A 1 85  ? -11.869 -5.557  1.979   1.00 133.24 ? 85  PRO A CG  1 
ATOM   656 C CD  . PRO A 1 85  ? -11.451 -5.083  0.619   1.00 123.94 ? 85  PRO A CD  1 
ATOM   657 N N   . ILE A 1 86  ? -10.693 -8.521  -1.096  1.00 136.22 ? 86  ILE A N   1 
ATOM   658 C CA  . ILE A 1 86  ? -10.804 -9.708  -1.947  1.00 127.06 ? 86  ILE A CA  1 
ATOM   659 C C   . ILE A 1 86  ? -9.533  -9.920  -2.773  1.00 117.39 ? 86  ILE A C   1 
ATOM   660 O O   . ILE A 1 86  ? -9.071  -11.057 -2.934  1.00 114.91 ? 86  ILE A O   1 
ATOM   661 C CB  . ILE A 1 86  ? -12.053 -9.616  -2.860  1.00 114.33 ? 86  ILE A CB  1 
ATOM   662 C CG1 . ILE A 1 86  ? -13.349 -9.407  -2.055  1.00 109.67 ? 86  ILE A CG1 1 
ATOM   663 C CG2 . ILE A 1 86  ? -12.193 -10.868 -3.733  1.00 113.74 ? 86  ILE A CG2 1 
ATOM   664 C CD1 . ILE A 1 86  ? -13.489 -10.242 -0.786  1.00 106.09 ? 86  ILE A CD1 1 
ATOM   665 N N   . VAL A 1 87  ? -8.959  -8.853  -3.320  1.00 116.30 ? 87  VAL A N   1 
ATOM   666 C CA  . VAL A 1 87  ? -7.644  -8.905  -3.960  1.00 107.72 ? 87  VAL A CA  1 
ATOM   667 C C   . VAL A 1 87  ? -6.585  -8.509  -2.930  1.00 106.62 ? 87  VAL A C   1 
ATOM   668 O O   . VAL A 1 87  ? -6.580  -7.379  -2.427  1.00 108.67 ? 87  VAL A O   1 
ATOM   669 C CB  . VAL A 1 87  ? -7.585  -8.017  -5.214  1.00 101.46 ? 87  VAL A CB  1 
ATOM   670 C CG1 . VAL A 1 87  ? -7.954  -6.591  -4.892  1.00 100.76 ? 87  VAL A CG1 1 
ATOM   671 C CG2 . VAL A 1 87  ? -6.196  -8.068  -5.841  1.00 94.93  ? 87  VAL A CG2 1 
ATOM   672 N N   . GLY A 1 88  ? -5.692  -9.442  -2.608  1.00 102.02 ? 88  GLY A N   1 
ATOM   673 C CA  . GLY A 1 88  ? -4.790  -9.291  -1.478  1.00 102.88 ? 88  GLY A CA  1 
ATOM   674 C C   . GLY A 1 88  ? -3.830  -8.117  -1.498  1.00 102.40 ? 88  GLY A C   1 
ATOM   675 O O   . GLY A 1 88  ? -2.708  -8.235  -0.996  1.00 107.92 ? 88  GLY A O   1 
ATOM   676 N N   . ARG A 1 89  ? -4.251  -6.980  -2.056  1.00 94.55  ? 89  ARG A N   1 
ATOM   677 C CA  . ARG A 1 89  ? -3.485  -5.740  -2.070  1.00 91.53  ? 89  ARG A CA  1 
ATOM   678 C C   . ARG A 1 89  ? -4.286  -4.620  -1.418  1.00 88.17  ? 89  ARG A C   1 
ATOM   679 O O   . ARG A 1 89  ? -5.486  -4.742  -1.162  1.00 90.81  ? 89  ARG A O   1 
ATOM   680 C CB  . ARG A 1 89  ? -3.097  -5.336  -3.502  1.00 87.85  ? 89  ARG A CB  1 
ATOM   681 C CG  . ARG A 1 89  ? -2.708  -6.507  -4.375  1.00 89.92  ? 89  ARG A CG  1 
ATOM   682 C CD  . ARG A 1 89  ? -1.202  -6.671  -4.400  1.00 91.09  ? 89  ARG A CD  1 
ATOM   683 N NE  . ARG A 1 89  ? -0.765  -7.674  -5.363  1.00 90.45  ? 89  ARG A NE  1 
ATOM   684 C CZ  . ARG A 1 89  ? 0.487   -7.804  -5.786  1.00 88.34  ? 89  ARG A CZ  1 
ATOM   685 N NH1 . ARG A 1 89  ? 1.419   -6.981  -5.333  1.00 86.19  ? 89  ARG A NH1 1 
ATOM   686 N NH2 . ARG A 1 89  ? 0.806   -8.760  -6.650  1.00 92.42  ? 89  ARG A NH2 1 
ATOM   687 N N   . THR A 1 90  ? -3.603  -3.509  -1.175  1.00 80.84  ? 90  THR A N   1 
ATOM   688 C CA  . THR A 1 90  ? -4.239  -2.336  -0.602  1.00 79.17  ? 90  THR A CA  1 
ATOM   689 C C   . THR A 1 90  ? -5.124  -1.627  -1.637  1.00 75.15  ? 90  THR A C   1 
ATOM   690 O O   . THR A 1 90  ? -4.960  -1.775  -2.851  1.00 68.98  ? 90  THR A O   1 
ATOM   691 C CB  . THR A 1 90  ? -3.183  -1.371  -0.053  1.00 79.21  ? 90  THR A CB  1 
ATOM   692 O OG1 . THR A 1 90  ? -2.689  -0.536  -1.106  1.00 75.55  ? 90  THR A OG1 1 
ATOM   693 C CG2 . THR A 1 90  ? -2.027  -2.146  0.562   1.00 82.59  ? 90  THR A CG2 1 
ATOM   694 N N   . ALA A 1 91  ? -6.077  -0.847  -1.117  1.00 57.21  ? 91  ALA A N   1 
ATOM   695 C CA  . ALA A 1 91  ? -6.964  -0.048  -1.954  1.00 57.35  ? 91  ALA A CA  1 
ATOM   696 C C   . ALA A 1 91  ? -6.186  0.896   -2.867  1.00 56.20  ? 91  ALA A C   1 
ATOM   697 O O   . ALA A 1 91  ? -6.447  0.964   -4.077  1.00 50.66  ? 91  ALA A O   1 
ATOM   698 C CB  . ALA A 1 91  ? -7.932  0.737   -1.066  1.00 56.40  ? 91  ALA A CB  1 
ATOM   699 N N   . ASN A 1 92  ? -5.230  1.637   -2.307  1.00 66.95  ? 92  ASN A N   1 
ATOM   700 C CA  . ASN A 1 92  ? -4.484  2.596   -3.109  1.00 70.11  ? 92  ASN A CA  1 
ATOM   701 C C   . ASN A 1 92  ? -3.673  1.886   -4.188  1.00 60.51  ? 92  ASN A C   1 
ATOM   702 O O   . ASN A 1 92  ? -3.589  2.368   -5.323  1.00 59.33  ? 92  ASN A O   1 
ATOM   703 C CB  . ASN A 1 92  ? -3.611  3.449   -2.188  1.00 85.15  ? 92  ASN A CB  1 
ATOM   704 C CG  . ASN A 1 92  ? -3.475  4.868   -2.682  1.00 101.10 ? 92  ASN A CG  1 
ATOM   705 O OD1 . ASN A 1 92  ? -2.538  5.200   -3.403  1.00 113.97 ? 92  ASN A OD1 1 
ATOM   706 N ND2 . ASN A 1 92  ? -4.459  5.697   -2.359  1.00 104.03 ? 92  ASN A ND2 1 
ATOM   707 N N   . GLN A 1 93  ? -3.116  0.719   -3.858  1.00 60.60  ? 93  GLN A N   1 
ATOM   708 C CA  . GLN A 1 93  ? -2.504  -0.141  -4.861  1.00 61.08  ? 93  GLN A CA  1 
ATOM   709 C C   . GLN A 1 93  ? -3.526  -0.601  -5.906  1.00 56.13  ? 93  GLN A C   1 
ATOM   710 O O   . GLN A 1 93  ? -3.212  -0.647  -7.103  1.00 53.04  ? 93  GLN A O   1 
ATOM   711 C CB  . GLN A 1 93  ? -1.832  -1.340  -4.163  1.00 69.30  ? 93  GLN A CB  1 
ATOM   712 C CG  . GLN A 1 93  ? -0.325  -1.144  -3.866  1.00 75.69  ? 93  GLN A CG  1 
ATOM   713 C CD  . GLN A 1 93  ? 0.201   -1.950  -2.664  1.00 83.10  ? 93  GLN A CD  1 
ATOM   714 O OE1 . GLN A 1 93  ? 0.148   -3.186  -2.642  1.00 86.47  ? 93  GLN A OE1 1 
ATOM   715 N NE2 . GLN A 1 93  ? 0.740   -1.240  -1.675  1.00 82.22  ? 93  GLN A NE2 1 
ATOM   716 N N   . CYS A 1 94  ? -4.755  -0.924  -5.481  1.00 56.02  ? 94  CYS A N   1 
ATOM   717 C CA  . CYS A 1 94  ? -5.791  -1.333  -6.430  1.00 53.73  ? 94  CYS A CA  1 
ATOM   718 C C   . CYS A 1 94  ? -6.130  -0.208  -7.395  1.00 47.13  ? 94  CYS A C   1 
ATOM   719 O O   . CYS A 1 94  ? -6.235  -0.432  -8.608  1.00 44.12  ? 94  CYS A O   1 
ATOM   720 C CB  . CYS A 1 94  ? -7.051  -1.797  -5.686  1.00 53.72  ? 94  CYS A CB  1 
ATOM   721 S SG  . CYS A 1 94  ? -6.797  -3.359  -4.835  1.00 60.74  ? 94  CYS A SG  1 
ATOM   722 N N   . LEU A 1 95  ? -6.317  1.008   -6.869  1.00 49.01  ? 95  LEU A N   1 
ATOM   723 C CA  . LEU A 1 95  ? -6.663  2.139   -7.722  1.00 52.11  ? 95  LEU A CA  1 
ATOM   724 C C   . LEU A 1 95  ? -5.572  2.387   -8.744  1.00 57.90  ? 95  LEU A C   1 
ATOM   725 O O   . LEU A 1 95  ? -5.852  2.506   -9.945  1.00 61.34  ? 95  LEU A O   1 
ATOM   726 C CB  . LEU A 1 95  ? -6.902  3.395   -6.878  1.00 56.51  ? 95  LEU A CB  1 
ATOM   727 C CG  . LEU A 1 95  ? -7.046  4.754   -7.587  1.00 60.42  ? 95  LEU A CG  1 
ATOM   728 C CD1 . LEU A 1 95  ? -7.998  4.687   -8.790  1.00 66.51  ? 95  LEU A CD1 1 
ATOM   729 C CD2 . LEU A 1 95  ? -7.516  5.830   -6.611  1.00 61.90  ? 95  LEU A CD2 1 
ATOM   730 N N   . GLU A 1 96  ? -4.312  2.437   -8.289  1.00 56.11  ? 96  GLU A N   1 
ATOM   731 C CA  . GLU A 1 96  ? -3.224  2.756   -9.207  1.00 60.20  ? 96  GLU A CA  1 
ATOM   732 C C   . GLU A 1 96  ? -2.992  1.641   -10.218 1.00 49.65  ? 96  GLU A C   1 
ATOM   733 O O   . GLU A 1 96  ? -2.644  1.911   -11.371 1.00 45.05  ? 96  GLU A O   1 
ATOM   734 C CB  . GLU A 1 96  ? -1.936  3.097   -8.445  1.00 66.59  ? 96  GLU A CB  1 
ATOM   735 C CG  . GLU A 1 96  ? -1.766  4.596   -8.341  1.00 75.73  ? 96  GLU A CG  1 
ATOM   736 C CD  . GLU A 1 96  ? -0.883  5.028   -7.244  1.00 86.25  ? 96  GLU A CD  1 
ATOM   737 O OE1 . GLU A 1 96  ? -1.235  6.048   -6.622  1.00 91.86  ? 96  GLU A OE1 1 
ATOM   738 O OE2 . GLU A 1 96  ? 0.139   4.387   -7.014  1.00 95.22  ? 96  GLU A OE2 1 
ATOM   739 N N   . ARG A 1 97  ? -3.150  0.388   -9.806  1.00 45.92  ? 97  ARG A N   1 
ATOM   740 C CA  . ARG A 1 97  ? -2.976  -0.694  -10.764 1.00 51.00  ? 97  ARG A CA  1 
ATOM   741 C C   . ARG A 1 97  ? -4.092  -0.685  -11.807 1.00 61.68  ? 97  ARG A C   1 
ATOM   742 O O   . ARG A 1 97  ? -3.859  -1.033  -12.969 1.00 62.67  ? 97  ARG A O   1 
ATOM   743 C CB  . ARG A 1 97  ? -2.921  -2.028  -10.022 1.00 47.57  ? 97  ARG A CB  1 
ATOM   744 C CG  . ARG A 1 97  ? -2.858  -3.240  -10.929 1.00 55.30  ? 97  ARG A CG  1 
ATOM   745 C CD  . ARG A 1 97  ? -1.575  -3.238  -11.745 1.00 63.00  ? 97  ARG A CD  1 
ATOM   746 N NE  . ARG A 1 97  ? -1.441  -4.428  -12.583 1.00 71.15  ? 97  ARG A NE  1 
ATOM   747 C CZ  . ARG A 1 97  ? -0.362  -4.710  -13.306 1.00 75.08  ? 97  ARG A CZ  1 
ATOM   748 N NH1 . ARG A 1 97  ? 0.683   -3.895  -13.277 1.00 75.89  ? 97  ARG A NH1 1 
ATOM   749 N NH2 . ARG A 1 97  ? -0.324  -5.811  -14.045 1.00 76.95  ? 97  ARG A NH2 1 
ATOM   750 N N   . TYR A 1 98  ? -5.299  -0.266  -11.410 1.00 60.62  ? 98  TYR A N   1 
ATOM   751 C CA  . TYR A 1 98  ? -6.406  -0.182  -12.354 1.00 63.95  ? 98  TYR A CA  1 
ATOM   752 C C   . TYR A 1 98  ? -6.176  0.928   -13.375 1.00 56.96  ? 98  TYR A C   1 
ATOM   753 O O   . TYR A 1 98  ? -6.511  0.772   -14.552 1.00 54.56  ? 98  TYR A O   1 
ATOM   754 C CB  . TYR A 1 98  ? -7.719  0.051   -11.607 1.00 65.67  ? 98  TYR A CB  1 
ATOM   755 C CG  . TYR A 1 98  ? -8.955  -0.073  -12.476 1.00 69.43  ? 98  TYR A CG  1 
ATOM   756 C CD1 . TYR A 1 98  ? -9.180  -1.211  -13.247 1.00 72.79  ? 98  TYR A CD1 1 
ATOM   757 C CD2 . TYR A 1 98  ? -9.895  0.949   -12.534 1.00 73.26  ? 98  TYR A CD2 1 
ATOM   758 C CE1 . TYR A 1 98  ? -10.315 -1.332  -14.045 1.00 70.57  ? 98  TYR A CE1 1 
ATOM   759 C CE2 . TYR A 1 98  ? -11.031 0.834   -13.328 1.00 71.69  ? 98  TYR A CE2 1 
ATOM   760 C CZ  . TYR A 1 98  ? -11.236 -0.311  -14.078 1.00 68.93  ? 98  TYR A CZ  1 
ATOM   761 O OH  . TYR A 1 98  ? -12.355 -0.431  -14.871 1.00 68.70  ? 98  TYR A OH  1 
ATOM   762 N N   . GLN A 1 99  ? -5.625  2.060   -12.930 1.00 49.33  ? 99  GLN A N   1 
ATOM   763 C CA  . GLN A 1 99  ? -5.290  3.140   -13.850 1.00 62.11  ? 99  GLN A CA  1 
ATOM   764 C C   . GLN A 1 99  ? -4.251  2.705   -14.878 1.00 63.60  ? 99  GLN A C   1 
ATOM   765 O O   . GLN A 1 99  ? -4.339  3.081   -16.053 1.00 66.03  ? 99  GLN A O   1 
ATOM   766 C CB  . GLN A 1 99  ? -4.782  4.352   -13.077 1.00 60.52  ? 99  GLN A CB  1 
ATOM   767 C CG  . GLN A 1 99  ? -4.531  5.553   -13.953 1.00 63.44  ? 99  GLN A CG  1 
ATOM   768 C CD  . GLN A 1 99  ? -5.825  6.160   -14.487 1.00 62.11  ? 99  GLN A CD  1 
ATOM   769 O OE1 . GLN A 1 99  ? -6.411  7.053   -13.874 1.00 63.83  ? 99  GLN A OE1 1 
ATOM   770 N NE2 . GLN A 1 99  ? -6.268  5.677   -15.637 1.00 51.26  ? 99  GLN A NE2 1 
ATOM   771 N N   . LYS A 1 100 ? -3.255  1.923   -14.454 1.00 64.83  ? 100 LYS A N   1 
ATOM   772 C CA  . LYS A 1 100 ? -2.259  1.413   -15.391 1.00 63.29  ? 100 LYS A CA  1 
ATOM   773 C C   . LYS A 1 100 ? -2.905  0.502   -16.433 1.00 62.60  ? 100 LYS A C   1 
ATOM   774 O O   . LYS A 1 100 ? -2.663  0.648   -17.638 1.00 62.42  ? 100 LYS A O   1 
ATOM   775 C CB  . LYS A 1 100 ? -1.153  0.678   -14.626 1.00 60.71  ? 100 LYS A CB  1 
ATOM   776 C CG  . LYS A 1 100 ? -0.183  -0.097  -15.512 1.00 72.05  ? 100 LYS A CG  1 
ATOM   777 C CD  . LYS A 1 100 ? 1.231   -0.125  -14.928 1.00 84.49  ? 100 LYS A CD  1 
ATOM   778 C CE  . LYS A 1 100 ? 2.195   -0.895  -15.826 1.00 95.00  ? 100 LYS A CE  1 
ATOM   779 N NZ  . LYS A 1 100 ? 2.825   -0.014  -16.854 1.00 102.08 ? 100 LYS A NZ  1 
ATOM   780 N N   . LEU A 1 101 ? -3.747  -0.439  -15.984 1.00 63.60  ? 101 LEU A N   1 
ATOM   781 C CA  . LEU A 1 101 ? -4.457  -1.318  -16.915 1.00 64.91  ? 101 LEU A CA  1 
ATOM   782 C C   . LEU A 1 101 ? -5.362  -0.527  -17.859 1.00 64.77  ? 101 LEU A C   1 
ATOM   783 O O   . LEU A 1 101 ? -5.559  -0.925  -19.012 1.00 64.04  ? 101 LEU A O   1 
ATOM   784 C CB  . LEU A 1 101 ? -5.257  -2.367  -16.132 1.00 62.26  ? 101 LEU A CB  1 
ATOM   785 C CG  . LEU A 1 101 ? -4.421  -3.352  -15.285 1.00 63.42  ? 101 LEU A CG  1 
ATOM   786 C CD1 . LEU A 1 101 ? -5.292  -4.222  -14.384 1.00 59.72  ? 101 LEU A CD1 1 
ATOM   787 C CD2 . LEU A 1 101 ? -3.527  -4.228  -16.153 1.00 66.43  ? 101 LEU A CD2 1 
ATOM   788 N N   . LEU A 1 102 ? -5.898  0.604   -17.396 1.00 63.11  ? 102 LEU A N   1 
ATOM   789 C CA  . LEU A 1 102 ? -6.605  1.521   -18.275 1.00 59.32  ? 102 LEU A CA  1 
ATOM   790 C C   . LEU A 1 102 ? -5.641  2.299   -19.177 1.00 65.06  ? 102 LEU A C   1 
ATOM   791 O O   . LEU A 1 102 ? -5.925  2.506   -20.363 1.00 61.37  ? 102 LEU A O   1 
ATOM   792 C CB  . LEU A 1 102 ? -7.432  2.498   -17.442 1.00 58.52  ? 102 LEU A CB  1 
ATOM   793 C CG  . LEU A 1 102 ? -8.606  1.971   -16.622 1.00 68.99  ? 102 LEU A CG  1 
ATOM   794 C CD1 . LEU A 1 102 ? -9.243  3.143   -15.881 1.00 69.14  ? 102 LEU A CD1 1 
ATOM   795 C CD2 . LEU A 1 102 ? -9.629  1.229   -17.479 1.00 63.08  ? 102 LEU A CD2 1 
ATOM   796 N N   . ASP A 1 103 ? -4.516  2.765   -18.628 1.00 60.11  ? 103 ASP A N   1 
ATOM   797 C CA  . ASP A 1 103 ? -3.526  3.453   -19.455 1.00 65.79  ? 103 ASP A CA  1 
ATOM   798 C C   . ASP A 1 103 ? -3.025  2.549   -20.575 1.00 64.78  ? 103 ASP A C   1 
ATOM   799 O O   . ASP A 1 103 ? -2.915  2.978   -21.729 1.00 64.31  ? 103 ASP A O   1 
ATOM   800 C CB  . ASP A 1 103 ? -2.347  3.935   -18.598 1.00 66.72  ? 103 ASP A CB  1 
ATOM   801 C CG  . ASP A 1 103 ? -2.699  5.126   -17.719 1.00 70.39  ? 103 ASP A CG  1 
ATOM   802 O OD1 . ASP A 1 103 ? -1.867  5.492   -16.863 1.00 75.40  ? 103 ASP A OD1 1 
ATOM   803 O OD2 . ASP A 1 103 ? -3.811  5.682   -17.875 1.00 70.95  ? 103 ASP A OD2 1 
ATOM   804 N N   . GLU A 1 104 ? -2.718  1.290   -20.251 1.00 65.38  ? 104 GLU A N   1 
ATOM   805 C CA  . GLU A 1 104 ? -2.200  0.371   -21.257 1.00 71.65  ? 104 GLU A CA  1 
ATOM   806 C C   . GLU A 1 104 ? -3.242  0.080   -22.332 1.00 72.45  ? 104 GLU A C   1 
ATOM   807 O O   . GLU A 1 104 ? -2.902  -0.018  -23.517 1.00 77.29  ? 104 GLU A O   1 
ATOM   808 C CB  . GLU A 1 104 ? -1.731  -0.926  -20.592 1.00 79.97  ? 104 GLU A CB  1 
ATOM   809 C CG  . GLU A 1 104 ? -0.601  -0.749  -19.572 1.00 87.80  ? 104 GLU A CG  1 
ATOM   810 C CD  . GLU A 1 104 ? -0.040  -2.074  -19.051 1.00 95.33  ? 104 GLU A CD  1 
ATOM   811 O OE1 . GLU A 1 104 ? 1.122   -2.405  -19.378 1.00 100.07 ? 104 GLU A OE1 1 
ATOM   812 O OE2 . GLU A 1 104 ? -0.764  -2.781  -18.316 1.00 96.27  ? 104 GLU A OE2 1 
ATOM   813 N N   . ALA A 1 105 ? -4.516  -0.063  -21.943 1.00 65.75  ? 105 ALA A N   1 
ATOM   814 C CA  . ALA A 1 105 ? -5.563  -0.297  -22.937 1.00 67.50  ? 105 ALA A CA  1 
ATOM   815 C C   . ALA A 1 105 ? -5.736  0.912   -23.845 1.00 62.43  ? 105 ALA A C   1 
ATOM   816 O O   . ALA A 1 105 ? -5.863  0.768   -25.066 1.00 61.30  ? 105 ALA A O   1 
ATOM   817 C CB  . ALA A 1 105 ? -6.890  -0.643  -22.252 1.00 63.98  ? 105 ALA A CB  1 
ATOM   818 N N   . GLU A 1 106 ? -5.743  2.109   -23.259 1.00 59.08  ? 106 GLU A N   1 
ATOM   819 C CA  . GLU A 1 106 ? -5.848  3.333   -24.040 1.00 63.95  ? 106 GLU A CA  1 
ATOM   820 C C   . GLU A 1 106 ? -4.730  3.438   -25.073 1.00 71.08  ? 106 GLU A C   1 
ATOM   821 O O   . GLU A 1 106 ? -4.961  3.885   -26.204 1.00 67.14  ? 106 GLU A O   1 
ATOM   822 C CB  . GLU A 1 106 ? -5.831  4.537   -23.102 1.00 63.91  ? 106 GLU A CB  1 
ATOM   823 C CG  . GLU A 1 106 ? -6.537  5.752   -23.641 1.00 68.84  ? 106 GLU A CG  1 
ATOM   824 C CD  . GLU A 1 106 ? -6.186  7.007   -22.879 1.00 67.59  ? 106 GLU A CD  1 
ATOM   825 O OE1 . GLU A 1 106 ? -5.157  7.634   -23.191 1.00 70.81  ? 106 GLU A OE1 1 
ATOM   826 O OE2 . GLU A 1 106 ? -6.943  7.356   -21.957 1.00 69.80  ? 106 GLU A OE2 1 
ATOM   827 N N   . ALA A 1 107 ? -3.512  3.035   -24.712 1.00 73.17  ? 107 ALA A N   1 
ATOM   828 C CA  . ALA A 1 107 ? -2.429  3.100   -25.684 1.00 78.14  ? 107 ALA A CA  1 
ATOM   829 C C   . ALA A 1 107 ? -2.619  2.088   -26.810 1.00 82.75  ? 107 ALA A C   1 
ATOM   830 O O   . ALA A 1 107 ? -2.029  2.255   -27.883 1.00 83.76  ? 107 ALA A O   1 
ATOM   831 C CB  . ALA A 1 107 ? -1.079  2.903   -24.991 1.00 75.23  ? 107 ALA A CB  1 
ATOM   832 N N   . ALA A 1 108 ? -3.437  1.060   -26.597 1.00 85.37  ? 108 ALA A N   1 
ATOM   833 C CA  . ALA A 1 108 ? -3.755  0.096   -27.651 1.00 88.96  ? 108 ALA A CA  1 
ATOM   834 C C   . ALA A 1 108 ? -5.238  0.148   -28.046 1.00 85.95  ? 108 ALA A C   1 
ATOM   835 O O   . ALA A 1 108 ? -5.600  0.636   -29.118 1.00 86.43  ? 108 ALA A O   1 
ATOM   836 C CB  . ALA A 1 108 ? -3.377  -1.313  -27.205 1.00 88.91  ? 108 ALA A CB  1 
HETATM 837 O O   . HOH B 2 .   ? 13.633  1.855   0.865   1.00 35.52  ? 201 HOH A O   1 
HETATM 838 O O   . HOH B 2 .   ? -2.781  -2.087  4.871   1.00 41.84  ? 202 HOH A O   1 
# 
loop_
_atom_site_anisotrop.id 
_atom_site_anisotrop.type_symbol 
_atom_site_anisotrop.pdbx_label_atom_id 
_atom_site_anisotrop.pdbx_label_alt_id 
_atom_site_anisotrop.pdbx_label_comp_id 
_atom_site_anisotrop.pdbx_label_asym_id 
_atom_site_anisotrop.pdbx_label_seq_id 
_atom_site_anisotrop.pdbx_PDB_ins_code 
_atom_site_anisotrop.U[1][1] 
_atom_site_anisotrop.U[2][2] 
_atom_site_anisotrop.U[3][3] 
_atom_site_anisotrop.U[1][2] 
_atom_site_anisotrop.U[1][3] 
_atom_site_anisotrop.U[2][3] 
_atom_site_anisotrop.pdbx_auth_seq_id 
_atom_site_anisotrop.pdbx_auth_comp_id 
_atom_site_anisotrop.pdbx_auth_asym_id 
_atom_site_anisotrop.pdbx_auth_atom_id 
1   N N   . GLY A 7   ? 0.9351 0.7364 1.3323 -0.0070 0.1394  0.2580  7   GLY A N   
2   C CA  . GLY A 7   ? 0.9713 0.7433 1.2875 -0.0075 0.1294  0.2462  7   GLY A CA  
3   C C   . GLY A 7   ? 0.9585 0.7579 1.2321 -0.0162 0.0650  0.2321  7   GLY A C   
4   O O   . GLY A 7   ? 0.9417 0.7768 1.2420 -0.0190 0.0225  0.2416  7   GLY A O   
5   N N   . VAL A 8   ? 0.9554 0.7341 1.1660 -0.0217 0.0646  0.2073  8   VAL A N   
6   C CA  . VAL A 8   ? 0.9410 0.7302 1.1074 -0.0274 0.0131  0.1945  8   VAL A CA  
7   C C   . VAL A 8   ? 0.8709 0.7062 1.0760 -0.0410 0.0059  0.1630  8   VAL A C   
8   O O   . VAL A 8   ? 0.8209 0.6845 1.0738 -0.0511 0.0425  0.1416  8   VAL A O   
9   C CB  . VAL A 8   ? 1.0369 0.7866 1.1304 -0.0274 0.0241  0.1765  8   VAL A CB  
10  C CG1 . VAL A 8   ? 1.0237 0.7932 1.1348 -0.0383 0.0611  0.1289  8   VAL A CG1 
11  C CG2 . VAL A 8   ? 1.0873 0.8237 1.1203 -0.0293 -0.0280 0.1802  8   VAL A CG2 
12  N N   . TRP A 9   ? 0.8573 0.6982 1.0365 -0.0431 -0.0396 0.1606  9   TRP A N   
13  C CA  . TRP A 9   ? 0.8318 0.7080 1.0335 -0.0505 -0.0501 0.1391  9   TRP A CA  
14  C C   . TRP A 9   ? 0.7285 0.5944 0.8894 -0.0455 -0.0491 0.1132  9   TRP A C   
15  O O   . TRP A 9   ? 0.7389 0.5657 0.8475 -0.0416 -0.0709 0.1164  9   TRP A O   
16  C CB  . TRP A 9   ? 0.8659 0.7499 1.0776 -0.0554 -0.0934 0.1578  9   TRP A CB  
17  C CG  . TRP A 9   ? 0.7779 0.6947 1.0549 -0.0620 -0.0858 0.1722  9   TRP A CG  
18  C CD1 . TRP A 9   ? 0.7440 0.6613 1.0520 -0.0573 -0.0861 0.2012  9   TRP A CD1 
19  C CD2 . TRP A 9   ? 0.7443 0.6997 1.0643 -0.0735 -0.0719 0.1588  9   TRP A CD2 
20  N NE1 . TRP A 9   ? 0.6445 0.5934 1.0183 -0.0650 -0.0688 0.2038  9   TRP A NE1 
21  C CE2 . TRP A 9   ? 0.6386 0.6093 1.0152 -0.0783 -0.0597 0.1762  9   TRP A CE2 
22  C CE3 . TRP A 9   ? 0.6540 0.6361 0.9690 -0.0789 -0.0685 0.1366  9   TRP A CE3 
23  C CZ2 . TRP A 9   ? 0.6163 0.6206 1.0386 -0.0939 -0.0400 0.1662  9   TRP A CZ2 
24  C CZ3 . TRP A 9   ? 0.5893 0.6105 0.9432 -0.0938 -0.0551 0.1309  9   TRP A CZ3 
25  C CH2 . TRP A 9   ? 0.7061 0.7343 1.1100 -0.1040 -0.0387 0.1426  9   TRP A CH2 
26  N N   . THR A 10  ? 0.6886 0.5949 0.8764 -0.0472 -0.0231 0.0862  10  THR A N   
27  C CA  . THR A 10  ? 0.7846 0.6962 0.9517 -0.0376 -0.0181 0.0629  10  THR A CA  
28  C C   . THR A 10  ? 0.7511 0.6761 0.9188 -0.0279 -0.0495 0.0681  10  THR A C   
29  O O   . THR A 10  ? 0.7646 0.7124 0.9566 -0.0336 -0.0665 0.0816  10  THR A O   
30  C CB  . THR A 10  ? 0.7703 0.7349 0.9728 -0.0448 0.0228  0.0315  10  THR A CB  
31  O OG1 . THR A 10  ? 0.7736 0.8035 1.0213 -0.0549 0.0205  0.0259  10  THR A OG1 
32  C CG2 . THR A 10  ? 0.8261 0.7637 1.0292 -0.0567 0.0645  0.0279  10  THR A CG2 
33  N N   . ASN A 11  ? 0.7386 0.6420 0.8781 -0.0122 -0.0517 0.0584  11  ASN A N   
34  C CA  . ASN A 11  ? 0.8014 0.7080 0.9423 0.0029  -0.0726 0.0669  11  ASN A CA  
35  C C   . ASN A 11  ? 0.8039 0.7902 0.9922 0.0066  -0.0726 0.0669  11  ASN A C   
36  O O   . ASN A 11  ? 0.7917 0.7827 0.9827 0.0150  -0.0926 0.0852  11  ASN A O   
37  C CB  . ASN A 11  ? 0.8495 0.7233 0.9645 0.0237  -0.0628 0.0546  11  ASN A CB  
38  C CG  . ASN A 11  ? 0.9944 0.7838 1.0481 0.0147  -0.0660 0.0535  11  ASN A CG  
39  O OD1 . ASN A 11  ? 1.0105 0.7764 1.0420 -0.0053 -0.0798 0.0645  11  ASN A OD1 
40  N ND2 . ASN A 11  ? 1.0533 0.8004 1.0799 0.0292  -0.0527 0.0406  11  ASN A ND2 
41  N N   . ILE A 12  ? 0.8261 0.8753 1.0473 -0.0031 -0.0482 0.0456  12  ILE A N   
42  C CA  . ILE A 12  ? 0.8360 0.9719 1.0957 -0.0087 -0.0487 0.0408  12  ILE A CA  
43  C C   . ILE A 12  ? 0.6207 0.7575 0.8902 -0.0316 -0.0551 0.0540  12  ILE A C   
44  O O   . ILE A 12  ? 0.5117 0.6827 0.7880 -0.0321 -0.0712 0.0672  12  ILE A O   
45  C CB  . ILE A 12  ? 0.9854 1.1931 1.2771 -0.0201 -0.0163 0.0049  12  ILE A CB  
46  C CG1 . ILE A 12  ? 0.9880 1.2904 1.3137 -0.0417 -0.0126 -0.0079 12  ILE A CG1 
47  C CG2 . ILE A 12  ? 1.1849 1.3456 1.4678 -0.0376 0.0177  -0.0122 12  ILE A CG2 
48  C CD1 . ILE A 12  ? 1.0549 1.4176 1.3843 -0.0205 -0.0453 0.0125  12  ILE A CD1 
49  N N   . GLU A 13  ? 0.7243 0.8241 0.9959 -0.0493 -0.0396 0.0530  13  GLU A N   
50  C CA  . GLU A 13  ? 0.6941 0.7995 0.9882 -0.0693 -0.0379 0.0636  13  GLU A CA  
51  C C   . GLU A 13  ? 0.5641 0.6364 0.8445 -0.0641 -0.0724 0.0930  13  GLU A C   
52  O O   . GLU A 13  ? 0.4906 0.5868 0.7897 -0.0781 -0.0741 0.1001  13  GLU A O   
53  C CB  . GLU A 13  ? 0.7525 0.8225 1.0587 -0.0804 -0.0119 0.0637  13  GLU A CB  
54  C CG  . GLU A 13  ? 0.8012 0.8981 1.1259 -0.0943 0.0352  0.0316  13  GLU A CG  
55  C CD  . GLU A 13  ? 0.7051 0.7520 1.0382 -0.0986 0.0663  0.0401  13  GLU A CD  
56  O OE1 . GLU A 13  ? 0.6563 0.7159 1.0264 -0.1178 0.1025  0.0307  13  GLU A OE1 
57  O OE2 . GLU A 13  ? 0.7115 0.7045 1.0114 -0.0823 0.0563  0.0579  13  GLU A OE2 
58  N N   . ASP A 14  ? 0.5886 0.6045 0.8344 -0.0486 -0.0950 0.1063  14  ASP A N   
59  C CA  . ASP A 14  ? 0.7444 0.7260 0.9764 -0.0492 -0.1221 0.1282  14  ASP A CA  
60  C C   . ASP A 14  ? 0.7465 0.7530 0.9746 -0.0381 -0.1291 0.1358  14  ASP A C   
61  O O   . ASP A 14  ? 0.6897 0.6885 0.9196 -0.0471 -0.1393 0.1525  14  ASP A O   
62  C CB  . ASP A 14  ? 0.7033 0.6170 0.8934 -0.0426 -0.1389 0.1330  14  ASP A CB  
63  C CG  . ASP A 14  ? 0.7214 0.6130 0.9089 -0.0552 -0.1437 0.1381  14  ASP A CG  
64  O OD1 . ASP A 14  ? 0.6780 0.5962 0.9045 -0.0667 -0.1385 0.1469  14  ASP A OD1 
65  O OD2 . ASP A 14  ? 0.7444 0.5923 0.8897 -0.0533 -0.1525 0.1358  14  ASP A OD2 
66  N N   . GLU A 15  ? 0.7290 0.7686 0.9536 -0.0173 -0.1228 0.1265  15  GLU A N   
67  C CA  . GLU A 15  ? 0.7816 0.8554 1.0034 0.0009  -0.1316 0.1417  15  GLU A CA  
68  C C   . GLU A 15  ? 0.7304 0.8756 0.9724 -0.0197 -0.1275 0.1411  15  GLU A C   
69  O O   . GLU A 15  ? 0.7038 0.8556 0.9332 -0.0164 -0.1383 0.1641  15  GLU A O   
70  C CB  . GLU A 15  ? 0.8061 0.9144 1.0317 0.0312  -0.1263 0.1328  15  GLU A CB  
71  C CG  . GLU A 15  ? 0.9412 1.0545 1.1574 0.0665  -0.1382 0.1609  15  GLU A CG  
72  C CD  . GLU A 15  ? 1.1106 1.1198 1.2957 0.0852  -0.1389 0.1753  15  GLU A CD  
73  O OE1 . GLU A 15  ? 1.1556 1.1203 1.3308 0.0870  -0.1282 0.1560  15  GLU A OE1 
74  O OE2 . GLU A 15  ? 1.1850 1.1524 1.3514 0.0943  -0.1457 0.2040  15  GLU A OE2 
75  N N   . ILE A 16  ? 0.7001 0.8923 0.9685 -0.0436 -0.1066 0.1141  16  ILE A N   
76  C CA  . ILE A 16  ? 0.6926 0.9434 0.9768 -0.0724 -0.0946 0.1057  16  ILE A CA  
77  C C   . ILE A 16  ? 0.5812 0.7837 0.8687 -0.0913 -0.0948 0.1215  16  ILE A C   
78  O O   . ILE A 16  ? 0.5806 0.8078 0.8642 -0.1069 -0.0938 0.1296  16  ILE A O   
79  C CB  . ILE A 16  ? 0.5730 0.8739 0.8860 -0.0973 -0.0614 0.0671  16  ILE A CB  
80  C CG1 . ILE A 16  ? 0.6288 1.0037 0.9467 -0.0861 -0.0602 0.0468  16  ILE A CG1 
81  C CG2 . ILE A 16  ? 0.5346 0.8785 0.8629 -0.1354 -0.0387 0.0520  16  ILE A CG2 
82  C CD1 . ILE A 16  ? 0.5055 0.9223 0.8512 -0.1169 -0.0206 0.0027  16  ILE A CD1 
83  N N   . LEU A 17  ? 0.5531 0.6922 0.8478 -0.0911 -0.0966 0.1267  17  LEU A N   
84  C CA  . LEU A 17  ? 0.6366 0.7417 0.9469 -0.1078 -0.0990 0.1416  17  LEU A CA  
85  C C   . LEU A 17  ? 0.6126 0.6885 0.8959 -0.1026 -0.1200 0.1659  17  LEU A C   
86  O O   . LEU A 17  ? 0.5437 0.6254 0.8360 -0.1219 -0.1140 0.1740  17  LEU A O   
87  C CB  . LEU A 17  ? 0.7151 0.7731 1.0369 -0.1052 -0.1044 0.1459  17  LEU A CB  
88  C CG  . LEU A 17  ? 0.6952 0.7312 1.0457 -0.1203 -0.1115 0.1619  17  LEU A CG  
89  C CD1 . LEU A 17  ? 0.6476 0.7205 1.0451 -0.1410 -0.0799 0.1542  17  LEU A CD1 
90  C CD2 . LEU A 17  ? 0.8191 0.8241 1.1742 -0.1138 -0.1254 0.1702  17  LEU A CD2 
91  N N   . LYS A 18  ? 0.6731 0.7110 0.9228 -0.0776 -0.1378 0.1769  18  LYS A N   
92  C CA  . LYS A 18  ? 0.7248 0.7196 0.9458 -0.0708 -0.1494 0.2012  18  LYS A CA  
93  C C   . LYS A 18  ? 0.8034 0.8448 1.0115 -0.0684 -0.1448 0.2148  18  LYS A C   
94  O O   . LYS A 18  ? 0.7816 0.8030 0.9792 -0.0824 -0.1421 0.2321  18  LYS A O   
95  C CB  . LYS A 18  ? 0.8901 0.8308 1.0795 -0.0420 -0.1589 0.2071  18  LYS A CB  
96  C CG  . LYS A 18  ? 1.1459 1.0213 1.3041 -0.0340 -0.1615 0.2314  18  LYS A CG  
97  C CD  . LYS A 18  ? 1.3433 1.1621 1.4733 -0.0034 -0.1603 0.2339  18  LYS A CD  
98  C CE  . LYS A 18  ? 1.4305 1.1770 1.5461 -0.0237 -0.1633 0.2176  18  LYS A CE  
99  N NZ  . LYS A 18  ? 1.4910 1.2021 1.5850 -0.0021 -0.1576 0.2035  18  LYS A NZ  
100 N N   . ALA A 19  ? 0.7388 0.8479 0.9455 -0.0532 -0.1436 0.2070  19  ALA A N   
101 C CA  . ALA A 19  ? 0.7533 0.9225 0.9406 -0.0503 -0.1455 0.2223  19  ALA A CA  
102 C C   . ALA A 19  ? 0.6375 0.8449 0.8357 -0.0922 -0.1281 0.2089  19  ALA A C   
103 O O   . ALA A 19  ? 0.6517 0.8740 0.8215 -0.1003 -0.1277 0.2285  19  ALA A O   
104 C CB  . ALA A 19  ? 0.7015 0.9543 0.8928 -0.0276 -0.1516 0.2134  19  ALA A CB  
105 N N   . SER A 20  ? 0.5687 0.7855 0.8056 -0.1182 -0.1092 0.1777  20  SER A N   
106 C CA  . SER A 20  ? 0.6294 0.8719 0.8849 -0.1583 -0.0829 0.1616  20  SER A CA  
107 C C   . SER A 20  ? 0.6189 0.8005 0.8810 -0.1720 -0.0798 0.1801  20  SER A C   
108 O O   . SER A 20  ? 0.6032 0.7997 0.8591 -0.1988 -0.0624 0.1809  20  SER A O   
109 C CB  . SER A 20  ? 0.5121 0.7727 0.8127 -0.1764 -0.0556 0.1264  20  SER A CB  
110 O OG  . SER A 20  ? 0.5248 0.8215 0.8235 -0.1606 -0.0592 0.1095  20  SER A OG  
111 N N   . VAL A 21  ? 0.5775 0.6949 0.8515 -0.1586 -0.0946 0.1917  21  VAL A N   
112 C CA  . VAL A 21  ? 0.7324 0.8006 1.0195 -0.1752 -0.0933 0.2055  21  VAL A CA  
113 C C   . VAL A 21  ? 0.7319 0.7755 0.9705 -0.1733 -0.0965 0.2318  21  VAL A C   
114 O O   . VAL A 21  ? 0.7107 0.7428 0.9533 -0.1993 -0.0802 0.2376  21  VAL A O   
115 C CB  . VAL A 21  ? 0.7356 0.7520 1.0390 -0.1653 -0.1126 0.2086  21  VAL A CB  
116 C CG1 . VAL A 21  ? 0.7870 0.7512 1.0858 -0.1790 -0.1180 0.2241  21  VAL A CG1 
117 C CG2 . VAL A 21  ? 0.6547 0.6908 1.0135 -0.1746 -0.1038 0.1933  21  VAL A CG2 
118 N N   . SER A 22  ? 0.7907 0.8244 0.9842 -0.1406 -0.1135 0.2502  22  SER A N   
119 C CA  . SER A 22  ? 0.8731 0.8834 1.0153 -0.1300 -0.1138 0.2836  22  SER A CA  
120 C C   . SER A 22  ? 0.8145 0.8876 0.9348 -0.1507 -0.1000 0.2859  22  SER A C   
121 O O   . SER A 22  ? 0.8358 0.8847 0.9116 -0.1517 -0.0943 0.3157  22  SER A O   
122 C CB  . SER A 22  ? 0.9384 0.9396 1.0470 -0.0827 -0.1315 0.3057  22  SER A CB  
123 O OG  . SER A 22  ? 0.9813 0.9457 1.1099 -0.0670 -0.1408 0.2909  22  SER A OG  
124 N N   . LYS A 23  ? 0.8010 0.9497 0.9455 -0.1698 -0.0906 0.2545  23  LYS A N   
125 C CA  . LYS A 23  ? 0.8723 1.0888 0.9890 -0.1963 -0.0756 0.2483  23  LYS A CA  
126 C C   . LYS A 23  ? 0.8275 1.0346 0.9711 -0.2438 -0.0399 0.2274  23  LYS A C   
127 O O   . LYS A 23  ? 0.8656 1.0755 0.9696 -0.2663 -0.0246 0.2393  23  LYS A O   
128 C CB  . LYS A 23  ? 0.8303 1.1396 0.9540 -0.1956 -0.0797 0.2199  23  LYS A CB  
129 C CG  . LYS A 23  ? 0.9144 1.3094 0.9992 -0.2261 -0.0689 0.2093  23  LYS A CG  
130 C CD  . LYS A 23  ? 0.9478 1.4398 1.0471 -0.2341 -0.0698 0.1720  23  LYS A CD  
131 C CE  . LYS A 23  ? 0.9896 1.5742 1.0487 -0.2784 -0.0551 0.1505  23  LYS A CE  
132 N NZ  . LYS A 23  ? 1.0537 1.6258 1.0462 -0.2823 -0.0609 0.1907  23  LYS A NZ  
133 N N   . TYR A 24  ? 0.8543 1.0491 1.0650 -0.2574 -0.0240 0.1995  24  TYR A N   
134 C CA  . TYR A 24  ? 0.8122 1.0021 1.0676 -0.2966 0.0145  0.1790  24  TYR A CA  
135 C C   . TYR A 24  ? 0.7304 0.8583 1.0340 -0.2969 0.0138  0.1908  24  TYR A C   
136 O O   . TYR A 24  ? 0.6386 0.7667 0.9977 -0.3233 0.0450  0.1759  24  TYR A O   
137 C CB  . TYR A 24  ? 0.8491 1.0801 1.1553 -0.3122 0.0422  0.1397  24  TYR A CB  
138 C CG  . TYR A 24  ? 0.9094 1.2092 1.1799 -0.3164 0.0425  0.1182  24  TYR A CG  
139 C CD1 . TYR A 24  ? 1.0193 1.3692 1.2253 -0.3358 0.0438  0.1195  24  TYR A CD1 
140 C CD2 . TYR A 24  ? 0.9119 1.2330 1.2108 -0.3036 0.0416  0.0963  24  TYR A CD2 
141 C CE1 . TYR A 24  ? 1.0489 1.4808 1.2256 -0.3437 0.0397  0.0972  24  TYR A CE1 
142 C CE2 . TYR A 24  ? 0.9341 1.3282 1.2067 -0.3131 0.0439  0.0711  24  TYR A CE2 
143 C CZ  . TYR A 24  ? 0.9934 1.4486 1.2081 -0.3341 0.0410  0.0704  24  TYR A CZ  
144 O OH  . TYR A 24  ? 1.0427 1.5872 1.2353 -0.3474 0.0389  0.0432  24  TYR A OH  
145 N N   . GLY A 25  ? 0.9032 0.8752 0.7184 -0.1346 0.0783  0.0011  25  GLY A N   
146 C CA  . GLY A 25  ? 0.8943 0.9087 0.7397 -0.1437 0.0997  0.0206  25  GLY A CA  
147 C C   . GLY A 25  ? 0.9358 0.9861 0.8558 -0.1273 0.1108  0.0187  25  GLY A C   
148 O O   . GLY A 25  ? 0.9197 0.9568 0.8693 -0.1114 0.1016  0.0078  25  GLY A O   
149 N N   . LEU A 26  ? 0.9163 1.0108 0.8677 -0.1327 0.1287  0.0314  26  LEU A N   
150 C CA  . LEU A 26  ? 0.8313 0.9624 0.8477 -0.1141 0.1395  0.0289  26  LEU A CA  
151 C C   . LEU A 26  ? 0.7921 0.9336 0.8118 -0.0989 0.1656  0.0042  26  LEU A C   
152 O O   . LEU A 26  ? 0.9087 1.0314 0.8733 -0.1054 0.1769  -0.0107 26  LEU A O   
153 C CB  . LEU A 26  ? 0.8279 1.0073 0.8827 -0.1235 0.1457  0.0455  26  LEU A CB  
154 C CG  . LEU A 26  ? 0.8979 1.0851 0.9763 -0.1303 0.1223  0.0649  26  LEU A CG  
155 C CD1 . LEU A 26  ? 0.9946 1.1634 1.0939 -0.1123 0.1056  0.0662  26  LEU A CD1 
156 C CD2 . LEU A 26  ? 0.8871 1.0477 0.9253 -0.1535 0.1066  0.0748  26  LEU A CD2 
157 N N   . ASN A 27  ? 0.7296 0.8996 0.8119 -0.0775 0.1736  -0.0020 27  ASN A N   
158 C CA  . ASN A 27  ? 0.9050 1.0944 1.0068 -0.0605 0.2006  -0.0301 27  ASN A CA  
159 C C   . ASN A 27  ? 0.8975 1.0407 0.9611 -0.0511 0.1991  -0.0563 27  ASN A C   
160 O O   . ASN A 27  ? 0.8622 1.0135 0.9086 -0.0457 0.2241  -0.0850 27  ASN A O   
161 C CB  . ASN A 27  ? 1.1264 1.3591 1.2143 -0.0774 0.2342  -0.0362 27  ASN A CB  
162 C CG  . ASN A 27  ? 1.2349 1.5077 1.3524 -0.0951 0.2319  -0.0107 27  ASN A CG  
163 O OD1 . ASN A 27  ? 1.2126 1.5065 1.3887 -0.0830 0.2141  0.0015  27  ASN A OD1 
164 N ND2 . ASN A 27  ? 1.3939 1.6737 1.4675 -0.1248 0.2485  -0.0022 27  ASN A ND2 
165 N N   . GLN A 28  ? 0.9986 1.0957 1.0514 -0.0500 0.1708  -0.0504 28  GLN A N   
166 C CA  . GLN A 28  ? 1.0832 1.1363 1.1076 -0.0425 0.1636  -0.0775 28  GLN A CA  
167 C C   . GLN A 28  ? 1.0460 1.0636 1.1053 -0.0349 0.1386  -0.0712 28  GLN A C   
168 O O   . GLN A 28  ? 1.0465 1.0289 1.0783 -0.0443 0.1182  -0.0750 28  GLN A O   
169 C CB  . GLN A 28  ? 1.1815 1.2107 1.1229 -0.0627 0.1562  -0.0811 28  GLN A CB  
170 C CG  . GLN A 28  ? 1.2594 1.2544 1.1588 -0.0553 0.1533  -0.1170 28  GLN A CG  
171 C CD  . GLN A 28  ? 1.2051 1.1958 1.0143 -0.0710 0.1641  -0.1244 28  GLN A CD  
172 O OE1 . GLN A 28  ? 1.2768 1.2679 1.0534 -0.0641 0.1838  -0.1564 28  GLN A OE1 
173 N NE2 . GLN A 28  ? 1.1365 1.1201 0.9019 -0.0928 0.1516  -0.0949 28  GLN A NE2 
174 N N   . TRP A 29  ? 1.0187 1.0449 1.1402 -0.0181 0.1398  -0.0617 29  TRP A N   
175 C CA  . TRP A 29  ? 0.9486 0.9455 1.0995 -0.0173 0.1206  -0.0434 29  TRP A CA  
176 C C   . TRP A 29  ? 0.9414 0.8920 1.1111 -0.0067 0.1151  -0.0664 29  TRP A C   
177 O O   . TRP A 29  ? 0.8672 0.7872 1.0487 -0.0149 0.1013  -0.0557 29  TRP A O   
178 C CB  . TRP A 29  ? 0.9267 0.9477 1.1250 -0.0060 0.1200  -0.0159 29  TRP A CB  
179 C CG  . TRP A 29  ? 0.9014 0.9691 1.0897 -0.0182 0.1218  0.0044  29  TRP A CG  
180 C CD1 . TRP A 29  ? 0.8965 1.0125 1.1084 -0.0109 0.1359  0.0025  29  TRP A CD1 
181 C CD2 . TRP A 29  ? 0.8590 0.9308 1.0188 -0.0408 0.1094  0.0250  29  TRP A CD2 
182 N NE1 . TRP A 29  ? 0.8291 0.9770 1.0283 -0.0293 0.1321  0.0221  29  TRP A NE1 
183 C CE2 . TRP A 29  ? 0.8127 0.9321 0.9782 -0.0469 0.1153  0.0359  29  TRP A CE2 
184 C CE3 . TRP A 29  ? 0.8286 0.8709 0.9661 -0.0562 0.0944  0.0315  29  TRP A CE3 
185 C CZ2 . TRP A 29  ? 0.7758 0.9084 0.9220 -0.0675 0.1050  0.0532  29  TRP A CZ2 
186 C CZ3 . TRP A 29  ? 0.7900 0.8486 0.9096 -0.0746 0.0854  0.0472  29  TRP A CZ3 
187 C CH2 . TRP A 29  ? 0.7780 0.8787 0.9001 -0.0798 0.0898  0.0581  29  TRP A CH2 
188 N N   . ALA A 30  ? 0.9897 0.9348 1.1650 0.0094  0.1273  -0.1006 30  ALA A N   
189 C CA  . ALA A 30  ? 1.0369 0.9351 1.2281 0.0165  0.1196  -0.1285 30  ALA A CA  
190 C C   . ALA A 30  ? 1.0623 0.9372 1.2076 -0.0023 0.1031  -0.1435 30  ALA A C   
191 O O   . ALA A 30  ? 1.0380 0.8768 1.2063 -0.0077 0.0882  -0.1494 30  ALA A O   
192 C CB  . ALA A 30  ? 1.0929 0.9930 1.2991 0.0390  0.1363  -0.1686 30  ALA A CB  
193 N N   . ARG A 31  ? 1.1004 0.9938 1.1829 -0.0129 0.1040  -0.1498 31  ARG A N   
194 C CA  . ARG A 31  ? 1.1280 0.9988 1.1667 -0.0285 0.0802  -0.1595 31  ARG A CA  
195 C C   . ARG A 31  ? 1.1121 0.9816 1.1704 -0.0440 0.0639  -0.1291 31  ARG A C   
196 O O   . ARG A 31  ? 1.1151 0.9600 1.1827 -0.0522 0.0429  -0.1404 31  ARG A O   
197 C CB  . ARG A 31  ? 1.1557 1.0400 1.1151 -0.0369 0.0831  -0.1649 31  ARG A CB  
198 C CG  . ARG A 31  ? 1.2524 1.1475 1.1842 -0.0247 0.1079  -0.1956 31  ARG A CG  
199 C CD  . ARG A 31  ? 1.3441 1.2201 1.1874 -0.0327 0.0968  -0.2193 31  ARG A CD  
200 N NE  . ARG A 31  ? 1.4476 1.3349 1.2578 -0.0225 0.1247  -0.2540 31  ARG A NE  
201 C CZ  . ARG A 31  ? 1.5621 1.4359 1.2816 -0.0285 0.1228  -0.2771 31  ARG A CZ  
202 N NH1 . ARG A 31  ? 1.5891 1.4340 1.2447 -0.0425 0.0885  -0.2663 31  ARG A NH1 
203 N NH2 . ARG A 31  ? 1.6386 1.5275 1.3300 -0.0197 0.1543  -0.3122 31  ARG A NH2 
204 N N   . VAL A 32  ? 1.0359 0.9347 1.1047 -0.0482 0.0735  -0.0945 32  VAL A N   
205 C CA  . VAL A 32  ? 0.9667 0.8676 1.0539 -0.0623 0.0619  -0.0688 32  VAL A CA  
206 C C   . VAL A 32  ? 0.9145 0.7905 1.0545 -0.0609 0.0610  -0.0677 32  VAL A C   
207 O O   . VAL A 32  ? 0.9018 0.7640 1.0567 -0.0743 0.0492  -0.0701 32  VAL A O   
208 C CB  . VAL A 32  ? 0.9149 0.8533 1.0021 -0.0657 0.0718  -0.0361 32  VAL A CB  
209 C CG1 . VAL A 32  ? 0.8524 0.7926 0.9637 -0.0770 0.0643  -0.0130 32  VAL A CG1 
210 C CG2 . VAL A 32  ? 0.9158 0.8723 0.9524 -0.0761 0.0706  -0.0336 32  VAL A CG2 
211 N N   . SER A 33  ? 0.9223 0.7910 1.0947 -0.0452 0.0741  -0.0650 33  SER A N   
212 C CA  . SER A 33  ? 0.8723 0.7079 1.0912 -0.0457 0.0749  -0.0587 33  SER A CA  
213 C C   . SER A 33  ? 0.9471 0.7477 1.1815 -0.0516 0.0648  -0.0933 33  SER A C   
214 O O   . SER A 33  ? 0.8965 0.6738 1.1660 -0.0646 0.0635  -0.0887 33  SER A O   
215 C CB  . SER A 33  ? 0.8848 0.7123 1.1355 -0.0238 0.0856  -0.0499 33  SER A CB  
216 O OG  . SER A 33  ? 1.0439 0.8237 1.3351 -0.0203 0.0850  -0.0617 33  SER A OG  
217 N N   . SER A 34  ? 0.9950 0.7931 1.2021 -0.0443 0.0577  -0.1293 34  SER A N   
218 C CA  . SER A 34  ? 1.0656 0.8314 1.2887 -0.0473 0.0433  -0.1684 34  SER A CA  
219 C C   . SER A 34  ? 0.9599 0.7243 1.1941 -0.0682 0.0255  -0.1704 34  SER A C   
220 O O   . SER A 34  ? 0.9112 0.6504 1.1918 -0.0768 0.0188  -0.1899 34  SER A O   
221 C CB  . SER A 34  ? 1.1304 0.8975 1.3050 -0.0358 0.0369  -0.2059 34  SER A CB  
222 O OG  . SER A 34  ? 1.1557 0.9384 1.2737 -0.0458 0.0199  -0.2062 34  SER A OG  
223 N N   . LEU A 35  ? 0.9520 0.7436 1.1527 -0.0768 0.0182  -0.1528 35  LEU A N   
224 C CA  . LEU A 35  ? 0.9912 0.7873 1.2098 -0.0936 0.0010  -0.1570 35  LEU A CA  
225 C C   . LEU A 35  ? 0.9804 0.7808 1.2472 -0.1087 0.0178  -0.1317 35  LEU A C   
226 O O   . LEU A 35  ? 0.9459 0.7589 1.2337 -0.1234 0.0100  -0.1348 35  LEU A O   
227 C CB  . LEU A 35  ? 1.0946 0.9133 1.2603 -0.0955 -0.0141 -0.1476 35  LEU A CB  
228 C CG  . LEU A 35  ? 1.1279 0.9409 1.2275 -0.0841 -0.0251 -0.1637 35  LEU A CG  
229 C CD1 . LEU A 35  ? 1.0896 0.9162 1.1357 -0.0894 -0.0385 -0.1468 35  LEU A CD1 
230 C CD2 . LEU A 35  ? 1.1445 0.9305 1.2447 -0.0799 -0.0498 -0.2074 35  LEU A CD2 
231 N N   . LEU A 36  ? 1.0235 0.8139 1.3063 -0.1047 0.0402  -0.1070 36  LEU A N   
232 C CA  . LEU A 36  ? 1.0341 0.8204 1.3497 -0.1203 0.0579  -0.0795 36  LEU A CA  
233 C C   . LEU A 36  ? 0.9984 0.7418 1.3603 -0.1224 0.0681  -0.0852 36  LEU A C   
234 O O   . LEU A 36  ? 0.9858 0.7060 1.3525 -0.1059 0.0635  -0.1049 36  LEU A O   
235 C CB  . LEU A 36  ? 1.0465 0.8526 1.3327 -0.1149 0.0707  -0.0372 36  LEU A CB  
236 C CG  . LEU A 36  ? 1.0469 0.8931 1.2997 -0.1207 0.0636  -0.0284 36  LEU A CG  
237 C CD1 . LEU A 36  ? 1.0804 0.9493 1.3006 -0.1080 0.0681  -0.0012 36  LEU A CD1 
238 C CD2 . LEU A 36  ? 1.0322 0.8898 1.3029 -0.1428 0.0718  -0.0191 36  LEU A CD2 
239 N N   . ALA A 37  ? 1.0159 0.7470 1.4122 -0.1444 0.0838  -0.0694 37  ALA A N   
240 C CA  . ALA A 37  ? 1.1194 0.8036 1.5653 -0.1529 0.0943  -0.0738 37  ALA A CA  
241 C C   . ALA A 37  ? 1.1096 0.7609 1.5474 -0.1422 0.1079  -0.0330 37  ALA A C   
242 O O   . ALA A 37  ? 1.1027 0.7160 1.5619 -0.1268 0.1044  -0.0435 37  ALA A O   
243 C CB  . ALA A 37  ? 1.1402 0.8245 1.6316 -0.1862 0.1085  -0.0778 37  ALA A CB  
244 N N   . ARG A 38  ? 1.1453 0.8091 1.5527 -0.1486 0.1204  0.0115  38  ARG A N   
245 C CA  . ARG A 38  ? 1.2388 0.8678 1.6359 -0.1395 0.1280  0.0556  38  ARG A CA  
246 C C   . ARG A 38  ? 1.2171 0.8842 1.5634 -0.1231 0.1218  0.0852  38  ARG A C   
247 O O   . ARG A 38  ? 1.2695 0.9344 1.5882 -0.1309 0.1294  0.1269  38  ARG A O   
248 C CB  . ARG A 38  ? 1.3411 0.9335 1.7511 -0.1699 0.1503  0.0865  38  ARG A CB  
249 C CG  . ARG A 38  ? 1.3994 0.9480 1.8714 -0.1895 0.1591  0.0609  38  ARG A CG  
250 C CD  . ARG A 38  ? 1.5010 0.9795 1.9964 -0.1773 0.1577  0.0788  38  ARG A CD  
251 N NE  . ARG A 38  ? 1.5096 0.9761 2.0400 -0.1528 0.1389  0.0322  38  ARG A NE  
252 C CZ  . ARG A 38  ? 1.5437 0.9743 2.1319 -0.1639 0.1388  -0.0038 38  ARG A CZ  
253 N NH1 . ARG A 38  ? 1.5641 0.9687 2.1896 -0.2012 0.1582  0.0028  38  ARG A NH1 
254 N NH2 . ARG A 38  ? 1.5627 0.9855 2.1729 -0.1396 0.1206  -0.0492 38  ARG A NH2 
255 N N   . LYS A 39  ? 1.1181 0.8202 1.4504 -0.1016 0.1080  0.0628  39  LYS A N   
256 C CA  . LYS A 39  ? 1.0306 0.7740 1.3259 -0.0869 0.1016  0.0836  39  LYS A CA  
257 C C   . LYS A 39  ? 0.9785 0.7313 1.2810 -0.0568 0.0931  0.0646  39  LYS A C   
258 O O   . LYS A 39  ? 0.9460 0.7080 1.2503 -0.0529 0.0899  0.0262  39  LYS A O   
259 C CB  . LYS A 39  ? 0.9466 0.7386 1.2136 -0.1019 0.0996  0.0748  39  LYS A CB  
260 C CG  . LYS A 39  ? 0.8980 0.6947 1.1540 -0.1285 0.1113  0.0957  39  LYS A CG  
261 C CD  . LYS A 39  ? 0.9624 0.7458 1.1944 -0.1263 0.1159  0.1427  39  LYS A CD  
262 C CE  . LYS A 39  ? 0.8793 0.6770 1.0836 -0.1531 0.1298  0.1615  39  LYS A CE  
263 N NZ  . LYS A 39  ? 0.8707 0.6385 1.1004 -0.1814 0.1519  0.1559  39  LYS A NZ  
264 N N   . THR A 40  ? 0.9616 0.7135 1.2676 -0.0353 0.0888  0.0899  40  THR A N   
265 C CA  . THR A 40  ? 0.9311 0.6970 1.2555 -0.0057 0.0850  0.0696  40  THR A CA  
266 C C   . THR A 40  ? 0.8756 0.7025 1.1724 -0.0046 0.0856  0.0547  40  THR A C   
267 O O   . THR A 40  ? 0.7816 0.6383 1.0476 -0.0220 0.0841  0.0692  40  THR A O   
268 C CB  . THR A 40  ? 0.9364 0.6893 1.2821 0.0187  0.0763  0.1006  40  THR A CB  
269 O OG1 . THR A 40  ? 0.8874 0.6917 1.2101 0.0220  0.0694  0.1231  40  THR A OG1 
270 C CG2 . THR A 40  ? 0.9540 0.6460 1.3051 0.0091  0.0743  0.1360  40  THR A CG2 
271 N N   . PRO A 41  ? 0.8983 0.7433 1.2060 0.0144  0.0900  0.0246  41  PRO A N   
272 C CA  . PRO A 41  ? 0.9177 0.8190 1.1990 0.0132  0.0946  0.0165  41  PRO A CA  
273 C C   . PRO A 41  ? 0.8808 0.8206 1.1637 0.0164  0.0892  0.0496  41  PRO A C   
274 O O   . PRO A 41  ? 0.8160 0.7916 1.0695 0.0004  0.0888  0.0565  41  PRO A O   
275 C CB  . PRO A 41  ? 0.9551 0.8648 1.2545 0.0346  0.1058  -0.0208 41  PRO A CB  
276 C CG  . PRO A 41  ? 1.0170 0.8789 1.3641 0.0543  0.1022  -0.0259 41  PRO A CG  
277 C CD  . PRO A 41  ? 0.9607 0.7755 1.3020 0.0340  0.0938  -0.0081 41  PRO A CD  
278 N N   . LYS A 42  ? 0.9392 0.8691 1.2564 0.0369  0.0811  0.0702  42  LYS A N   
279 C CA  . LYS A 42  ? 0.9376 0.9031 1.2558 0.0412  0.0691  0.1010  42  LYS A CA  
280 C C   . LYS A 42  ? 0.8438 0.8032 1.1203 0.0156  0.0620  0.1305  42  LYS A C   
281 O O   . LYS A 42  ? 0.8138 0.8155 1.0730 0.0073  0.0560  0.1421  42  LYS A O   
282 C CB  . LYS A 42  ? 1.0796 1.0274 1.4422 0.0717  0.0549  0.1176  42  LYS A CB  
283 C CG  . LYS A 42  ? 1.1537 1.1461 1.5265 0.0826  0.0370  0.1418  42  LYS A CG  
284 C CD  . LYS A 42  ? 1.2082 1.2720 1.5981 0.0833  0.0483  0.1154  42  LYS A CD  
285 C CE  . LYS A 42  ? 1.1644 1.2765 1.5422 0.0739  0.0333  0.1372  42  LYS A CE  
286 N NZ  . LYS A 42  ? 1.1414 1.2409 1.4578 0.0417  0.0331  0.1535  42  LYS A NZ  
287 N N   . GLN A 43  ? 0.7960 0.7056 1.0596 0.0014  0.0646  0.1391  43  GLN A N   
288 C CA  . GLN A 43  ? 0.7771 0.6844 1.0034 -0.0247 0.0643  0.1608  43  GLN A CA  
289 C C   . GLN A 43  ? 0.7268 0.6697 0.9296 -0.0450 0.0693  0.1403  43  GLN A C   
290 O O   . GLN A 43  ? 0.7109 0.6730 0.8872 -0.0618 0.0666  0.1535  43  GLN A O   
291 C CB  . GLN A 43  ? 0.8969 0.7471 1.1238 -0.0391 0.0726  0.1686  43  GLN A CB  
292 C CG  . GLN A 43  ? 1.0243 0.8275 1.2599 -0.0268 0.0656  0.2029  43  GLN A CG  
293 C CD  . GLN A 43  ? 1.1276 0.8732 1.3643 -0.0481 0.0791  0.2115  43  GLN A CD  
294 O OE1 . GLN A 43  ? 1.1279 0.8561 1.3901 -0.0563 0.0892  0.1800  43  GLN A OE1 
295 N NE2 . GLN A 43  ? 1.1946 0.9105 1.4020 -0.0591 0.0793  0.2539  43  GLN A NE2 
296 N N   . CYS A 44  ? 0.7246 0.6719 0.9336 -0.0438 0.0752  0.1076  44  CYS A N   
297 C CA  . CYS A 44  ? 0.7406 0.7137 0.9245 -0.0608 0.0751  0.0914  44  CYS A CA  
298 C C   . CYS A 44  ? 0.6597 0.6815 0.8357 -0.0584 0.0719  0.0978  44  CYS A C   
299 O O   . CYS A 44  ? 0.6259 0.6693 0.7815 -0.0748 0.0672  0.1014  44  CYS A O   
300 C CB  . CYS A 44  ? 0.7811 0.7375 0.9631 -0.0604 0.0784  0.0576  44  CYS A CB  
301 S SG  . CYS A 44  ? 0.7085 0.6101 0.9130 -0.0646 0.0797  0.0417  44  CYS A SG  
302 N N   . LYS A 45  ? 0.7217 0.7626 0.9212 -0.0382 0.0750  0.0959  45  LYS A N   
303 C CA  . LYS A 45  ? 0.7007 0.7925 0.9068 -0.0366 0.0730  0.1021  45  LYS A CA  
304 C C   . LYS A 45  ? 0.6670 0.7741 0.8673 -0.0418 0.0576  0.1297  45  LYS A C   
305 O O   . LYS A 45  ? 0.6755 0.8144 0.8624 -0.0566 0.0529  0.1318  45  LYS A O   
306 C CB  . LYS A 45  ? 0.7482 0.8603 0.9955 -0.0115 0.0796  0.0922  45  LYS A CB  
307 C CG  . LYS A 45  ? 0.7294 0.9019 0.9981 -0.0106 0.0810  0.0925  45  LYS A CG  
308 C CD  . LYS A 45  ? 0.7993 0.9980 1.1146 0.0118  0.0954  0.0711  45  LYS A CD  
309 C CE  . LYS A 45  ? 0.8656 1.1305 1.2190 0.0128  0.0956  0.0718  45  LYS A CE  
310 N NZ  . LYS A 45  ? 0.9182 1.2215 1.3211 0.0291  0.1179  0.0436  45  LYS A NZ  
311 N N   . ALA A 46  ? 0.6670 0.7471 0.8721 -0.0313 0.0490  0.1509  46  ALA A N   
312 C CA  . ALA A 46  ? 0.7037 0.7922 0.8880 -0.0374 0.0340  0.1779  46  ALA A CA  
313 C C   . ALA A 46  ? 0.6811 0.7714 0.8290 -0.0654 0.0378  0.1740  46  ALA A C   
314 O O   . ALA A 46  ? 0.6397 0.7645 0.7745 -0.0751 0.0287  0.1769  46  ALA A O   
315 C CB  . ALA A 46  ? 0.7289 0.7721 0.9097 -0.0260 0.0270  0.2047  46  ALA A CB  
316 N N   . ARG A 47  ? 0.6544 0.7099 0.7930 -0.0780 0.0499  0.1632  47  ARG A N   
317 C CA  . ARG A 47  ? 0.6383 0.6955 0.7534 -0.1020 0.0534  0.1563  47  ARG A CA  
318 C C   . ARG A 47  ? 0.6000 0.6895 0.7126 -0.1115 0.0488  0.1374  47  ARG A C   
319 O O   . ARG A 47  ? 0.6034 0.7102 0.7010 -0.1262 0.0442  0.1356  47  ARG A O   
320 C CB  . ARG A 47  ? 0.7214 0.7393 0.8424 -0.1119 0.0659  0.1437  47  ARG A CB  
321 C CG  . ARG A 47  ? 0.7018 0.7250 0.8125 -0.1351 0.0709  0.1305  47  ARG A CG  
322 C CD  . ARG A 47  ? 0.6859 0.7162 0.7700 -0.1465 0.0755  0.1514  47  ARG A CD  
323 N NE  . ARG A 47  ? 0.6468 0.6872 0.7279 -0.1680 0.0846  0.1328  47  ARG A NE  
324 C CZ  . ARG A 47  ? 0.6887 0.7404 0.7425 -0.1824 0.0934  0.1416  47  ARG A CZ  
325 N NH1 . ARG A 47  ? 0.8199 0.8702 0.8381 -0.1776 0.0900  0.1731  47  ARG A NH1 
326 N NH2 . ARG A 47  ? 0.6739 0.7389 0.7354 -0.2006 0.1046  0.1169  47  ARG A NH2 
327 N N   . TRP A 48  ? 0.5880 0.6835 0.7123 -0.1045 0.0508  0.1234  48  TRP A N   
328 C CA  . TRP A 48  ? 0.8660 0.9862 0.9829 -0.1161 0.0465  0.1126  48  TRP A CA  
329 C C   . TRP A 48  ? 0.7092 0.8724 0.8355 -0.1147 0.0392  0.1239  48  TRP A C   
330 O O   . TRP A 48  ? 0.6101 0.7928 0.7302 -0.1293 0.0320  0.1202  48  TRP A O   
331 C CB  . TRP A 48  ? 0.9093 1.0193 1.0235 -0.1135 0.0535  0.0963  48  TRP A CB  
332 C CG  . TRP A 48  ? 0.9082 1.0407 1.0122 -0.1257 0.0518  0.0931  48  TRP A CG  
333 C CD1 . TRP A 48  ? 0.9101 1.0797 1.0290 -0.1247 0.0575  0.0984  48  TRP A CD1 
334 C CD2 . TRP A 48  ? 0.9066 1.0242 0.9888 -0.1422 0.0431  0.0850  48  TRP A CD2 
335 N NE1 . TRP A 48  ? 0.9329 1.1083 1.0368 -0.1429 0.0564  0.0959  48  TRP A NE1 
336 C CE2 . TRP A 48  ? 0.9517 1.0918 1.0301 -0.1526 0.0453  0.0893  48  TRP A CE2 
337 C CE3 . TRP A 48  ? 0.9306 1.0178 1.0017 -0.1487 0.0320  0.0735  48  TRP A CE3 
338 C CZ2 . TRP A 48  ? 0.9213 1.0454 0.9783 -0.1694 0.0358  0.0869  48  TRP A CZ2 
339 C CZ3 . TRP A 48  ? 0.9500 1.0255 1.0045 -0.1615 0.0191  0.0682  48  TRP A CZ3 
340 C CH2 . TRP A 48  ? 0.9238 1.0134 0.9678 -0.1718 0.0204  0.0770  48  TRP A CH2 
341 N N   . ASN A 49  ? 0.6637 0.8421 0.8115 -0.0964 0.0382  0.1352  49  ASN A N   
342 C CA  . ASN A 49  ? 0.7096 0.9340 0.8757 -0.0938 0.0268  0.1426  49  ASN A CA  
343 C C   . ASN A 49  ? 0.7638 0.9959 0.9101 -0.0993 0.0099  0.1564  49  ASN A C   
344 O O   . ASN A 49  ? 0.6768 0.9475 0.8325 -0.1039 -0.0034 0.1562  49  ASN A O   
345 C CB  . ASN A 49  ? 0.7051 0.9480 0.9101 -0.0689 0.0262  0.1472  49  ASN A CB  
346 C CG  . ASN A 49  ? 0.6460 0.9078 0.8762 -0.0670 0.0448  0.1284  49  ASN A CG  
347 O OD1 . ASN A 49  ? 0.6394 0.9131 0.8585 -0.0866 0.0539  0.1182  49  ASN A OD1 
348 N ND2 . ASN A 49  ? 0.6533 0.9150 0.9156 -0.0436 0.0518  0.1234  49  ASN A ND2 
349 N N   . GLU A 50  ? 0.6527 0.8502 0.7713 -0.1007 0.0114  0.1669  50  GLU A N   
350 C CA  . GLU A 50  ? 0.7040 0.9068 0.7915 -0.1074 -0.0005 0.1802  50  GLU A CA  
351 C C   . GLU A 50  ? 0.6525 0.8463 0.7138 -0.1303 0.0080  0.1659  50  GLU A C   
352 O O   . GLU A 50  ? 0.7489 0.9533 0.7807 -0.1393 0.0017  0.1698  50  GLU A O   
353 C CB  . GLU A 50  ? 0.8279 0.9992 0.8978 -0.0937 -0.0035 0.2076  50  GLU A CB  
354 C CG  . GLU A 50  ? 0.9123 1.0864 1.0168 -0.0660 -0.0150 0.2201  50  GLU A CG  
355 C CD  . GLU A 50  ? 0.9588 1.1855 1.0858 -0.0555 -0.0392 0.2208  50  GLU A CD  
356 O OE1 . GLU A 50  ? 0.9718 1.2210 1.1492 -0.0372 -0.0419 0.2137  50  GLU A OE1 
357 O OE2 . GLU A 50  ? 0.9879 1.2359 1.0861 -0.0652 -0.0553 0.2252  50  GLU A OE2 
358 N N   . TRP A 51  ? 0.5743 0.5338 0.7544 -0.0988 -0.0591 0.0852  51  TRP A N   
359 C CA  . TRP A 51  ? 0.6480 0.6345 0.8401 -0.0728 -0.0650 0.0737  51  TRP A CA  
360 C C   . TRP A 51  ? 0.6610 0.5965 0.8217 -0.0450 -0.0842 0.0681  51  TRP A C   
361 O O   . TRP A 51  ? 0.6871 0.5907 0.8268 -0.0234 -0.0907 0.0566  51  TRP A O   
362 C CB  . TRP A 51  ? 0.6000 0.6632 0.8410 -0.0786 -0.0674 0.0732  51  TRP A CB  
363 C CG  . TRP A 51  ? 0.6382 0.7451 0.9023 -0.0512 -0.0740 0.0514  51  TRP A CG  
364 C CD1 . TRP A 51  ? 0.7254 0.8503 1.0093 -0.0293 -0.0929 0.0405  51  TRP A CD1 
365 C CD2 . TRP A 51  ? 0.6250 0.7685 0.8998 -0.0389 -0.0649 0.0297  51  TRP A CD2 
366 N NE1 . TRP A 51  ? 0.7959 0.9701 1.1076 -0.0027 -0.0973 0.0102  51  TRP A NE1 
367 C CE2 . TRP A 51  ? 0.7028 0.8916 1.0101 -0.0083 -0.0793 0.0020  51  TRP A CE2 
368 C CE3 . TRP A 51  ? 0.6378 0.7856 0.9014 -0.0493 -0.0474 0.0266  51  TRP A CE3 
369 C CZ2 . TRP A 51  ? 0.7148 0.9581 1.0475 0.0125  -0.0760 -0.0330 51  TRP A CZ2 
370 C CZ3 . TRP A 51  ? 0.6378 0.8363 0.9209 -0.0304 -0.0427 -0.0040 51  TRP A CZ3 
371 C CH2 . TRP A 51  ? 0.6409 0.8886 0.9599 0.0005  -0.0566 -0.0354 51  TRP A CH2 
372 N N   . LEU A 52  ? 0.7331 0.6551 0.8874 -0.0443 -0.0979 0.0753  52  LEU A N   
373 C CA  . LEU A 52  ? 0.8241 0.7037 0.9496 -0.0149 -0.1241 0.0700  52  LEU A CA  
374 C C   . LEU A 52  ? 0.8303 0.6135 0.8823 -0.0172 -0.1293 0.0780  52  LEU A C   
375 O O   . LEU A 52  ? 0.8338 0.5641 0.8525 0.0103  -0.1560 0.0726  52  LEU A O   
376 C CB  . LEU A 52  ? 0.8545 0.7470 0.9895 -0.0148 -0.1389 0.0751  52  LEU A CB  
377 C CG  . LEU A 52  ? 0.8937 0.8524 1.0832 0.0094  -0.1554 0.0589  52  LEU A CG  
378 C CD1 . LEU A 52  ? 0.8697 0.8129 1.0492 0.0192  -0.1795 0.0613  52  LEU A CD1 
379 C CD2 . LEU A 52  ? 0.9140 0.8768 1.1115 0.0456  -0.1700 0.0353  52  LEU A CD2 
380 N N   . ASP A 53  ? 0.8340 0.5920 0.8596 -0.0510 -0.1077 0.0884  53  ASP A N   
381 C CA  . ASP A 53  ? 0.8579 0.5277 0.8095 -0.0647 -0.1079 0.0961  53  ASP A CA  
382 C C   . ASP A 53  ? 0.9087 0.5396 0.8453 -0.0422 -0.1188 0.0880  53  ASP A C   
383 O O   . ASP A 53  ? 0.8347 0.5113 0.8130 -0.0378 -0.1043 0.0762  53  ASP A O   
384 C CB  . ASP A 53  ? 0.9343 0.6073 0.8785 -0.1056 -0.0778 0.0977  53  ASP A CB  
385 C CG  . ASP A 53  ? 1.0677 0.6570 0.9316 -0.1329 -0.0727 0.1048  53  ASP A CG  
386 O OD1 . ASP A 53  ? 1.0220 0.6167 0.8699 -0.1682 -0.0539 0.1028  53  ASP A OD1 
387 O OD2 . ASP A 53  ? 1.0877 0.6073 0.9050 -0.1211 -0.0889 0.1098  53  ASP A OD2 
388 N N   . PRO A 54  ? 1.1550 0.6986 1.0299 -0.0268 -0.1484 0.0927  54  PRO A N   
389 C CA  . PRO A 54  ? 1.1941 0.6936 1.0577 0.0002  -0.1678 0.0802  54  PRO A CA  
390 C C   . PRO A 54  ? 1.1303 0.5929 0.9676 -0.0277 -0.1451 0.0824  54  PRO A C   
391 O O   . PRO A 54  ? 1.1138 0.5456 0.9490 -0.0062 -0.1594 0.0687  54  PRO A O   
392 C CB  . PRO A 54  ? 1.3727 0.7686 1.1646 0.0193  -0.2141 0.0893  54  PRO A CB  
393 C CG  . PRO A 54  ? 1.4209 0.8350 1.2055 0.0120  -0.2187 0.1014  54  PRO A CG  
394 C CD  . PRO A 54  ? 1.2696 0.7493 1.0817 -0.0302 -0.1727 0.1083  54  PRO A CD  
395 N N   . SER A 55  ? 1.1320 0.5973 0.9517 -0.0734 -0.1133 0.0942  55  SER A N   
396 C CA  . SER A 55  ? 1.2365 0.6829 1.0444 -0.1005 -0.0897 0.0901  55  SER A CA  
397 C C   . SER A 55  ? 1.0816 0.6194 0.9651 -0.0938 -0.0670 0.0733  55  SER A C   
398 O O   . SER A 55  ? 1.0652 0.5938 0.9490 -0.1035 -0.0539 0.0640  55  SER A O   
399 C CB  . SER A 55  ? 1.3545 0.7738 1.1156 -0.1535 -0.0656 0.1010  55  SER A CB  
400 O OG  . SER A 55  ? 1.3393 0.8472 1.1582 -0.1691 -0.0389 0.0922  55  SER A OG  
401 N N   . ILE A 56  ? 1.0072 0.6282 0.9492 -0.0799 -0.0644 0.0699  56  ILE A N   
402 C CA  . ILE A 56  ? 1.0164 0.7160 1.0170 -0.0762 -0.0483 0.0580  56  ILE A CA  
403 C C   . ILE A 56  ? 1.0331 0.7461 1.0515 -0.0412 -0.0611 0.0391  56  ILE A C   
404 O O   . ILE A 56  ? 1.0932 0.8031 1.1159 -0.0096 -0.0855 0.0312  56  ILE A O   
405 C CB  . ILE A 56  ? 1.0281 0.8030 1.0765 -0.0802 -0.0443 0.0632  56  ILE A CB  
406 C CG1 . ILE A 56  ? 1.0675 0.8426 1.1132 -0.1131 -0.0314 0.0712  56  ILE A CG1 
407 C CG2 . ILE A 56  ? 1.0354 0.8848 1.1316 -0.0757 -0.0351 0.0541  56  ILE A CG2 
408 C CD1 . ILE A 56  ? 1.0667 0.8626 1.1252 -0.1133 -0.0415 0.0793  56  ILE A CD1 
409 N N   . ARG A 57  ? 1.0127 0.7455 1.0448 -0.0448 -0.0467 0.0265  57  ARG A N   
410 C CA  . ARG A 57  ? 1.0425 0.8026 1.0973 -0.0126 -0.0561 0.0009  57  ARG A CA  
411 C C   . ARG A 57  ? 0.9273 0.7904 1.0369 -0.0016 -0.0514 -0.0097 57  ARG A C   
412 O O   . ARG A 57  ? 0.8301 0.7437 0.9597 -0.0265 -0.0356 0.0052  57  ARG A O   
413 C CB  . ARG A 57  ? 1.0800 0.8364 1.1323 -0.0218 -0.0413 -0.0116 57  ARG A CB  
414 C CG  . ARG A 57  ? 1.2238 0.8894 1.2262 -0.0453 -0.0387 -0.0018 57  ARG A CG  
415 C CD  . ARG A 57  ? 1.2020 0.8531 1.2024 -0.0429 -0.0338 -0.0220 57  ARG A CD  
416 N NE  . ARG A 57  ? 1.2479 0.9345 1.2762 -0.0033 -0.0484 -0.0507 57  ARG A NE  
417 C CZ  . ARG A 57  ? 1.3575 0.9899 1.3708 0.0198  -0.0688 -0.0722 57  ARG A CZ  
418 N NH1 . ARG A 57  ? 1.5161 1.0474 1.4795 0.0020  -0.0767 -0.0621 57  ARG A NH1 
419 N NH2 . ARG A 57  ? 1.3692 1.0504 1.4183 0.0587  -0.0826 -0.1071 57  ARG A NH2 
420 N N   . LYS A 58  ? 0.9851 0.8789 1.1192 0.0346  -0.0678 -0.0388 58  LYS A N   
421 C CA  . LYS A 58  ? 1.0017 1.0028 1.1892 0.0424  -0.0618 -0.0569 58  LYS A CA  
422 C C   . LYS A 58  ? 1.0391 1.1141 1.2560 0.0505  -0.0487 -0.0906 58  LYS A C   
423 O O   . LYS A 58  ? 1.0301 1.2067 1.2854 0.0410  -0.0335 -0.1036 58  LYS A O   
424 C CB  . LYS A 58  ? 1.0028 1.0058 1.2082 0.0788  -0.0922 -0.0742 58  LYS A CB  
425 C CG  . LYS A 58  ? 0.9566 0.9746 1.1691 0.0629  -0.0925 -0.0498 58  LYS A CG  
426 C CD  . LYS A 58  ? 0.9101 0.8306 1.0673 0.0441  -0.0973 -0.0143 58  LYS A CD  
427 C CE  . LYS A 58  ? 0.8230 0.7590 0.9892 0.0342  -0.1022 0.0034  58  LYS A CE  
428 N NZ  . LYS A 58  ? 0.8274 0.6689 0.9354 0.0245  -0.1141 0.0280  58  LYS A NZ  
429 N N   . ILE A 59  ? 1.0970 1.1260 1.2942 0.0632  -0.0531 -0.1058 59  ILE A N   
430 C CA  . ILE A 59  ? 1.1024 1.2005 1.3256 0.0738  -0.0424 -0.1433 59  ILE A CA  
431 C C   . ILE A 59  ? 0.9529 1.0932 1.1672 0.0307  -0.0098 -0.1240 59  ILE A C   
432 O O   . ILE A 59  ? 0.7978 0.8948 0.9861 -0.0002 -0.0016 -0.0862 59  ILE A O   
433 C CB  . ILE A 59  ? 1.2438 1.2646 1.4480 0.1056  -0.0658 -0.1676 59  ILE A CB  
434 C CG1 . ILE A 59  ? 1.2742 1.3703 1.5132 0.1288  -0.0624 -0.2200 59  ILE A CG1 
435 C CG2 . ILE A 59  ? 1.2874 1.2138 1.4410 0.0769  -0.0582 -0.1340 59  ILE A CG2 
436 C CD1 . ILE A 59  ? 1.2847 1.4822 1.5827 0.1639  -0.0735 -0.2710 59  ILE A CD1 
437 N N   . GLU A 60  ? 0.9692 1.1975 1.2051 0.0292  0.0060  -0.1538 60  GLU A N   
438 C CA  . GLU A 60  ? 0.9900 1.2506 1.2075 -0.0095 0.0304  -0.1378 60  GLU A CA  
439 C C   . GLU A 60  ? 0.8246 0.9959 1.0075 -0.0139 0.0273  -0.1245 60  GLU A C   
440 O O   . GLU A 60  ? 0.7790 0.8788 0.9531 0.0125  0.0106  -0.1375 60  GLU A O   
441 C CB  . GLU A 60  ? 1.0814 1.4490 1.3196 -0.0090 0.0467  -0.1784 60  GLU A CB  
442 C CG  . GLU A 60  ? 1.2037 1.5795 1.4687 0.0408  0.0307  -0.2341 60  GLU A CG  
443 C CD  . GLU A 60  ? 1.2998 1.7376 1.6137 0.0720  0.0178  -0.2706 60  GLU A CD  
444 O OE1 . GLU A 60  ? 1.3123 1.7359 1.6318 0.0665  0.0109  -0.2451 60  GLU A OE1 
445 O OE2 . GLU A 60  ? 1.3538 1.8560 1.7047 0.1051  0.0115  -0.3299 60  GLU A OE2 
446 N N   . TRP A 61  ? 0.7907 0.9646 0.9530 -0.0494 0.0405  -0.0998 61  TRP A N   
447 C CA  . TRP A 61  ? 0.8318 0.9373 0.9692 -0.0564 0.0392  -0.0933 61  TRP A CA  
448 C C   . TRP A 61  ? 0.8055 0.9210 0.9437 -0.0356 0.0399  -0.1314 61  TRP A C   
449 O O   . TRP A 61  ? 0.7488 0.9430 0.8938 -0.0384 0.0511  -0.1523 61  TRP A O   
450 C CB  . TRP A 61  ? 0.8164 0.9303 0.9374 -0.0937 0.0459  -0.0659 61  TRP A CB  
451 C CG  . TRP A 61  ? 0.8057 0.8808 0.9254 -0.1113 0.0388  -0.0330 61  TRP A CG  
452 C CD1 . TRP A 61  ? 0.7048 0.8052 0.8366 -0.1200 0.0360  -0.0138 61  TRP A CD1 
453 C CD2 . TRP A 61  ? 0.7784 0.7905 0.8888 -0.1227 0.0332  -0.0218 61  TRP A CD2 
454 N NE1 . TRP A 61  ? 0.7160 0.7694 0.8454 -0.1335 0.0273  0.0087  61  TRP A NE1 
455 C CE2 . TRP A 61  ? 0.7289 0.7325 0.8469 -0.1355 0.0265  0.0020  61  TRP A CE2 
456 C CE3 . TRP A 61  ? 0.8742 0.8436 0.9751 -0.1246 0.0338  -0.0345 61  TRP A CE3 
457 C CZ2 . TRP A 61  ? 0.7338 0.6935 0.8519 -0.1483 0.0205  0.0092  61  TRP A CZ2 
458 C CZ3 . TRP A 61  ? 0.8063 0.7343 0.9082 -0.1401 0.0299  -0.0270 61  TRP A CZ3 
459 C CH2 . TRP A 61  ? 0.7738 0.7000 0.8851 -0.1510 0.0235  -0.0072 61  TRP A CH2 
460 N N   . SER A 62  ? 0.9081 0.9441 1.0366 -0.0176 0.0275  -0.1416 62  SER A N   
461 C CA  . SER A 62  ? 1.0387 1.0680 1.1654 -0.0024 0.0255  -0.1749 62  SER A CA  
462 C C   . SER A 62  ? 1.0782 1.1025 1.1871 -0.0314 0.0370  -0.1637 62  SER A C   
463 O O   . SER A 62  ? 1.0457 1.0330 1.1428 -0.0565 0.0390  -0.1341 62  SER A O   
464 C CB  . SER A 62  ? 1.0510 0.9839 1.1676 0.0210  0.0039  -0.1866 62  SER A CB  
465 O OG  . SER A 62  ? 1.0331 0.8875 1.1223 -0.0063 0.0067  -0.1609 62  SER A OG  
466 N N   . LYS A 63  ? 1.4378 0.9135 1.2749 -0.1067 0.0931  -0.1312 63  LYS A N   
467 C CA  . LYS A 63  ? 1.5228 1.0581 1.2979 -0.1064 0.0671  -0.1584 63  LYS A CA  
468 C C   . LYS A 63  ? 1.3504 0.8867 1.1710 -0.1475 0.0257  -0.1853 63  LYS A C   
469 O O   . LYS A 63  ? 1.2908 0.8821 1.0724 -0.1541 -0.0011 -0.1996 63  LYS A O   
470 C CB  . LYS A 63  ? 1.6898 1.2450 1.3894 -0.0752 0.0781  -0.2130 63  LYS A CB  
471 C CG  . LYS A 63  ? 1.7144 1.3117 1.3466 -0.0323 0.1091  -0.1737 63  LYS A CG  
472 C CD  . LYS A 63  ? 1.7573 1.3701 1.3199 0.0036  0.1298  -0.2191 63  LYS A CD  
473 C CE  . LYS A 63  ? 1.7548 1.4622 1.2311 0.0246  0.1193  -0.2203 63  LYS A CE  
474 N NZ  . LYS A 63  ? 1.7461 1.4933 1.1881 0.0649  0.1534  -0.1538 63  LYS A NZ  
475 N N   . ASP A 64  ? 1.3372 0.8189 1.2457 -0.1749 0.0206  -0.1865 64  ASP A N   
476 C CA  . ASP A 64  ? 1.3307 0.8180 1.2985 -0.2147 -0.0147 -0.1836 64  ASP A CA  
477 C C   . ASP A 64  ? 1.1933 0.7192 1.1619 -0.2236 -0.0199 -0.1166 64  ASP A C   
478 O O   . ASP A 64  ? 1.1578 0.7213 1.1288 -0.2440 -0.0492 -0.1140 64  ASP A O   
479 C CB  . ASP A 64  ? 1.4131 0.8376 1.4855 -0.2385 -0.0134 -0.1882 64  ASP A CB  
480 C CG  . ASP A 64  ? 1.4652 0.9067 1.5938 -0.2726 -0.0495 -0.1726 64  ASP A CG  
481 O OD1 . ASP A 64  ? 1.4729 0.9231 1.6286 -0.2737 -0.0426 -0.1187 64  ASP A OD1 
482 O OD2 . ASP A 64  ? 1.5102 0.9803 1.6244 -0.2912 -0.0780 -0.2099 64  ASP A OD2 
483 N N   . GLU A 65  ? 1.1050 0.6244 1.0730 -0.2090 0.0096  -0.0647 65  GLU A N   
484 C CA  . GLU A 65  ? 1.0456 0.6021 1.0100 -0.2159 0.0112  -0.0088 65  GLU A CA  
485 C C   . GLU A 65  ? 0.9732 0.5842 0.8601 -0.1910 0.0158  -0.0043 65  GLU A C   
486 O O   . GLU A 65  ? 0.8535 0.5026 0.7395 -0.2005 0.0093  0.0283  65  GLU A O   
487 C CB  . GLU A 65  ? 1.1297 0.6703 1.1228 -0.2091 0.0412  0.0391  65  GLU A CB  
488 C CG  . GLU A 65  ? 1.1428 0.7230 1.2260 -0.2023 0.0124  0.0580  65  GLU A CG  
489 C CD  . GLU A 65  ? 1.1382 0.7587 1.1737 -0.1895 0.0140  0.0910  65  GLU A CD  
490 O OE1 . GLU A 65  ? 1.1480 0.7543 1.1903 -0.1714 0.0359  0.0991  65  GLU A OE1 
491 O OE2 . GLU A 65  ? 1.1246 0.7686 1.1112 -0.1924 0.0468  0.0782  65  GLU A OE2 
492 N N   . ASP A 66  ? 1.0323 0.6514 0.8580 -0.1575 0.0306  -0.0320 66  ASP A N   
493 C CA  . ASP A 66  ? 1.0441 0.7254 0.8014 -0.1309 0.0359  -0.0213 66  ASP A CA  
494 C C   . ASP A 66  ? 1.0335 0.7633 0.7749 -0.1476 -0.0031 -0.0472 66  ASP A C   
495 O O   . ASP A 66  ? 0.9685 0.7521 0.6949 -0.1454 -0.0079 -0.0142 66  ASP A O   
496 C CB  . ASP A 66  ? 1.1433 0.8293 0.8394 -0.0901 0.0614  -0.0426 66  ASP A CB  
497 C CG  . ASP A 66  ? 1.0996 0.7661 0.7982 -0.0640 0.1049  0.0022  66  ASP A CG  
498 O OD1 . ASP A 66  ? 1.0148 0.6698 0.7568 -0.0783 0.1152  0.0473  66  ASP A OD1 
499 O OD2 . ASP A 66  ? 1.1263 0.7920 0.7830 -0.0297 0.1293  -0.0103 66  ASP A OD2 
500 N N   . GLU A 67  ? 1.0530 0.7653 0.8050 -0.1655 -0.0298 -0.1062 67  GLU A N   
501 C CA  . GLU A 67  ? 1.1595 0.9183 0.9046 -0.1869 -0.0705 -0.1356 67  GLU A CA  
502 C C   . GLU A 67  ? 1.1140 0.8779 0.9200 -0.2199 -0.0909 -0.0977 67  GLU A C   
503 O O   . GLU A 67  ? 1.1224 0.9456 0.9144 -0.2269 -0.1132 -0.0868 67  GLU A O   
504 C CB  . GLU A 67  ? 1.3196 1.0492 1.0774 -0.2036 -0.0913 -0.2130 67  GLU A CB  
505 C CG  . GLU A 67  ? 1.4773 1.2698 1.2070 -0.2197 -0.1321 -0.2572 67  GLU A CG  
506 C CD  . GLU A 67  ? 1.6398 1.3955 1.4068 -0.2475 -0.1548 -0.3371 67  GLU A CD  
507 O OE1 . GLU A 67  ? 1.6794 1.4375 1.5032 -0.2844 -0.1889 -0.3497 67  GLU A OE1 
508 O OE2 . GLU A 67  ? 1.7366 1.4606 1.4806 -0.2326 -0.1362 -0.3883 67  GLU A OE2 
509 N N   . LYS A 68  ? 1.0921 0.8014 0.9673 -0.2402 -0.0835 -0.0749 68  LYS A N   
510 C CA  . LYS A 68  ? 1.0816 0.8018 1.0101 -0.2689 -0.0975 -0.0336 68  LYS A CA  
511 C C   . LYS A 68  ? 1.0073 0.7732 0.9046 -0.2526 -0.0782 0.0195  68  LYS A C   
512 O O   . LYS A 68  ? 1.0046 0.8107 0.9146 -0.2667 -0.0945 0.0416  68  LYS A O   
513 C CB  . LYS A 68  ? 1.0389 0.7042 1.0418 -0.2895 -0.0882 -0.0124 68  LYS A CB  
514 C CG  . LYS A 68  ? 1.0258 0.7248 1.0985 -0.3010 -0.0979 0.0092  68  LYS A CG  
515 C CD  . LYS A 68  ? 1.1192 0.8096 1.2475 -0.3123 -0.1131 -0.0321 68  LYS A CD  
516 C CE  . LYS A 68  ? 1.1242 0.8088 1.2993 -0.2974 -0.0757 -0.0203 68  LYS A CE  
517 N NZ  . LYS A 68  ? 1.1716 0.8354 1.3805 -0.3157 -0.0839 -0.0521 68  LYS A NZ  
518 N N   . LEU A 69  ? 1.0231 0.7824 0.8863 -0.2224 -0.0411 0.0408  69  LEU A N   
519 C CA  . LEU A 69  ? 0.9675 0.7643 0.8122 -0.2053 -0.0156 0.0894  69  LEU A CA  
520 C C   . LEU A 69  ? 0.9571 0.8228 0.7535 -0.1858 -0.0254 0.0899  69  LEU A C   
521 O O   . LEU A 69  ? 0.9065 0.8132 0.7115 -0.1856 -0.0202 0.1286  69  LEU A O   
522 C CB  . LEU A 69  ? 1.0051 0.7757 0.8340 -0.1785 0.0268  0.1081  69  LEU A CB  
523 C CG  . LEU A 69  ? 0.9547 0.7436 0.7831 -0.1621 0.0649  0.1569  69  LEU A CG  
524 C CD1 . LEU A 69  ? 1.0542 0.8947 0.8321 -0.1246 0.0789  0.1676  69  LEU A CD1 
525 C CD2 . LEU A 69  ? 0.9289 0.7399 0.8112 -0.1793 0.0625  0.1794  69  LEU A CD2 
526 N N   . LEU A 70  ? 0.9993 0.8837 0.7471 -0.1699 -0.0388 0.0478  70  LEU A N   
527 C CA  . LEU A 70  ? 1.0817 1.0464 0.7808 -0.1519 -0.0513 0.0499  70  LEU A CA  
528 C C   . LEU A 70  ? 1.0286 1.0319 0.7542 -0.1833 -0.0934 0.0439  70  LEU A C   
529 O O   . LEU A 70  ? 0.9587 1.0275 0.6781 -0.1755 -0.0953 0.0815  70  LEU A O   
530 C CB  . LEU A 70  ? 1.1160 1.0975 0.7511 -0.1286 -0.0543 0.0015  70  LEU A CB  
531 C CG  . LEU A 70  ? 1.0553 1.0207 0.6588 -0.0884 -0.0079 0.0228  70  LEU A CG  
532 C CD1 . LEU A 70  ? 1.0287 0.9901 0.5773 -0.0682 -0.0053 -0.0313 70  LEU A CD1 
533 C CD2 . LEU A 70  ? 1.0683 1.1016 0.6507 -0.0569 0.0170  0.0830  70  LEU A CD2 
534 N N   . HIS A 71  ? 1.0299 0.9946 0.7942 -0.2184 -0.1252 0.0014  71  HIS A N   
535 C CA  . HIS A 71  ? 1.0698 1.0695 0.8676 -0.2500 -0.1658 -0.0041 71  HIS A CA  
536 C C   . HIS A 71  ? 0.9314 0.9423 0.7750 -0.2606 -0.1561 0.0578  71  HIS A C   
537 O O   . HIS A 71  ? 0.8274 0.8996 0.6758 -0.2658 -0.1737 0.0798  71  HIS A O   
538 C CB  . HIS A 71  ? 1.1410 1.0873 0.9891 -0.2856 -0.1948 -0.0563 71  HIS A CB  
539 C CG  . HIS A 71  ? 1.3089 1.2499 1.1192 -0.2810 -0.2077 -0.1282 71  HIS A CG  
540 N ND1 . HIS A 71  ? 1.3808 1.3921 1.1153 -0.2589 -0.2149 -0.1513 71  HIS A ND1 
541 C CD2 . HIS A 71  ? 1.3691 1.2461 1.2097 -0.2953 -0.2114 -0.1824 71  HIS A CD2 
542 C CE1 . HIS A 71  ? 1.4762 1.4670 1.1890 -0.2614 -0.2234 -0.2232 71  HIS A CE1 
543 N NE2 . HIS A 71  ? 1.4488 1.3539 1.2288 -0.2832 -0.2199 -0.2442 71  HIS A NE2 
544 N N   . LEU A 72  ? 0.8310 0.7883 0.7084 -0.2639 -0.1268 0.0861  72  LEU A N   
545 C CA  . LEU A 72  ? 0.7757 0.7401 0.6983 -0.2787 -0.1162 0.1355  72  LEU A CA  
546 C C   . LEU A 72  ? 0.8608 0.8674 0.7618 -0.2500 -0.0810 0.1836  72  LEU A C   
547 O O   . LEU A 72  ? 0.8351 0.8682 0.7691 -0.2596 -0.0760 0.2205  72  LEU A O   
548 C CB  . LEU A 72  ? 0.8185 0.7206 0.7864 -0.2972 -0.1001 0.1445  72  LEU A CB  
549 C CG  . LEU A 72  ? 0.9378 0.8116 0.9561 -0.3269 -0.1338 0.1140  72  LEU A CG  
550 C CD1 . LEU A 72  ? 0.9994 0.8362 1.0489 -0.2971 -0.1046 0.0998  72  LEU A CD1 
551 C CD2 . LEU A 72  ? 0.8684 0.7827 0.9235 -0.3226 -0.1443 0.1277  72  LEU A CD2 
552 N N   . ALA A 73  ? 0.8459 0.8589 0.6995 -0.2143 -0.0532 0.1859  73  ALA A N   
553 C CA  . ALA A 73  ? 0.8999 0.9534 0.7442 -0.1842 -0.0155 0.2349  73  ALA A CA  
554 C C   . ALA A 73  ? 0.9026 1.0405 0.7289 -0.1714 -0.0336 0.2522  73  ALA A C   
555 O O   . ALA A 73  ? 0.8858 1.0644 0.7335 -0.1578 -0.0093 0.3023  73  ALA A O   
556 C CB  . ALA A 73  ? 0.8774 0.9141 0.6848 -0.1489 0.0212  0.2371  73  ALA A CB  
557 N N   . LYS A 74  ? 0.9676 1.1365 0.7585 -0.1758 -0.0741 0.2114  74  LYS A N   
558 C CA  . LYS A 74  ? 1.0646 1.3248 0.8415 -0.1704 -0.0992 0.2264  74  LYS A CA  
559 C C   . LYS A 74  ? 1.0581 1.3292 0.8910 -0.2060 -0.1279 0.2373  74  LYS A C   
560 O O   . LYS A 74  ? 1.0759 1.4177 0.9235 -0.2004 -0.1318 0.2783  74  LYS A O   
561 C CB  . LYS A 74  ? 1.1565 1.4528 0.8735 -0.1664 -0.1333 0.1715  74  LYS A CB  
562 C CG  . LYS A 74  ? 1.2447 1.6442 0.9451 -0.1672 -0.1673 0.1798  74  LYS A CG  
563 C CD  . LYS A 74  ? 1.3674 1.7805 1.0374 -0.1912 -0.2166 0.1049  74  LYS A CD  
564 C CE  . LYS A 74  ? 1.3601 1.7663 1.0887 -0.2362 -0.2579 0.0898  74  LYS A CE  
565 N NZ  . LYS A 74  ? 1.4737 1.9499 1.1672 -0.2520 -0.3074 0.0344  74  LYS A NZ  
566 N N   . LEU A 75  ? 1.0366 1.2421 0.9070 -0.2411 -0.1458 0.2068  75  LEU A N   
567 C CA  . LEU A 75  ? 0.9847 1.1996 0.9126 -0.2749 -0.1723 0.2186  75  LEU A CA  
568 C C   . LEU A 75  ? 0.9655 1.1787 0.9366 -0.2724 -0.1352 0.2777  75  LEU A C   
569 O O   . LEU A 75  ? 0.9743 1.2373 0.9778 -0.2792 -0.1431 0.3115  75  LEU A O   
570 C CB  . LEU A 75  ? 0.8921 1.0408 0.8553 -0.3108 -0.1979 0.1750  75  LEU A CB  
571 C CG  . LEU A 75  ? 0.8997 1.0560 0.9295 -0.3472 -0.2266 0.1867  75  LEU A CG  
572 C CD1 . LEU A 75  ? 0.7355 0.9723 0.7637 -0.3520 -0.2619 0.1897  75  LEU A CD1 
573 C CD2 . LEU A 75  ? 0.9232 1.0193 0.9951 -0.3793 -0.2506 0.1463  75  LEU A CD2 
574 N N   . MET A 76  ? 1.0140 1.5693 1.3375 -0.3119 0.0260  0.3031  76  MET A N   
575 C CA  . MET A 76  ? 1.0022 1.6196 1.3149 -0.2948 0.0562  0.2783  76  MET A CA  
576 C C   . MET A 76  ? 0.9858 1.5464 1.3107 -0.2379 0.0627  0.2438  76  MET A C   
577 O O   . MET A 76  ? 0.9757 1.4766 1.2627 -0.2394 0.0528  0.2395  76  MET A O   
578 C CB  . MET A 76  ? 1.0181 1.6449 1.2711 -0.3449 0.0512  0.2988  76  MET A CB  
579 C CG  . MET A 76  ? 0.9928 1.6363 1.2256 -0.4082 0.0349  0.3411  76  MET A CG  
580 S SD  . MET A 76  ? 0.9917 1.6909 1.1636 -0.4661 0.0400  0.3652  76  MET A SD  
581 C CE  . MET A 76  ? 1.0202 1.8396 1.2097 -0.4306 0.0855  0.3189  76  MET A CE  
582 N N   . PRO A 77  ? 0.9533 1.5331 1.3311 -0.1874 0.0799  0.2201  77  PRO A N   
583 C CA  . PRO A 77  ? 0.9648 1.4964 1.3545 -0.1347 0.0918  0.1854  77  PRO A CA  
584 C C   . PRO A 77  ? 1.0952 1.6861 1.4773 -0.1174 0.1295  0.1522  77  PRO A C   
585 O O   . PRO A 77  ? 1.0462 1.5949 1.4335 -0.0782 0.1427  0.1200  77  PRO A O   
586 C CB  . PRO A 77  ? 0.8822 1.4158 1.3330 -0.0913 0.0949  0.1802  77  PRO A CB  
587 C CG  . PRO A 77  ? 0.8254 1.4636 1.3015 -0.1113 0.1060  0.1976  77  PRO A CG  
588 C CD  . PRO A 77  ? 0.8697 1.5125 1.2981 -0.1785 0.0867  0.2276  77  PRO A CD  
589 N N   . THR A 78  ? 1.1771 1.8649 1.5462 -0.1478 0.1474  0.1578  78  THR A N   
590 C CA  . THR A 78  ? 1.2446 2.0035 1.6078 -0.1339 0.1856  0.1240  78  THR A CA  
591 C C   . THR A 78  ? 1.3305 2.0649 1.6339 -0.1622 0.1827  0.1149  78  THR A C   
592 O O   . THR A 78  ? 1.3675 2.1566 1.6607 -0.1538 0.2144  0.0818  78  THR A O   
593 C CB  . THR A 78  ? 1.2170 2.1053 1.5935 -0.1551 0.2065  0.1337  78  THR A CB  
594 O OG1 . THR A 78  ? 1.1583 2.0706 1.5794 -0.1486 0.1975  0.1561  78  THR A OG1 
595 C CG2 . THR A 78  ? 1.2261 2.1942 1.6242 -0.1159 0.2526  0.0914  78  THR A CG2 
596 N N   . GLN A 79  ? 1.3503 2.0084 1.6148 -0.1943 0.1465  0.1426  79  GLN A N   
597 C CA  . GLN A 79  ? 1.4008 2.0422 1.6085 -0.2209 0.1416  0.1386  79  GLN A CA  
598 C C   . GLN A 79  ? 1.3516 1.8857 1.5333 -0.2322 0.1007  0.1648  79  GLN A C   
599 O O   . GLN A 79  ? 1.3677 1.8676 1.5526 -0.2529 0.0723  0.2032  79  GLN A O   
600 C CB  . GLN A 79  ? 1.4550 2.1891 1.6266 -0.2748 0.1478  0.1599  79  GLN A CB  
601 C CG  . GLN A 79  ? 1.4113 2.1794 1.5900 -0.3137 0.1316  0.2053  79  GLN A CG  
602 C CD  . GLN A 79  ? 1.2816 2.1397 1.5090 -0.2968 0.1579  0.1944  79  GLN A CD  
603 O OE1 . GLN A 79  ? 1.2926 2.2472 1.5258 -0.2898 0.1918  0.1685  79  GLN A OE1 
604 N NE2 . GLN A 79  ? 1.2049 2.0382 1.4680 -0.2904 0.1424  0.2140  79  GLN A NE2 
605 N N   . TRP A 80  ? 1.3014 1.7850 1.4578 -0.2187 0.0986  0.1421  80  TRP A N   
606 C CA  . TRP A 80  ? 1.2157 1.6043 1.3477 -0.2232 0.0618  0.1625  80  TRP A CA  
607 C C   . TRP A 80  ? 1.1305 1.5268 1.2018 -0.2678 0.0449  0.1890  80  TRP A C   
608 O O   . TRP A 80  ? 1.0734 1.4094 1.1246 -0.2851 0.0098  0.2279  80  TRP A O   
609 C CB  . TRP A 80  ? 1.2455 1.5722 1.3899 -0.1795 0.0671  0.1232  80  TRP A CB  
610 C CG  . TRP A 80  ? 1.2085 1.4818 1.4060 -0.1387 0.0607  0.1186  80  TRP A CG  
611 C CD1 . TRP A 80  ? 1.2324 1.5181 1.4761 -0.0957 0.0888  0.0857  80  TRP A CD1 
612 C CD2 . TRP A 80  ? 1.1127 1.3166 1.3225 -0.1372 0.0245  0.1489  80  TRP A CD2 
613 N NE1 . TRP A 80  ? 1.1577 1.3914 1.4411 -0.0696 0.0712  0.0963  80  TRP A NE1 
614 C CE2 . TRP A 80  ? 1.0927 1.2777 1.3562 -0.0952 0.0321  0.1323  80  TRP A CE2 
615 C CE3 . TRP A 80  ? 1.0356 1.1919 1.2170 -0.1661 -0.0128 0.1882  80  TRP A CE3 
616 C CZ2 . TRP A 80  ? 0.9893 1.1170 1.2775 -0.0845 0.0037  0.1514  80  TRP A CZ2 
617 C CZ3 . TRP A 80  ? 0.9648 1.0573 1.1716 -0.1530 -0.0397 0.2044  80  TRP A CZ3 
618 C CH2 . TRP A 80  ? 0.9535 1.0358 1.2127 -0.1141 -0.0316 0.1847  80  TRP A CH2 
619 N N   . ARG A 81  ? 1.1071 1.5790 1.1492 -0.2857 0.0696  0.1697  81  ARG A N   
620 C CA  . ARG A 81  ? 1.1847 1.6865 1.1706 -0.3332 0.0553  0.2017  81  ARG A CA  
621 C C   . ARG A 81  ? 1.2591 1.7897 1.2366 -0.3760 0.0406  0.2542  81  ARG A C   
622 O O   . ARG A 81  ? 1.2390 1.7995 1.1705 -0.4189 0.0293  0.2882  81  ARG A O   
623 C CB  . ARG A 81  ? 1.2282 1.8187 1.1876 -0.3446 0.0886  0.1647  81  ARG A CB  
624 C CG  . ARG A 81  ? 1.2496 1.8108 1.2064 -0.3127 0.1040  0.1119  81  ARG A CG  
625 C CD  . ARG A 81  ? 1.3027 1.9152 1.2914 -0.2833 0.1503  0.0534  81  ARG A CD  
626 N NE  . ARG A 81  ? 1.3988 1.9987 1.3711 -0.2677 0.1701  0.0008  81  ARG A NE  
627 C CZ  . ARG A 81  ? 1.4706 2.0797 1.4703 -0.2332 0.2091  -0.0569 81  ARG A CZ  
628 N NH1 . ARG A 81  ? 1.5140 2.1044 1.4931 -0.2260 0.2257  -0.1042 81  ARG A NH1 
629 N NH2 . ARG A 81  ? 1.4659 2.1033 1.5136 -0.2058 0.2322  -0.0672 81  ARG A NH2 
630 N N   . THR A 82  ? 1.3516 1.8775 1.3715 -0.3673 0.0413  0.2619  82  THR A N   
631 C CA  . THR A 82  ? 1.4232 1.9710 1.4398 -0.4092 0.0286  0.3080  82  THR A CA  
632 C C   . THR A 82  ? 1.3288 1.7714 1.3436 -0.4162 -0.0111 0.3487  82  THR A C   
633 O O   . THR A 82  ? 1.3225 1.7561 1.3090 -0.4611 -0.0301 0.3961  82  THR A O   
634 C CB  . THR A 82  ? 1.4795 2.0959 1.5440 -0.3980 0.0543  0.2903  82  THR A CB  
635 O OG1 . THR A 82  ? 1.4991 2.1795 1.5495 -0.4499 0.0533  0.3268  82  THR A OG1 
636 C CG2 . THR A 82  ? 1.4731 2.0227 1.5880 -0.3612 0.0432  0.2848  82  THR A CG2 
637 N N   . ILE A 83  ? 1.2888 1.6495 1.3310 -0.3736 -0.0237 0.3313  83  ILE A N   
638 C CA  . ILE A 83  ? 1.3065 1.5670 1.3479 -0.3763 -0.0604 0.3644  83  ILE A CA  
639 C C   . ILE A 83  ? 1.2327 1.4448 1.2234 -0.3921 -0.0856 0.3938  83  ILE A C   
640 O O   . ILE A 83  ? 1.1560 1.3047 1.1297 -0.4136 -0.1144 0.4372  83  ILE A O   
641 C CB  . ILE A 83  ? 1.3594 1.5576 1.4462 -0.3257 -0.0659 0.3356  83  ILE A CB  
642 C CG1 . ILE A 83  ? 1.3561 1.5902 1.4959 -0.3135 -0.0505 0.3223  83  ILE A CG1 
643 C CG2 . ILE A 83  ? 1.3812 1.4739 1.4595 -0.3206 -0.1035 0.3603  83  ILE A CG2 
644 C CD1 . ILE A 83  ? 1.3507 1.6733 1.5172 -0.2901 -0.0114 0.2833  83  ILE A CD1 
645 N N   . ALA A 84  ? 1.2023 1.4445 1.1683 -0.3817 -0.0744 0.3709  84  ALA A N   
646 C CA  . ALA A 84  ? 1.2087 1.4162 1.1299 -0.3880 -0.0963 0.3921  84  ALA A CA  
647 C C   . ALA A 84  ? 1.3775 1.5947 1.2548 -0.4374 -0.1137 0.4512  84  ALA A C   
648 O O   . ALA A 84  ? 1.4079 1.5522 1.2649 -0.4394 -0.1450 0.4891  84  ALA A O   
649 C CB  . ALA A 84  ? 1.0486 1.3106 0.9526 -0.3745 -0.0736 0.3494  84  ALA A CB  
650 N N   . PRO A 85  ? 1.4825 1.7865 1.3439 -0.4774 -0.0953 0.4633  85  PRO A N   
651 C CA  . PRO A 85  ? 1.6519 1.9609 1.4696 -0.5269 -0.1132 0.5250  85  PRO A CA  
652 C C   . PRO A 85  ? 1.7515 1.9716 1.5795 -0.5370 -0.1403 0.5639  85  PRO A C   
653 O O   . PRO A 85  ? 1.8730 2.0835 1.6778 -0.5561 -0.1563 0.5915  85  PRO A O   
654 C CB  . PRO A 85  ? 1.6547 2.0853 1.4630 -0.5642 -0.0831 0.5191  85  PRO A CB  
655 C CG  . PRO A 85  ? 1.5797 2.0715 1.4114 -0.5296 -0.0503 0.4521  85  PRO A CG  
656 C CD  . PRO A 85  ? 1.4746 1.8826 1.3520 -0.4788 -0.0564 0.4219  85  PRO A CD  
657 N N   . ILE A 86  ? 1.7164 1.8725 1.5866 -0.5103 -0.1454 0.5466  86  ILE A N   
658 C CA  . ILE A 86  ? 1.6220 1.6960 1.5098 -0.5008 -0.1678 0.5527  86  ILE A CA  
659 C C   . ILE A 86  ? 1.5285 1.5021 1.4298 -0.4538 -0.1919 0.5404  86  ILE A C   
660 O O   . ILE A 86  ? 1.5206 1.4293 1.4159 -0.4441 -0.2116 0.5502  86  ILE A O   
661 C CB  . ILE A 86  ? 1.4391 1.5391 1.3657 -0.5105 -0.1521 0.5372  86  ILE A CB  
662 C CG1 . ILE A 86  ? 1.3453 1.5595 1.2622 -0.5535 -0.1257 0.5431  86  ILE A CG1 
663 C CG2 . ILE A 86  ? 1.4541 1.4757 1.3919 -0.5054 -0.1717 0.5398  86  ILE A CG2 
664 C CD1 . ILE A 86  ? 1.3060 1.5484 1.1767 -0.5883 -0.1331 0.5734  86  ILE A CD1 
665 N N   . VAL A 87  ? 1.5116 1.4744 1.4329 -0.4234 -0.1879 0.5164  87  VAL A N   
666 C CA  . VAL A 87  ? 1.4257 1.3110 1.3562 -0.3771 -0.2089 0.4996  87  VAL A CA  
667 C C   . VAL A 87  ? 1.4191 1.3203 1.3117 -0.3739 -0.2148 0.5107  87  VAL A C   
668 O O   . VAL A 87  ? 1.4301 1.3874 1.3114 -0.3796 -0.1974 0.4999  87  VAL A O   
669 C CB  . VAL A 87  ? 1.3390 1.2012 1.3148 -0.3438 -0.2040 0.4652  87  VAL A CB  
670 C CG1 . VAL A 87  ? 1.3031 1.2363 1.2890 -0.3401 -0.1760 0.4384  87  VAL A CG1 
671 C CG2 . VAL A 87  ? 1.2753 1.0728 1.2587 -0.2958 -0.2230 0.4416  87  VAL A CG2 
672 N N   . GLY A 88  ? 1.3797 1.2417 1.2549 -0.3613 -0.2346 0.5235  88  GLY A N   
673 C CA  . GLY A 88  ? 1.3937 1.2852 1.2300 -0.3650 -0.2409 0.5410  88  GLY A CA  
674 C C   . GLY A 88  ? 1.3874 1.2870 1.2161 -0.3420 -0.2412 0.5211  88  GLY A C   
675 O O   . GLY A 88  ? 1.4653 1.3625 1.2728 -0.3278 -0.2540 0.5268  88  GLY A O   
676 N N   . ARG A 89  ? 1.2770 1.1903 1.1249 -0.3370 -0.2249 0.4948  89  ARG A N   
677 C CA  . ARG A 89  ? 1.2304 1.1644 1.0831 -0.3060 -0.2141 0.4457  89  ARG A CA  
678 C C   . ARG A 89  ? 1.1572 1.1818 1.0114 -0.3169 -0.1756 0.4036  89  ARG A C   
679 O O   . ARG A 89  ? 1.1729 1.2444 1.0330 -0.3421 -0.1571 0.4080  89  ARG A O   
680 C CB  . ARG A 89  ? 1.1910 1.0580 1.0888 -0.2642 -0.2215 0.4149  89  ARG A CB  
681 C CG  . ARG A 89  ? 1.2366 1.0276 1.1524 -0.2476 -0.2474 0.4325  89  ARG A CG  
682 C CD  . ARG A 89  ? 1.2625 1.0289 1.1697 -0.2157 -0.2633 0.4198  89  ARG A CD  
683 N NE  . ARG A 89  ? 1.2603 0.9807 1.1958 -0.1865 -0.2689 0.4007  89  ARG A NE  
684 C CZ  . ARG A 89  ? 1.2386 0.9391 1.1790 -0.1541 -0.2751 0.3795  89  ARG A CZ  
685 N NH1 . ARG A 89  ? 1.2116 0.9297 1.1336 -0.1456 -0.2802 0.3748  89  ARG A NH1 
686 N NH2 . ARG A 89  ? 1.2945 0.9632 1.2539 -0.1335 -0.2745 0.3642  89  ARG A NH2 
687 N N   . THR A 90  ? 1.0581 1.1065 0.9070 -0.2977 -0.1626 0.3601  90  THR A N   
688 C CA  . THR A 90  ? 1.0107 1.1350 0.8624 -0.3022 -0.1238 0.3120  90  THR A CA  
689 C C   . THR A 90  ? 0.9461 1.0572 0.8520 -0.2765 -0.1021 0.2753  90  THR A C   
690 O O   . THR A 90  ? 0.8787 0.9223 0.8198 -0.2501 -0.1170 0.2764  90  THR A O   
691 C CB  . THR A 90  ? 1.0119 1.1579 0.8398 -0.2919 -0.1159 0.2745  90  THR A CB  
692 O OG1 . THR A 90  ? 0.9727 1.0629 0.8350 -0.2525 -0.1138 0.2349  90  THR A OG1 
693 C CG2 . THR A 90  ? 1.0714 1.2117 0.8550 -0.3043 -0.1471 0.3154  90  THR A CG2 
694 N N   . ALA A 91  ? 0.9114 0.6743 0.5882 -0.0884 -0.0851 0.0411  91  ALA A N   
695 C CA  . ALA A 91  ? 0.9004 0.6554 0.6235 -0.0942 -0.0529 0.0318  91  ALA A CA  
696 C C   . ALA A 91  ? 0.8581 0.6474 0.6300 -0.1007 -0.0615 0.0139  91  ALA A C   
697 O O   . ALA A 91  ? 0.7655 0.5659 0.5933 -0.0942 -0.0544 0.0173  91  ALA A O   
698 C CB  . ALA A 91  ? 0.9149 0.6317 0.5965 -0.1073 -0.0157 0.0222  91  ALA A CB  
699 N N   . ASN A 92  ? 0.9969 0.8021 0.7447 -0.1175 -0.0785 -0.0038 92  ASN A N   
700 C CA  . ASN A 92  ? 1.0111 0.8483 0.8044 -0.1300 -0.0853 -0.0186 92  ASN A CA  
701 C C   . ASN A 92  ? 0.8527 0.7419 0.7047 -0.1108 -0.1063 -0.0046 92  ASN A C   
702 O O   . ASN A 92  ? 0.8150 0.7215 0.7177 -0.1113 -0.0975 -0.0079 92  ASN A O   
703 C CB  . ASN A 92  ? 1.2147 1.0564 0.9643 -0.1592 -0.1043 -0.0381 92  ASN A CB  
704 C CG  . ASN A 92  ? 1.4129 1.2457 1.1829 -0.1838 -0.0917 -0.0597 92  ASN A CG  
705 O OD1 . ASN A 92  ? 1.5433 1.4246 1.3625 -0.1933 -0.1099 -0.0601 92  ASN A OD1 
706 N ND2 . ASN A 92  ? 1.4824 1.2518 1.2186 -0.1913 -0.0559 -0.0750 92  ASN A ND2 
707 N N   . GLN A 93  ? 0.8511 0.7598 0.6917 -0.0907 -0.1305 0.0126  93  GLN A N   
708 C CA  . GLN A 93  ? 0.8305 0.7730 0.7172 -0.0626 -0.1417 0.0272  93  GLN A CA  
709 C C   . GLN A 93  ? 0.7746 0.6794 0.6788 -0.0495 -0.1188 0.0331  93  GLN A C   
710 O O   . GLN A 93  ? 0.7158 0.6391 0.6604 -0.0385 -0.1157 0.0336  93  GLN A O   
711 C CB  . GLN A 93  ? 0.9380 0.8942 0.8007 -0.0387 -0.1691 0.0471  93  GLN A CB  
712 C CG  . GLN A 93  ? 0.9851 1.0172 0.8732 -0.0388 -0.2016 0.0512  93  GLN A CG  
713 C CD  . GLN A 93  ? 1.0896 1.1318 0.9361 -0.0274 -0.2335 0.0705  93  GLN A CD  
714 O OE1 . GLN A 93  ? 1.1431 1.1646 0.9776 0.0070  -0.2381 0.0919  93  GLN A OE1 
715 N NE2 . GLN A 93  ? 1.0784 1.1476 0.8979 -0.0580 -0.2579 0.0640  93  GLN A NE2 
716 N N   . CYS A 94  ? 0.8004 0.6544 0.6737 -0.0533 -0.1029 0.0392  94  CYS A N   
717 C CA  . CYS A 94  ? 0.7755 0.5985 0.6675 -0.0488 -0.0872 0.0479  94  CYS A CA  
718 C C   . CYS A 94  ? 0.6740 0.5081 0.6086 -0.0621 -0.0704 0.0370  94  CYS A C   
719 O O   . CYS A 94  ? 0.6273 0.4608 0.5884 -0.0555 -0.0701 0.0413  94  CYS A O   
720 C CB  . CYS A 94  ? 0.8004 0.5802 0.6608 -0.0559 -0.0728 0.0609  94  CYS A CB  
721 S SG  . CYS A 94  ? 0.9161 0.6677 0.7241 -0.0389 -0.0926 0.0814  94  CYS A SG  
722 N N   . LEU A 95  ? 0.6977 0.5331 0.6313 -0.0808 -0.0559 0.0234  95  LEU A N   
723 C CA  . LEU A 95  ? 0.7233 0.5616 0.6949 -0.0918 -0.0389 0.0160  95  LEU A CA  
724 C C   . LEU A 95  ? 0.7733 0.6491 0.7774 -0.0901 -0.0516 0.0111  95  LEU A C   
725 O O   . LEU A 95  ? 0.8069 0.6833 0.8406 -0.0876 -0.0457 0.0167  95  LEU A O   
726 C CB  . LEU A 95  ? 0.7911 0.6114 0.7444 -0.1094 -0.0202 -0.0002 95  LEU A CB  
727 C CG  . LEU A 95  ? 0.8318 0.6470 0.8171 -0.1211 -0.0031 -0.0096 95  LEU A CG  
728 C CD1 . LEU A 95  ? 0.8942 0.7078 0.9251 -0.1120 0.0080  0.0084  95  LEU A CD1 
729 C CD2 . LEU A 95  ? 0.8755 0.6493 0.8271 -0.1328 0.0220  -0.0255 95  LEU A CD2 
730 N N   . GLU A 96  ? 0.7404 0.6521 0.7394 -0.0922 -0.0698 0.0037  96  GLU A N   
731 C CA  . GLU A 96  ? 0.7636 0.7223 0.8016 -0.0921 -0.0771 0.0020  96  GLU A CA  
732 C C   . GLU A 96  ? 0.6225 0.5903 0.6736 -0.0636 -0.0806 0.0147  96  GLU A C   
733 O O   . GLU A 96  ? 0.5487 0.5349 0.6281 -0.0612 -0.0734 0.0155  96  GLU A O   
734 C CB  . GLU A 96  ? 0.8277 0.8350 0.8673 -0.1048 -0.0981 -0.0044 96  GLU A CB  
735 C CG  . GLU A 96  ? 0.9418 0.9478 0.9877 -0.1404 -0.0916 -0.0204 96  GLU A CG  
736 C CD  . GLU A 96  ? 1.0739 1.1041 1.0990 -0.1654 -0.1150 -0.0297 96  GLU A CD  
737 O OE1 . GLU A 96  ? 1.1708 1.1577 1.1616 -0.1940 -0.1074 -0.0474 96  GLU A OE1 
738 O OE2 . GLU A 96  ? 1.1627 1.2515 1.2038 -0.1568 -0.1407 -0.0190 96  GLU A OE2 
739 N N   . ARG A 97  ? 0.5914 0.5386 0.6146 -0.0419 -0.0902 0.0245  97  ARG A N   
740 C CA  . ARG A 97  ? 0.6601 0.5958 0.6817 -0.0140 -0.0910 0.0336  97  ARG A CA  
741 C C   . ARG A 97  ? 0.8115 0.7027 0.8296 -0.0213 -0.0783 0.0355  97  ARG A C   
742 O O   . ARG A 97  ? 0.8258 0.7106 0.8447 -0.0087 -0.0745 0.0366  97  ARG A O   
743 C CB  . ARG A 97  ? 0.6371 0.5474 0.6228 0.0094  -0.1047 0.0448  97  ARG A CB  
744 C CG  . ARG A 97  ? 0.7533 0.6269 0.7210 0.0393  -0.1036 0.0521  97  ARG A CG  
745 C CD  . ARG A 97  ? 0.8246 0.7468 0.8225 0.0644  -0.0991 0.0506  97  ARG A CD  
746 N NE  . ARG A 97  ? 0.9534 0.8286 0.9214 0.0987  -0.0931 0.0545  97  ARG A NE  
747 C CZ  . ARG A 97  ? 0.9873 0.8932 0.9722 0.1319  -0.0823 0.0555  97  ARG A CZ  
748 N NH1 . ARG A 97  ? 0.9485 0.9444 0.9904 0.1314  -0.0795 0.0567  97  ARG A NH1 
749 N NH2 . ARG A 97  ? 1.0455 0.8899 0.9883 0.1649  -0.0729 0.0560  97  ARG A NH2 
750 N N   . TYR A 98  ? 0.8089 0.6718 0.8225 -0.0415 -0.0713 0.0374  98  TYR A N   
751 C CA  . TYR A 98  ? 0.8588 0.6919 0.8790 -0.0516 -0.0643 0.0449  98  TYR A CA  
752 C C   . TYR A 98  ? 0.7524 0.6082 0.8036 -0.0615 -0.0551 0.0401  98  TYR A C   
753 O O   . TYR A 98  ? 0.7278 0.5677 0.7775 -0.0620 -0.0557 0.0461  98  TYR A O   
754 C CB  . TYR A 98  ? 0.8872 0.6995 0.9086 -0.0672 -0.0557 0.0533  98  TYR A CB  
755 C CG  . TYR A 98  ? 0.9376 0.7279 0.9726 -0.0784 -0.0551 0.0689  98  TYR A CG  
756 C CD1 . TYR A 98  ? 0.9992 0.7571 1.0096 -0.0759 -0.0706 0.0775  98  TYR A CD1 
757 C CD2 . TYR A 98  ? 0.9710 0.7706 1.0418 -0.0916 -0.0403 0.0766  98  TYR A CD2 
758 C CE1 . TYR A 98  ? 0.9734 0.7140 0.9941 -0.0932 -0.0773 0.0937  98  TYR A CE1 
759 C CE2 . TYR A 98  ? 0.9467 0.7384 1.0388 -0.1027 -0.0447 0.0967  98  TYR A CE2 
760 C CZ  . TYR A 98  ? 0.9291 0.6940 0.9960 -0.1070 -0.0661 0.1056  98  TYR A CZ  
761 O OH  . TYR A 98  ? 0.9217 0.6814 1.0074 -0.1248 -0.0776 0.1272  98  TYR A OH  
762 N N   . GLN A 99  ? 0.6384 0.5251 0.7108 -0.0727 -0.0478 0.0301  99  GLN A N   
763 C CA  . GLN A 99  ? 0.7848 0.6903 0.8848 -0.0841 -0.0386 0.0277  99  GLN A CA  
764 C C   . GLN A 99  ? 0.7944 0.7252 0.8967 -0.0703 -0.0408 0.0282  99  GLN A C   
765 O O   . GLN A 99  ? 0.8243 0.7517 0.9327 -0.0746 -0.0336 0.0331  99  GLN A O   
766 C CB  . GLN A 99  ? 0.7538 0.6783 0.8675 -0.1030 -0.0328 0.0156  99  GLN A CB  
767 C CG  . GLN A 99  ? 0.7791 0.7125 0.9189 -0.1191 -0.0219 0.0156  99  GLN A CG  
768 C CD  . GLN A 99  ? 0.7718 0.6676 0.9204 -0.1238 -0.0094 0.0264  99  GLN A CD  
769 O OE1 . GLN A 99  ? 0.8006 0.6721 0.9525 -0.1333 0.0031  0.0229  99  GLN A OE1 
770 N NE2 . GLN A 99  ? 0.6362 0.5256 0.7858 -0.1160 -0.0130 0.0406  99  GLN A NE2 
771 N N   . LYS A 100 ? 0.8031 0.7604 0.8996 -0.0515 -0.0487 0.0254  100 LYS A N   
772 C CA  . LYS A 100 ? 0.7741 0.7568 0.8741 -0.0299 -0.0440 0.0274  100 LYS A CA  
773 C C   . LYS A 100 ? 0.7967 0.7245 0.8573 -0.0154 -0.0416 0.0315  100 LYS A C   
774 O O   . LYS A 100 ? 0.7968 0.7237 0.8514 -0.0124 -0.0301 0.0325  100 LYS A O   
775 C CB  . LYS A 100 ? 0.7254 0.7488 0.8325 -0.0060 -0.0534 0.0286  100 LYS A CB  
776 C CG  . LYS A 100 ? 0.8611 0.9061 0.9702 0.0287  -0.0429 0.0332  100 LYS A CG  
777 C CD  . LYS A 100 ? 0.9763 1.1042 1.1299 0.0437  -0.0480 0.0398  100 LYS A CD  
778 C CE  . LYS A 100 ? 1.0978 1.2519 1.2600 0.0863  -0.0294 0.0472  100 LYS A CE  
779 N NZ  . LYS A 100 ? 1.1580 1.3633 1.3570 0.0748  -0.0070 0.0493  100 LYS A NZ  
780 N N   . LEU A 101 ? 0.8374 0.7148 0.8644 -0.0102 -0.0530 0.0344  101 LEU A N   
781 C CA  . LEU A 101 ? 0.8901 0.7049 0.8714 -0.0057 -0.0566 0.0378  101 LEU A CA  
782 C C   . LEU A 101 ? 0.8914 0.6924 0.8773 -0.0320 -0.0557 0.0434  101 LEU A C   
783 O O   . LEU A 101 ? 0.9068 0.6711 0.8554 -0.0314 -0.0571 0.0446  101 LEU A O   
784 C CB  . LEU A 101 ? 0.8833 0.6486 0.8337 -0.0048 -0.0711 0.0433  101 LEU A CB  
785 C CG  . LEU A 101 ? 0.9036 0.6682 0.8377 0.0256  -0.0752 0.0424  101 LEU A CG  
786 C CD1 . LEU A 101 ? 0.8829 0.5986 0.7876 0.0198  -0.0884 0.0515  101 LEU A CD1 
787 C CD2 . LEU A 101 ? 0.9600 0.7021 0.8620 0.0607  -0.0673 0.0377  101 LEU A CD2 
788 N N   . LEU A 102 ? 0.8485 0.6746 0.8749 -0.0539 -0.0531 0.0478  102 LEU A N   
789 C CA  . LEU A 102 ? 0.7967 0.6194 0.8378 -0.0738 -0.0510 0.0575  102 LEU A CA  
790 C C   . LEU A 102 ? 0.8566 0.7083 0.9071 -0.0733 -0.0371 0.0543  102 LEU A C   
791 O O   . LEU A 102 ? 0.8216 0.6559 0.8542 -0.0808 -0.0372 0.0624  102 LEU A O   
792 C CB  . LEU A 102 ? 0.7693 0.6038 0.8505 -0.0899 -0.0467 0.0640  102 LEU A CB  
793 C CG  . LEU A 102 ? 0.9083 0.7223 0.9907 -0.0946 -0.0538 0.0737  102 LEU A CG  
794 C CD1 . LEU A 102 ? 0.8921 0.7202 1.0144 -0.1036 -0.0387 0.0781  102 LEU A CD1 
795 C CD2 . LEU A 102 ? 0.8500 0.6322 0.9145 -0.1045 -0.0712 0.0905  102 LEU A CD2 
796 N N   . ASP A 103 ? 0.7696 0.6674 0.8471 -0.0685 -0.0266 0.0453  103 ASP A N   
797 C CA  . ASP A 103 ? 0.8249 0.7579 0.9170 -0.0708 -0.0113 0.0457  103 ASP A CA  
798 C C   . ASP A 103 ? 0.8303 0.7495 0.8814 -0.0491 -0.0038 0.0453  103 ASP A C   
799 O O   . ASP A 103 ? 0.8304 0.7457 0.8675 -0.0553 0.0072  0.0514  103 ASP A O   
800 C CB  . ASP A 103 ? 0.8037 0.7962 0.9354 -0.0727 -0.0064 0.0385  103 ASP A CB  
801 C CG  . ASP A 103 ? 0.8401 0.8351 0.9992 -0.1001 -0.0084 0.0356  103 ASP A CG  
802 O OD1 . ASP A 103 ? 0.8831 0.9170 1.0647 -0.1088 -0.0114 0.0283  103 ASP A OD1 
803 O OD2 . ASP A 103 ? 0.8611 0.8175 1.0172 -0.1122 -0.0075 0.0415  103 ASP A OD2 
804 N N   . GLU A 104 ? 0.8520 0.7560 0.8762 -0.0219 -0.0075 0.0385  104 GLU A N   
805 C CA  . GLU A 104 ? 0.9565 0.8342 0.9317 0.0048  0.0049  0.0348  104 GLU A CA  
806 C C   . GLU A 104 ? 1.0113 0.8169 0.9246 -0.0084 -0.0039 0.0374  104 GLU A C   
807 O O   . GLU A 104 ? 1.0934 0.8796 0.9637 -0.0014 0.0107  0.0362  104 GLU A O   
808 C CB  . GLU A 104 ? 1.0725 0.9366 1.0294 0.0396  0.0023  0.0284  104 GLU A CB  
809 C CG  . GLU A 104 ? 1.1257 1.0684 1.1421 0.0546  0.0060  0.0301  104 GLU A CG  
810 C CD  . GLU A 104 ? 1.2316 1.1614 1.2293 0.0968  0.0045  0.0293  104 GLU A CD  
811 O OE1 . GLU A 104 ? 1.2727 1.2438 1.2859 0.1314  0.0246  0.0321  104 GLU A OE1 
812 O OE2 . GLU A 104 ? 1.2694 1.1492 1.2392 0.0967  -0.0146 0.0288  104 GLU A OE2 
813 N N   . ALA A 105 ? 0.9414 0.7091 0.8479 -0.0292 -0.0282 0.0428  105 ALA A N   
814 C CA  . ALA A 105 ? 1.0003 0.7089 0.8552 -0.0488 -0.0447 0.0500  105 ALA A CA  
815 C C   . ALA A 105 ? 0.9246 0.6540 0.7938 -0.0696 -0.0400 0.0624  105 ALA A C   
816 O O   . ALA A 105 ? 0.9420 0.6338 0.7533 -0.0755 -0.0417 0.0652  105 ALA A O   
817 C CB  . ALA A 105 ? 0.9619 0.6440 0.8250 -0.0692 -0.0715 0.0596  105 ALA A CB  
818 N N   . GLU A 106 ? 0.8422 0.6229 0.7797 -0.0815 -0.0344 0.0703  106 GLU A N   
819 C CA  . GLU A 106 ? 0.8930 0.6896 0.8471 -0.0996 -0.0281 0.0847  106 GLU A CA  
820 C C   . GLU A 106 ? 0.9903 0.7973 0.9133 -0.0901 -0.0044 0.0812  106 GLU A C   
821 O O   . GLU A 106 ? 0.9572 0.7456 0.8480 -0.1031 -0.0041 0.0938  106 GLU A O   
822 C CB  . GLU A 106 ? 0.8548 0.6934 0.8800 -0.1100 -0.0206 0.0886  106 GLU A CB  
823 C CG  . GLU A 106 ? 0.9113 0.7461 0.9582 -0.1301 -0.0228 0.1096  106 GLU A CG  
824 C CD  . GLU A 106 ? 0.8680 0.7309 0.9694 -0.1388 -0.0075 0.1086  106 GLU A CD  
825 O OE1 . GLU A 106 ? 0.8980 0.7851 1.0073 -0.1444 0.0098  0.1062  106 GLU A OE1 
826 O OE2 . GLU A 106 ? 0.8873 0.7446 1.0202 -0.1412 -0.0113 0.1102  106 GLU A OE2 
827 N N   . ALA A 107 ? 1.0022 0.8427 0.9353 -0.0666 0.0164  0.0673  107 ALA A N   
828 C CA  . ALA A 107 ? 1.0665 0.9257 0.9766 -0.0541 0.0455  0.0668  107 ALA A CA  
829 C C   . ALA A 107 ? 1.1794 0.9705 0.9942 -0.0404 0.0476  0.0608  107 ALA A C   
830 O O   . ALA A 107 ? 1.2057 0.9952 0.9817 -0.0354 0.0721  0.0637  107 ALA A O   
831 C CB  . ALA A 107 ? 0.9922 0.9170 0.9493 -0.0300 0.0669  0.0586  107 ALA A CB  
832 N N   . ALA A 108 ? 1.2483 0.9777 1.0179 -0.0376 0.0231  0.0529  108 ALA A N   
833 C CA  . ALA A 108 ? 1.3566 1.0024 1.0210 -0.0327 0.0186  0.0450  108 ALA A CA  
834 C C   . ALA A 108 ? 1.3465 0.9412 0.9779 -0.0701 -0.0223 0.0576  108 ALA A C   
835 O O   . ALA A 108 ? 1.3734 0.9476 0.9630 -0.0907 -0.0288 0.0698  108 ALA A O   
836 C CB  . ALA A 108 ? 1.3834 0.9862 1.0084 0.0009  0.0236  0.0254  108 ALA A CB  
# 
